data_4EPC
# 
_entry.id   4EPC 
# 
_audit_conform.dict_name       mmcif_pdbx.dic 
_audit_conform.dict_version    5.403 
_audit_conform.dict_location   http://mmcif.pdb.org/dictionaries/ascii/mmcif_pdbx.dic 
# 
loop_
_database_2.database_id 
_database_2.database_code 
_database_2.pdbx_database_accession 
_database_2.pdbx_DOI 
PDB   4EPC         pdb_00004epc 10.2210/pdb4epc/pdb 
RCSB  RCSB071904   ?            ?                   
WWPDB D_1000071904 ?            ?                   
# 
loop_
_pdbx_audit_revision_history.ordinal 
_pdbx_audit_revision_history.data_content_type 
_pdbx_audit_revision_history.major_revision 
_pdbx_audit_revision_history.minor_revision 
_pdbx_audit_revision_history.revision_date 
_pdbx_audit_revision_history.part_number 
1 'Structure model' 1 0 2012-06-06 ? 
2 'Structure model' 1 1 2012-08-15 ? 
3 'Structure model' 1 2 2025-03-26 ? 
# 
_pdbx_audit_revision_details.ordinal             1 
_pdbx_audit_revision_details.revision_ordinal    1 
_pdbx_audit_revision_details.data_content_type   'Structure model' 
_pdbx_audit_revision_details.provider            repository 
_pdbx_audit_revision_details.type                'Initial release' 
_pdbx_audit_revision_details.description         ? 
_pdbx_audit_revision_details.details             ? 
# 
loop_
_pdbx_audit_revision_group.ordinal 
_pdbx_audit_revision_group.revision_ordinal 
_pdbx_audit_revision_group.data_content_type 
_pdbx_audit_revision_group.group 
1 2 'Structure model' 'Database references'  
2 3 'Structure model' 'Data collection'      
3 3 'Structure model' 'Database references'  
4 3 'Structure model' 'Derived calculations' 
5 3 'Structure model' 'Structure summary'    
# 
loop_
_pdbx_audit_revision_category.ordinal 
_pdbx_audit_revision_category.revision_ordinal 
_pdbx_audit_revision_category.data_content_type 
_pdbx_audit_revision_category.category 
1 3 'Structure model' chem_comp_atom            
2 3 'Structure model' chem_comp_bond            
3 3 'Structure model' database_2                
4 3 'Structure model' pdbx_entry_details        
5 3 'Structure model' pdbx_modification_feature 
6 3 'Structure model' struct_conn               
7 3 'Structure model' struct_ref_seq_dif        
# 
loop_
_pdbx_audit_revision_item.ordinal 
_pdbx_audit_revision_item.revision_ordinal 
_pdbx_audit_revision_item.data_content_type 
_pdbx_audit_revision_item.item 
1 3 'Structure model' '_database_2.pdbx_DOI'                         
2 3 'Structure model' '_database_2.pdbx_database_accession'          
3 3 'Structure model' '_pdbx_entry_details.has_protein_modification' 
4 3 'Structure model' '_struct_conn.pdbx_leaving_atom_flag'          
5 3 'Structure model' '_struct_ref_seq_dif.details'                  
# 
_pdbx_database_status.status_code                     REL 
_pdbx_database_status.entry_id                        4EPC 
_pdbx_database_status.recvd_initial_deposition_date   2012-04-17 
_pdbx_database_status.deposit_site                    RCSB 
_pdbx_database_status.process_site                    RCSB 
_pdbx_database_status.status_code_sf                  REL 
_pdbx_database_status.status_code_mr                  ? 
_pdbx_database_status.SG_entry                        ? 
_pdbx_database_status.status_code_cs                  ? 
_pdbx_database_status.methods_development_category    ? 
_pdbx_database_status.pdb_format_compatible           Y 
_pdbx_database_status.status_code_nmr_data            ? 
# 
loop_
_audit_author.name 
_audit_author.pdbx_ordinal 
'Zoll, S.'   1 
'Stehle, T.' 2 
# 
_citation.id                        primary 
_citation.title                     
'Ligand-binding properties and conformational dynamics of autolysin repeat domains in staphylococcal cell wall recognition.' 
_citation.journal_abbrev            J.Bacteriol. 
_citation.journal_volume            194 
_citation.page_first                3789 
_citation.page_last                 3802 
_citation.year                      2012 
_citation.journal_id_ASTM           JOBAAY 
_citation.country                   US 
_citation.journal_id_ISSN           0021-9193 
_citation.journal_id_CSD            0767 
_citation.book_publisher            ? 
_citation.pdbx_database_id_PubMed   22609916 
_citation.pdbx_database_id_DOI      10.1128/JB.00331-12 
# 
loop_
_citation_author.citation_id 
_citation_author.name 
_citation_author.ordinal 
_citation_author.identifier_ORCID 
primary 'Zoll, S.'        1 ? 
primary 'Schlag, M.'      2 ? 
primary 'Shkumatov, A.V.' 3 ? 
primary 'Rautenberg, M.'  4 ? 
primary 'Svergun, D.I.'   5 ? 
primary 'Gotz, F.'        6 ? 
primary 'Stehle, T.'      7 ? 
# 
loop_
_entity.id 
_entity.type 
_entity.src_method 
_entity.pdbx_description 
_entity.formula_weight 
_entity.pdbx_number_of_molecules 
_entity.pdbx_ec 
_entity.pdbx_mutation 
_entity.pdbx_fragment 
_entity.details 
1 polymer man 'N-acetylmuramoyl-L-alanine amidase' 36648.047 1  3.5.1.28 ? 'UNP residues 516-847' ? 
2 water   nat water                                18.015    18 ?        ? ?                      ? 
# 
_entity_name_com.entity_id   1 
_entity_name_com.name        'AtlE, R2ab' 
# 
_entity_poly.entity_id                      1 
_entity_poly.type                           'polypeptide(L)' 
_entity_poly.nstd_linkage                   no 
_entity_poly.nstd_monomer                   yes 
_entity_poly.pdbx_seq_one_letter_code       
;GSTTSTKPSQPSKPSGGTNNKLTVSANRGVAQIKPTNNGLYTTVYDSKGHKTDQVQKTLSVTKTATLGNNKFYLVEDYNS
GKKYGWVKQGDVVYNTAKAPVKVNQTYNVKAGSTLYTVPWGTPKQVASKVSGTGNQTFKATKQQQIDKATYLYGTVNGKS
GWISKYYLTTASKPSNPTKPSTNNQLTVTNNSGVAQINA(MLY)NSGLYTTVYDTKGKTTNQIQRTLSVT(MLY)AATLG
D(MLY)(MLY)FYLVGDYNTGTNYGWV(MLY)QDEVIYNTA(MLY)SPVKINQTYNV(MLY)PGV(MLY)LHTVPWGTYN
QVAGTVSGKGDQTFKAT(MLY)QQQID(MLY)ATYLYGTVNGKSGWIS(MLY)YYLTA
;
_entity_poly.pdbx_seq_one_letter_code_can   
;GSTTSTKPSQPSKPSGGTNNKLTVSANRGVAQIKPTNNGLYTTVYDSKGHKTDQVQKTLSVTKTATLGNNKFYLVEDYNS
GKKYGWVKQGDVVYNTAKAPVKVNQTYNVKAGSTLYTVPWGTPKQVASKVSGTGNQTFKATKQQQIDKATYLYGTVNGKS
GWISKYYLTTASKPSNPTKPSTNNQLTVTNNSGVAQINAKNSGLYTTVYDTKGKTTNQIQRTLSVTKAATLGDKKFYLVG
DYNTGTNYGWVKQDEVIYNTAKSPVKINQTYNVKPGVKLHTVPWGTYNQVAGTVSGKGDQTFKATKQQQIDKATYLYGTV
NGKSGWISKYYLTA
;
_entity_poly.pdbx_strand_id                 A 
_entity_poly.pdbx_target_identifier         ? 
# 
_pdbx_entity_nonpoly.entity_id   2 
_pdbx_entity_nonpoly.name        water 
_pdbx_entity_nonpoly.comp_id     HOH 
# 
loop_
_entity_poly_seq.entity_id 
_entity_poly_seq.num 
_entity_poly_seq.mon_id 
_entity_poly_seq.hetero 
1 1   GLY n 
1 2   SER n 
1 3   THR n 
1 4   THR n 
1 5   SER n 
1 6   THR n 
1 7   LYS n 
1 8   PRO n 
1 9   SER n 
1 10  GLN n 
1 11  PRO n 
1 12  SER n 
1 13  LYS n 
1 14  PRO n 
1 15  SER n 
1 16  GLY n 
1 17  GLY n 
1 18  THR n 
1 19  ASN n 
1 20  ASN n 
1 21  LYS n 
1 22  LEU n 
1 23  THR n 
1 24  VAL n 
1 25  SER n 
1 26  ALA n 
1 27  ASN n 
1 28  ARG n 
1 29  GLY n 
1 30  VAL n 
1 31  ALA n 
1 32  GLN n 
1 33  ILE n 
1 34  LYS n 
1 35  PRO n 
1 36  THR n 
1 37  ASN n 
1 38  ASN n 
1 39  GLY n 
1 40  LEU n 
1 41  TYR n 
1 42  THR n 
1 43  THR n 
1 44  VAL n 
1 45  TYR n 
1 46  ASP n 
1 47  SER n 
1 48  LYS n 
1 49  GLY n 
1 50  HIS n 
1 51  LYS n 
1 52  THR n 
1 53  ASP n 
1 54  GLN n 
1 55  VAL n 
1 56  GLN n 
1 57  LYS n 
1 58  THR n 
1 59  LEU n 
1 60  SER n 
1 61  VAL n 
1 62  THR n 
1 63  LYS n 
1 64  THR n 
1 65  ALA n 
1 66  THR n 
1 67  LEU n 
1 68  GLY n 
1 69  ASN n 
1 70  ASN n 
1 71  LYS n 
1 72  PHE n 
1 73  TYR n 
1 74  LEU n 
1 75  VAL n 
1 76  GLU n 
1 77  ASP n 
1 78  TYR n 
1 79  ASN n 
1 80  SER n 
1 81  GLY n 
1 82  LYS n 
1 83  LYS n 
1 84  TYR n 
1 85  GLY n 
1 86  TRP n 
1 87  VAL n 
1 88  LYS n 
1 89  GLN n 
1 90  GLY n 
1 91  ASP n 
1 92  VAL n 
1 93  VAL n 
1 94  TYR n 
1 95  ASN n 
1 96  THR n 
1 97  ALA n 
1 98  LYS n 
1 99  ALA n 
1 100 PRO n 
1 101 VAL n 
1 102 LYS n 
1 103 VAL n 
1 104 ASN n 
1 105 GLN n 
1 106 THR n 
1 107 TYR n 
1 108 ASN n 
1 109 VAL n 
1 110 LYS n 
1 111 ALA n 
1 112 GLY n 
1 113 SER n 
1 114 THR n 
1 115 LEU n 
1 116 TYR n 
1 117 THR n 
1 118 VAL n 
1 119 PRO n 
1 120 TRP n 
1 121 GLY n 
1 122 THR n 
1 123 PRO n 
1 124 LYS n 
1 125 GLN n 
1 126 VAL n 
1 127 ALA n 
1 128 SER n 
1 129 LYS n 
1 130 VAL n 
1 131 SER n 
1 132 GLY n 
1 133 THR n 
1 134 GLY n 
1 135 ASN n 
1 136 GLN n 
1 137 THR n 
1 138 PHE n 
1 139 LYS n 
1 140 ALA n 
1 141 THR n 
1 142 LYS n 
1 143 GLN n 
1 144 GLN n 
1 145 GLN n 
1 146 ILE n 
1 147 ASP n 
1 148 LYS n 
1 149 ALA n 
1 150 THR n 
1 151 TYR n 
1 152 LEU n 
1 153 TYR n 
1 154 GLY n 
1 155 THR n 
1 156 VAL n 
1 157 ASN n 
1 158 GLY n 
1 159 LYS n 
1 160 SER n 
1 161 GLY n 
1 162 TRP n 
1 163 ILE n 
1 164 SER n 
1 165 LYS n 
1 166 TYR n 
1 167 TYR n 
1 168 LEU n 
1 169 THR n 
1 170 THR n 
1 171 ALA n 
1 172 SER n 
1 173 LYS n 
1 174 PRO n 
1 175 SER n 
1 176 ASN n 
1 177 PRO n 
1 178 THR n 
1 179 LYS n 
1 180 PRO n 
1 181 SER n 
1 182 THR n 
1 183 ASN n 
1 184 ASN n 
1 185 GLN n 
1 186 LEU n 
1 187 THR n 
1 188 VAL n 
1 189 THR n 
1 190 ASN n 
1 191 ASN n 
1 192 SER n 
1 193 GLY n 
1 194 VAL n 
1 195 ALA n 
1 196 GLN n 
1 197 ILE n 
1 198 ASN n 
1 199 ALA n 
1 200 MLY n 
1 201 ASN n 
1 202 SER n 
1 203 GLY n 
1 204 LEU n 
1 205 TYR n 
1 206 THR n 
1 207 THR n 
1 208 VAL n 
1 209 TYR n 
1 210 ASP n 
1 211 THR n 
1 212 LYS n 
1 213 GLY n 
1 214 LYS n 
1 215 THR n 
1 216 THR n 
1 217 ASN n 
1 218 GLN n 
1 219 ILE n 
1 220 GLN n 
1 221 ARG n 
1 222 THR n 
1 223 LEU n 
1 224 SER n 
1 225 VAL n 
1 226 THR n 
1 227 MLY n 
1 228 ALA n 
1 229 ALA n 
1 230 THR n 
1 231 LEU n 
1 232 GLY n 
1 233 ASP n 
1 234 MLY n 
1 235 MLY n 
1 236 PHE n 
1 237 TYR n 
1 238 LEU n 
1 239 VAL n 
1 240 GLY n 
1 241 ASP n 
1 242 TYR n 
1 243 ASN n 
1 244 THR n 
1 245 GLY n 
1 246 THR n 
1 247 ASN n 
1 248 TYR n 
1 249 GLY n 
1 250 TRP n 
1 251 VAL n 
1 252 MLY n 
1 253 GLN n 
1 254 ASP n 
1 255 GLU n 
1 256 VAL n 
1 257 ILE n 
1 258 TYR n 
1 259 ASN n 
1 260 THR n 
1 261 ALA n 
1 262 MLY n 
1 263 SER n 
1 264 PRO n 
1 265 VAL n 
1 266 LYS n 
1 267 ILE n 
1 268 ASN n 
1 269 GLN n 
1 270 THR n 
1 271 TYR n 
1 272 ASN n 
1 273 VAL n 
1 274 MLY n 
1 275 PRO n 
1 276 GLY n 
1 277 VAL n 
1 278 MLY n 
1 279 LEU n 
1 280 HIS n 
1 281 THR n 
1 282 VAL n 
1 283 PRO n 
1 284 TRP n 
1 285 GLY n 
1 286 THR n 
1 287 TYR n 
1 288 ASN n 
1 289 GLN n 
1 290 VAL n 
1 291 ALA n 
1 292 GLY n 
1 293 THR n 
1 294 VAL n 
1 295 SER n 
1 296 GLY n 
1 297 LYS n 
1 298 GLY n 
1 299 ASP n 
1 300 GLN n 
1 301 THR n 
1 302 PHE n 
1 303 LYS n 
1 304 ALA n 
1 305 THR n 
1 306 MLY n 
1 307 GLN n 
1 308 GLN n 
1 309 GLN n 
1 310 ILE n 
1 311 ASP n 
1 312 MLY n 
1 313 ALA n 
1 314 THR n 
1 315 TYR n 
1 316 LEU n 
1 317 TYR n 
1 318 GLY n 
1 319 THR n 
1 320 VAL n 
1 321 ASN n 
1 322 GLY n 
1 323 LYS n 
1 324 SER n 
1 325 GLY n 
1 326 TRP n 
1 327 ILE n 
1 328 SER n 
1 329 MLY n 
1 330 TYR n 
1 331 TYR n 
1 332 LEU n 
1 333 THR n 
1 334 ALA n 
# 
_entity_src_gen.entity_id                          1 
_entity_src_gen.pdbx_src_id                        1 
_entity_src_gen.pdbx_alt_source_flag               sample 
_entity_src_gen.pdbx_seq_type                      ? 
_entity_src_gen.pdbx_beg_seq_num                   ? 
_entity_src_gen.pdbx_end_seq_num                   ? 
_entity_src_gen.gene_src_common_name               ? 
_entity_src_gen.gene_src_genus                     ? 
_entity_src_gen.pdbx_gene_src_gene                 'atl, atlE' 
_entity_src_gen.gene_src_species                   ? 
_entity_src_gen.gene_src_strain                    ? 
_entity_src_gen.gene_src_tissue                    ? 
_entity_src_gen.gene_src_tissue_fraction           ? 
_entity_src_gen.gene_src_details                   ? 
_entity_src_gen.pdbx_gene_src_fragment             ? 
_entity_src_gen.pdbx_gene_src_scientific_name      'Staphylococcus epidermidis' 
_entity_src_gen.pdbx_gene_src_ncbi_taxonomy_id     1282 
_entity_src_gen.pdbx_gene_src_variant              ? 
_entity_src_gen.pdbx_gene_src_cell_line            ? 
_entity_src_gen.pdbx_gene_src_atcc                 ? 
_entity_src_gen.pdbx_gene_src_organ                ? 
_entity_src_gen.pdbx_gene_src_organelle            ? 
_entity_src_gen.pdbx_gene_src_cell                 ? 
_entity_src_gen.pdbx_gene_src_cellular_location    ? 
_entity_src_gen.host_org_common_name               ? 
_entity_src_gen.pdbx_host_org_scientific_name      'Escherichia coli' 
_entity_src_gen.pdbx_host_org_ncbi_taxonomy_id     562 
_entity_src_gen.host_org_genus                     ? 
_entity_src_gen.pdbx_host_org_gene                 ? 
_entity_src_gen.pdbx_host_org_organ                ? 
_entity_src_gen.host_org_species                   ? 
_entity_src_gen.pdbx_host_org_tissue               ? 
_entity_src_gen.pdbx_host_org_tissue_fraction      ? 
_entity_src_gen.pdbx_host_org_strain               ? 
_entity_src_gen.pdbx_host_org_variant              ? 
_entity_src_gen.pdbx_host_org_cell_line            ? 
_entity_src_gen.pdbx_host_org_atcc                 ? 
_entity_src_gen.pdbx_host_org_culture_collection   ? 
_entity_src_gen.pdbx_host_org_cell                 ? 
_entity_src_gen.pdbx_host_org_organelle            ? 
_entity_src_gen.pdbx_host_org_cellular_location    ? 
_entity_src_gen.pdbx_host_org_vector_type          ? 
_entity_src_gen.pdbx_host_org_vector               ? 
_entity_src_gen.host_org_details                   ? 
_entity_src_gen.expression_system_id               ? 
_entity_src_gen.plasmid_name                       ? 
_entity_src_gen.plasmid_details                    ? 
_entity_src_gen.pdbx_description                   ? 
# 
loop_
_chem_comp.id 
_chem_comp.type 
_chem_comp.mon_nstd_flag 
_chem_comp.name 
_chem_comp.pdbx_synonyms 
_chem_comp.formula 
_chem_comp.formula_weight 
ALA 'L-peptide linking' y ALANINE           ? 'C3 H7 N O2'     89.093  
ARG 'L-peptide linking' y ARGININE          ? 'C6 H15 N4 O2 1' 175.209 
ASN 'L-peptide linking' y ASPARAGINE        ? 'C4 H8 N2 O3'    132.118 
ASP 'L-peptide linking' y 'ASPARTIC ACID'   ? 'C4 H7 N O4'     133.103 
GLN 'L-peptide linking' y GLUTAMINE         ? 'C5 H10 N2 O3'   146.144 
GLU 'L-peptide linking' y 'GLUTAMIC ACID'   ? 'C5 H9 N O4'     147.129 
GLY 'peptide linking'   y GLYCINE           ? 'C2 H5 N O2'     75.067  
HIS 'L-peptide linking' y HISTIDINE         ? 'C6 H10 N3 O2 1' 156.162 
HOH non-polymer         . WATER             ? 'H2 O'           18.015  
ILE 'L-peptide linking' y ISOLEUCINE        ? 'C6 H13 N O2'    131.173 
LEU 'L-peptide linking' y LEUCINE           ? 'C6 H13 N O2'    131.173 
LYS 'L-peptide linking' y LYSINE            ? 'C6 H15 N2 O2 1' 147.195 
MLY 'L-peptide linking' n N-DIMETHYL-LYSINE ? 'C8 H18 N2 O2'   174.241 
PHE 'L-peptide linking' y PHENYLALANINE     ? 'C9 H11 N O2'    165.189 
PRO 'L-peptide linking' y PROLINE           ? 'C5 H9 N O2'     115.130 
SER 'L-peptide linking' y SERINE            ? 'C3 H7 N O3'     105.093 
THR 'L-peptide linking' y THREONINE         ? 'C4 H9 N O3'     119.119 
TRP 'L-peptide linking' y TRYPTOPHAN        ? 'C11 H12 N2 O2'  204.225 
TYR 'L-peptide linking' y TYROSINE          ? 'C9 H11 N O3'    181.189 
VAL 'L-peptide linking' y VALINE            ? 'C5 H11 N O2'    117.146 
# 
loop_
_pdbx_poly_seq_scheme.asym_id 
_pdbx_poly_seq_scheme.entity_id 
_pdbx_poly_seq_scheme.seq_id 
_pdbx_poly_seq_scheme.mon_id 
_pdbx_poly_seq_scheme.ndb_seq_num 
_pdbx_poly_seq_scheme.pdb_seq_num 
_pdbx_poly_seq_scheme.auth_seq_num 
_pdbx_poly_seq_scheme.pdb_mon_id 
_pdbx_poly_seq_scheme.auth_mon_id 
_pdbx_poly_seq_scheme.pdb_strand_id 
_pdbx_poly_seq_scheme.pdb_ins_code 
_pdbx_poly_seq_scheme.hetero 
A 1 1   GLY 1   514 ?   ?   ?   A . n 
A 1 2   SER 2   515 ?   ?   ?   A . n 
A 1 3   THR 3   516 ?   ?   ?   A . n 
A 1 4   THR 4   517 ?   ?   ?   A . n 
A 1 5   SER 5   518 ?   ?   ?   A . n 
A 1 6   THR 6   519 ?   ?   ?   A . n 
A 1 7   LYS 7   520 ?   ?   ?   A . n 
A 1 8   PRO 8   521 ?   ?   ?   A . n 
A 1 9   SER 9   522 ?   ?   ?   A . n 
A 1 10  GLN 10  523 ?   ?   ?   A . n 
A 1 11  PRO 11  524 ?   ?   ?   A . n 
A 1 12  SER 12  525 ?   ?   ?   A . n 
A 1 13  LYS 13  526 ?   ?   ?   A . n 
A 1 14  PRO 14  527 ?   ?   ?   A . n 
A 1 15  SER 15  528 ?   ?   ?   A . n 
A 1 16  GLY 16  529 ?   ?   ?   A . n 
A 1 17  GLY 17  530 ?   ?   ?   A . n 
A 1 18  THR 18  531 ?   ?   ?   A . n 
A 1 19  ASN 19  532 ?   ?   ?   A . n 
A 1 20  ASN 20  533 ?   ?   ?   A . n 
A 1 21  LYS 21  534 ?   ?   ?   A . n 
A 1 22  LEU 22  535 ?   ?   ?   A . n 
A 1 23  THR 23  536 ?   ?   ?   A . n 
A 1 24  VAL 24  537 ?   ?   ?   A . n 
A 1 25  SER 25  538 ?   ?   ?   A . n 
A 1 26  ALA 26  539 ?   ?   ?   A . n 
A 1 27  ASN 27  540 ?   ?   ?   A . n 
A 1 28  ARG 28  541 ?   ?   ?   A . n 
A 1 29  GLY 29  542 ?   ?   ?   A . n 
A 1 30  VAL 30  543 ?   ?   ?   A . n 
A 1 31  ALA 31  544 ?   ?   ?   A . n 
A 1 32  GLN 32  545 ?   ?   ?   A . n 
A 1 33  ILE 33  546 ?   ?   ?   A . n 
A 1 34  LYS 34  547 ?   ?   ?   A . n 
A 1 35  PRO 35  548 ?   ?   ?   A . n 
A 1 36  THR 36  549 ?   ?   ?   A . n 
A 1 37  ASN 37  550 ?   ?   ?   A . n 
A 1 38  ASN 38  551 ?   ?   ?   A . n 
A 1 39  GLY 39  552 ?   ?   ?   A . n 
A 1 40  LEU 40  553 ?   ?   ?   A . n 
A 1 41  TYR 41  554 ?   ?   ?   A . n 
A 1 42  THR 42  555 ?   ?   ?   A . n 
A 1 43  THR 43  556 ?   ?   ?   A . n 
A 1 44  VAL 44  557 ?   ?   ?   A . n 
A 1 45  TYR 45  558 ?   ?   ?   A . n 
A 1 46  ASP 46  559 ?   ?   ?   A . n 
A 1 47  SER 47  560 ?   ?   ?   A . n 
A 1 48  LYS 48  561 ?   ?   ?   A . n 
A 1 49  GLY 49  562 ?   ?   ?   A . n 
A 1 50  HIS 50  563 ?   ?   ?   A . n 
A 1 51  LYS 51  564 ?   ?   ?   A . n 
A 1 52  THR 52  565 ?   ?   ?   A . n 
A 1 53  ASP 53  566 ?   ?   ?   A . n 
A 1 54  GLN 54  567 ?   ?   ?   A . n 
A 1 55  VAL 55  568 ?   ?   ?   A . n 
A 1 56  GLN 56  569 ?   ?   ?   A . n 
A 1 57  LYS 57  570 ?   ?   ?   A . n 
A 1 58  THR 58  571 ?   ?   ?   A . n 
A 1 59  LEU 59  572 ?   ?   ?   A . n 
A 1 60  SER 60  573 ?   ?   ?   A . n 
A 1 61  VAL 61  574 ?   ?   ?   A . n 
A 1 62  THR 62  575 ?   ?   ?   A . n 
A 1 63  LYS 63  576 ?   ?   ?   A . n 
A 1 64  THR 64  577 ?   ?   ?   A . n 
A 1 65  ALA 65  578 ?   ?   ?   A . n 
A 1 66  THR 66  579 ?   ?   ?   A . n 
A 1 67  LEU 67  580 ?   ?   ?   A . n 
A 1 68  GLY 68  581 ?   ?   ?   A . n 
A 1 69  ASN 69  582 ?   ?   ?   A . n 
A 1 70  ASN 70  583 ?   ?   ?   A . n 
A 1 71  LYS 71  584 ?   ?   ?   A . n 
A 1 72  PHE 72  585 ?   ?   ?   A . n 
A 1 73  TYR 73  586 ?   ?   ?   A . n 
A 1 74  LEU 74  587 ?   ?   ?   A . n 
A 1 75  VAL 75  588 ?   ?   ?   A . n 
A 1 76  GLU 76  589 ?   ?   ?   A . n 
A 1 77  ASP 77  590 ?   ?   ?   A . n 
A 1 78  TYR 78  591 ?   ?   ?   A . n 
A 1 79  ASN 79  592 ?   ?   ?   A . n 
A 1 80  SER 80  593 ?   ?   ?   A . n 
A 1 81  GLY 81  594 ?   ?   ?   A . n 
A 1 82  LYS 82  595 ?   ?   ?   A . n 
A 1 83  LYS 83  596 ?   ?   ?   A . n 
A 1 84  TYR 84  597 ?   ?   ?   A . n 
A 1 85  GLY 85  598 ?   ?   ?   A . n 
A 1 86  TRP 86  599 ?   ?   ?   A . n 
A 1 87  VAL 87  600 ?   ?   ?   A . n 
A 1 88  LYS 88  601 ?   ?   ?   A . n 
A 1 89  GLN 89  602 ?   ?   ?   A . n 
A 1 90  GLY 90  603 ?   ?   ?   A . n 
A 1 91  ASP 91  604 ?   ?   ?   A . n 
A 1 92  VAL 92  605 ?   ?   ?   A . n 
A 1 93  VAL 93  606 ?   ?   ?   A . n 
A 1 94  TYR 94  607 ?   ?   ?   A . n 
A 1 95  ASN 95  608 ?   ?   ?   A . n 
A 1 96  THR 96  609 ?   ?   ?   A . n 
A 1 97  ALA 97  610 ?   ?   ?   A . n 
A 1 98  LYS 98  611 ?   ?   ?   A . n 
A 1 99  ALA 99  612 ?   ?   ?   A . n 
A 1 100 PRO 100 613 ?   ?   ?   A . n 
A 1 101 VAL 101 614 ?   ?   ?   A . n 
A 1 102 LYS 102 615 ?   ?   ?   A . n 
A 1 103 VAL 103 616 ?   ?   ?   A . n 
A 1 104 ASN 104 617 ?   ?   ?   A . n 
A 1 105 GLN 105 618 ?   ?   ?   A . n 
A 1 106 THR 106 619 ?   ?   ?   A . n 
A 1 107 TYR 107 620 ?   ?   ?   A . n 
A 1 108 ASN 108 621 ?   ?   ?   A . n 
A 1 109 VAL 109 622 ?   ?   ?   A . n 
A 1 110 LYS 110 623 ?   ?   ?   A . n 
A 1 111 ALA 111 624 ?   ?   ?   A . n 
A 1 112 GLY 112 625 ?   ?   ?   A . n 
A 1 113 SER 113 626 ?   ?   ?   A . n 
A 1 114 THR 114 627 ?   ?   ?   A . n 
A 1 115 LEU 115 628 ?   ?   ?   A . n 
A 1 116 TYR 116 629 ?   ?   ?   A . n 
A 1 117 THR 117 630 ?   ?   ?   A . n 
A 1 118 VAL 118 631 ?   ?   ?   A . n 
A 1 119 PRO 119 632 ?   ?   ?   A . n 
A 1 120 TRP 120 633 ?   ?   ?   A . n 
A 1 121 GLY 121 634 ?   ?   ?   A . n 
A 1 122 THR 122 635 ?   ?   ?   A . n 
A 1 123 PRO 123 636 ?   ?   ?   A . n 
A 1 124 LYS 124 637 ?   ?   ?   A . n 
A 1 125 GLN 125 638 ?   ?   ?   A . n 
A 1 126 VAL 126 639 ?   ?   ?   A . n 
A 1 127 ALA 127 640 ?   ?   ?   A . n 
A 1 128 SER 128 641 ?   ?   ?   A . n 
A 1 129 LYS 129 642 ?   ?   ?   A . n 
A 1 130 VAL 130 643 ?   ?   ?   A . n 
A 1 131 SER 131 644 ?   ?   ?   A . n 
A 1 132 GLY 132 645 ?   ?   ?   A . n 
A 1 133 THR 133 646 ?   ?   ?   A . n 
A 1 134 GLY 134 647 ?   ?   ?   A . n 
A 1 135 ASN 135 648 ?   ?   ?   A . n 
A 1 136 GLN 136 649 ?   ?   ?   A . n 
A 1 137 THR 137 650 ?   ?   ?   A . n 
A 1 138 PHE 138 651 ?   ?   ?   A . n 
A 1 139 LYS 139 652 ?   ?   ?   A . n 
A 1 140 ALA 140 653 ?   ?   ?   A . n 
A 1 141 THR 141 654 ?   ?   ?   A . n 
A 1 142 LYS 142 655 ?   ?   ?   A . n 
A 1 143 GLN 143 656 ?   ?   ?   A . n 
A 1 144 GLN 144 657 ?   ?   ?   A . n 
A 1 145 GLN 145 658 ?   ?   ?   A . n 
A 1 146 ILE 146 659 ?   ?   ?   A . n 
A 1 147 ASP 147 660 ?   ?   ?   A . n 
A 1 148 LYS 148 661 ?   ?   ?   A . n 
A 1 149 ALA 149 662 ?   ?   ?   A . n 
A 1 150 THR 150 663 ?   ?   ?   A . n 
A 1 151 TYR 151 664 ?   ?   ?   A . n 
A 1 152 LEU 152 665 ?   ?   ?   A . n 
A 1 153 TYR 153 666 ?   ?   ?   A . n 
A 1 154 GLY 154 667 ?   ?   ?   A . n 
A 1 155 THR 155 668 ?   ?   ?   A . n 
A 1 156 VAL 156 669 ?   ?   ?   A . n 
A 1 157 ASN 157 670 ?   ?   ?   A . n 
A 1 158 GLY 158 671 ?   ?   ?   A . n 
A 1 159 LYS 159 672 ?   ?   ?   A . n 
A 1 160 SER 160 673 ?   ?   ?   A . n 
A 1 161 GLY 161 674 ?   ?   ?   A . n 
A 1 162 TRP 162 675 ?   ?   ?   A . n 
A 1 163 ILE 163 676 ?   ?   ?   A . n 
A 1 164 SER 164 677 ?   ?   ?   A . n 
A 1 165 LYS 165 678 ?   ?   ?   A . n 
A 1 166 TYR 166 679 ?   ?   ?   A . n 
A 1 167 TYR 167 680 ?   ?   ?   A . n 
A 1 168 LEU 168 681 ?   ?   ?   A . n 
A 1 169 THR 169 682 ?   ?   ?   A . n 
A 1 170 THR 170 683 ?   ?   ?   A . n 
A 1 171 ALA 171 684 ?   ?   ?   A . n 
A 1 172 SER 172 685 ?   ?   ?   A . n 
A 1 173 LYS 173 686 ?   ?   ?   A . n 
A 1 174 PRO 174 687 ?   ?   ?   A . n 
A 1 175 SER 175 688 ?   ?   ?   A . n 
A 1 176 ASN 176 689 ?   ?   ?   A . n 
A 1 177 PRO 177 690 ?   ?   ?   A . n 
A 1 178 THR 178 691 ?   ?   ?   A . n 
A 1 179 LYS 179 692 ?   ?   ?   A . n 
A 1 180 PRO 180 693 ?   ?   ?   A . n 
A 1 181 SER 181 694 ?   ?   ?   A . n 
A 1 182 THR 182 695 ?   ?   ?   A . n 
A 1 183 ASN 183 696 696 ASN ASN A . n 
A 1 184 ASN 184 697 697 ASN ASN A . n 
A 1 185 GLN 185 698 698 GLN GLN A . n 
A 1 186 LEU 186 699 699 LEU LEU A . n 
A 1 187 THR 187 700 700 THR THR A . n 
A 1 188 VAL 188 701 701 VAL VAL A . n 
A 1 189 THR 189 702 702 THR THR A . n 
A 1 190 ASN 190 703 703 ASN ASN A . n 
A 1 191 ASN 191 704 704 ASN ASN A . n 
A 1 192 SER 192 705 705 SER SER A . n 
A 1 193 GLY 193 706 706 GLY GLY A . n 
A 1 194 VAL 194 707 707 VAL VAL A . n 
A 1 195 ALA 195 708 708 ALA ALA A . n 
A 1 196 GLN 196 709 709 GLN GLN A . n 
A 1 197 ILE 197 710 710 ILE ILE A . n 
A 1 198 ASN 198 711 711 ASN ASN A . n 
A 1 199 ALA 199 712 712 ALA ALA A . n 
A 1 200 MLY 200 713 713 MLY MLY A . n 
A 1 201 ASN 201 714 714 ASN ASN A . n 
A 1 202 SER 202 715 715 SER SER A . n 
A 1 203 GLY 203 716 716 GLY GLY A . n 
A 1 204 LEU 204 717 717 LEU LEU A . n 
A 1 205 TYR 205 718 718 TYR TYR A . n 
A 1 206 THR 206 719 719 THR THR A . n 
A 1 207 THR 207 720 720 THR THR A . n 
A 1 208 VAL 208 721 721 VAL VAL A . n 
A 1 209 TYR 209 722 722 TYR TYR A . n 
A 1 210 ASP 210 723 723 ASP ASP A . n 
A 1 211 THR 211 724 724 THR THR A . n 
A 1 212 LYS 212 725 725 LYS LYS A . n 
A 1 213 GLY 213 726 726 GLY GLY A . n 
A 1 214 LYS 214 727 727 LYS LYS A . n 
A 1 215 THR 215 728 728 THR THR A . n 
A 1 216 THR 216 729 729 THR THR A . n 
A 1 217 ASN 217 730 730 ASN ASN A . n 
A 1 218 GLN 218 731 731 GLN GLN A . n 
A 1 219 ILE 219 732 732 ILE ILE A . n 
A 1 220 GLN 220 733 733 GLN GLN A . n 
A 1 221 ARG 221 734 734 ARG ARG A . n 
A 1 222 THR 222 735 735 THR THR A . n 
A 1 223 LEU 223 736 736 LEU LEU A . n 
A 1 224 SER 224 737 737 SER SER A . n 
A 1 225 VAL 225 738 738 VAL VAL A . n 
A 1 226 THR 226 739 739 THR THR A . n 
A 1 227 MLY 227 740 740 MLY MLY A . n 
A 1 228 ALA 228 741 741 ALA ALA A . n 
A 1 229 ALA 229 742 742 ALA ALA A . n 
A 1 230 THR 230 743 743 THR THR A . n 
A 1 231 LEU 231 744 744 LEU LEU A . n 
A 1 232 GLY 232 745 745 GLY GLY A . n 
A 1 233 ASP 233 746 746 ASP ASP A . n 
A 1 234 MLY 234 747 747 MLY MLY A . n 
A 1 235 MLY 235 748 748 MLY MLY A . n 
A 1 236 PHE 236 749 749 PHE PHE A . n 
A 1 237 TYR 237 750 750 TYR TYR A . n 
A 1 238 LEU 238 751 751 LEU LEU A . n 
A 1 239 VAL 239 752 752 VAL VAL A . n 
A 1 240 GLY 240 753 753 GLY GLY A . n 
A 1 241 ASP 241 754 754 ASP ASP A . n 
A 1 242 TYR 242 755 755 TYR TYR A . n 
A 1 243 ASN 243 756 756 ASN ASN A . n 
A 1 244 THR 244 757 757 THR THR A . n 
A 1 245 GLY 245 758 758 GLY GLY A . n 
A 1 246 THR 246 759 759 THR THR A . n 
A 1 247 ASN 247 760 760 ASN ASN A . n 
A 1 248 TYR 248 761 761 TYR TYR A . n 
A 1 249 GLY 249 762 762 GLY GLY A . n 
A 1 250 TRP 250 763 763 TRP TRP A . n 
A 1 251 VAL 251 764 764 VAL VAL A . n 
A 1 252 MLY 252 765 765 MLY MLY A . n 
A 1 253 GLN 253 766 766 GLN GLN A . n 
A 1 254 ASP 254 767 767 ASP ASP A . n 
A 1 255 GLU 255 768 768 GLU GLU A . n 
A 1 256 VAL 256 769 769 VAL VAL A . n 
A 1 257 ILE 257 770 770 ILE ILE A . n 
A 1 258 TYR 258 771 771 TYR TYR A . n 
A 1 259 ASN 259 772 772 ASN ASN A . n 
A 1 260 THR 260 773 773 THR THR A . n 
A 1 261 ALA 261 774 774 ALA ALA A . n 
A 1 262 MLY 262 775 775 MLY MLY A . n 
A 1 263 SER 263 776 776 SER SER A . n 
A 1 264 PRO 264 777 777 PRO PRO A . n 
A 1 265 VAL 265 778 778 VAL VAL A . n 
A 1 266 LYS 266 779 779 LYS LYS A . n 
A 1 267 ILE 267 780 780 ILE ILE A . n 
A 1 268 ASN 268 781 781 ASN ASN A . n 
A 1 269 GLN 269 782 782 GLN GLN A . n 
A 1 270 THR 270 783 783 THR THR A . n 
A 1 271 TYR 271 784 784 TYR TYR A . n 
A 1 272 ASN 272 785 785 ASN ASN A . n 
A 1 273 VAL 273 786 786 VAL VAL A . n 
A 1 274 MLY 274 787 787 MLY MLY A . n 
A 1 275 PRO 275 788 788 PRO PRO A . n 
A 1 276 GLY 276 789 789 GLY GLY A . n 
A 1 277 VAL 277 790 790 VAL VAL A . n 
A 1 278 MLY 278 791 791 MLY MLY A . n 
A 1 279 LEU 279 792 792 LEU LEU A . n 
A 1 280 HIS 280 793 793 HIS HIS A . n 
A 1 281 THR 281 794 794 THR THR A . n 
A 1 282 VAL 282 795 795 VAL VAL A . n 
A 1 283 PRO 283 796 796 PRO PRO A . n 
A 1 284 TRP 284 797 797 TRP TRP A . n 
A 1 285 GLY 285 798 798 GLY GLY A . n 
A 1 286 THR 286 799 799 THR THR A . n 
A 1 287 TYR 287 800 800 TYR TYR A . n 
A 1 288 ASN 288 801 801 ASN ASN A . n 
A 1 289 GLN 289 802 802 GLN GLN A . n 
A 1 290 VAL 290 803 803 VAL VAL A . n 
A 1 291 ALA 291 804 804 ALA ALA A . n 
A 1 292 GLY 292 805 805 GLY GLY A . n 
A 1 293 THR 293 806 806 THR THR A . n 
A 1 294 VAL 294 807 807 VAL VAL A . n 
A 1 295 SER 295 808 808 SER SER A . n 
A 1 296 GLY 296 809 809 GLY GLY A . n 
A 1 297 LYS 297 810 810 LYS LYS A . n 
A 1 298 GLY 298 811 811 GLY GLY A . n 
A 1 299 ASP 299 812 812 ASP ASP A . n 
A 1 300 GLN 300 813 813 GLN GLN A . n 
A 1 301 THR 301 814 814 THR THR A . n 
A 1 302 PHE 302 815 815 PHE PHE A . n 
A 1 303 LYS 303 816 816 LYS LYS A . n 
A 1 304 ALA 304 817 817 ALA ALA A . n 
A 1 305 THR 305 818 818 THR THR A . n 
A 1 306 MLY 306 819 819 MLY MLY A . n 
A 1 307 GLN 307 820 820 GLN GLN A . n 
A 1 308 GLN 308 821 821 GLN GLN A . n 
A 1 309 GLN 309 822 822 GLN GLN A . n 
A 1 310 ILE 310 823 823 ILE ILE A . n 
A 1 311 ASP 311 824 824 ASP ASP A . n 
A 1 312 MLY 312 825 825 MLY MLY A . n 
A 1 313 ALA 313 826 826 ALA ALA A . n 
A 1 314 THR 314 827 827 THR THR A . n 
A 1 315 TYR 315 828 828 TYR TYR A . n 
A 1 316 LEU 316 829 829 LEU LEU A . n 
A 1 317 TYR 317 830 830 TYR TYR A . n 
A 1 318 GLY 318 831 831 GLY GLY A . n 
A 1 319 THR 319 832 832 THR THR A . n 
A 1 320 VAL 320 833 833 VAL VAL A . n 
A 1 321 ASN 321 834 834 ASN ASN A . n 
A 1 322 GLY 322 835 835 GLY GLY A . n 
A 1 323 LYS 323 836 836 LYS LYS A . n 
A 1 324 SER 324 837 837 SER SER A . n 
A 1 325 GLY 325 838 838 GLY GLY A . n 
A 1 326 TRP 326 839 839 TRP TRP A . n 
A 1 327 ILE 327 840 840 ILE ILE A . n 
A 1 328 SER 328 841 841 SER SER A . n 
A 1 329 MLY 329 842 842 MLY MLY A . n 
A 1 330 TYR 330 843 843 TYR TYR A . n 
A 1 331 TYR 331 844 844 TYR TYR A . n 
A 1 332 LEU 332 845 845 LEU LEU A . n 
A 1 333 THR 333 846 846 THR THR A . n 
A 1 334 ALA 334 847 847 ALA ALA A . n 
# 
loop_
_pdbx_nonpoly_scheme.asym_id 
_pdbx_nonpoly_scheme.entity_id 
_pdbx_nonpoly_scheme.mon_id 
_pdbx_nonpoly_scheme.ndb_seq_num 
_pdbx_nonpoly_scheme.pdb_seq_num 
_pdbx_nonpoly_scheme.auth_seq_num 
_pdbx_nonpoly_scheme.pdb_mon_id 
_pdbx_nonpoly_scheme.auth_mon_id 
_pdbx_nonpoly_scheme.pdb_strand_id 
_pdbx_nonpoly_scheme.pdb_ins_code 
B 2 HOH 1  901 1  HOH HOH A . 
B 2 HOH 2  902 2  HOH HOH A . 
B 2 HOH 3  903 3  HOH HOH A . 
B 2 HOH 4  904 4  HOH HOH A . 
B 2 HOH 5  905 5  HOH HOH A . 
B 2 HOH 6  906 6  HOH HOH A . 
B 2 HOH 7  907 7  HOH HOH A . 
B 2 HOH 8  908 8  HOH HOH A . 
B 2 HOH 9  909 9  HOH HOH A . 
B 2 HOH 10 910 10 HOH HOH A . 
B 2 HOH 11 911 11 HOH HOH A . 
B 2 HOH 12 912 12 HOH HOH A . 
B 2 HOH 13 913 13 HOH HOH A . 
B 2 HOH 14 914 14 HOH HOH A . 
B 2 HOH 15 915 15 HOH HOH A . 
B 2 HOH 16 916 16 HOH HOH A . 
B 2 HOH 17 917 17 HOH HOH A . 
B 2 HOH 18 918 18 HOH HOH A . 
# 
loop_
_software.name 
_software.classification 
_software.version 
_software.citation_id 
_software.pdbx_ordinal 
XDS    'data scaling'   .      ? 1 
SOLVE  phasing          .      ? 2 
BUSTER refinement       2.10.0 ? 3 
XDS    'data reduction' .      ? 4 
# 
_cell.entry_id           4EPC 
_cell.length_a           95.360 
_cell.length_b           95.360 
_cell.length_c           233.670 
_cell.angle_alpha        90.00 
_cell.angle_beta         90.00 
_cell.angle_gamma        120.00 
_cell.Z_PDB              12 
_cell.pdbx_unique_axis   ? 
_cell.length_a_esd       ? 
_cell.length_b_esd       ? 
_cell.length_c_esd       ? 
_cell.angle_alpha_esd    ? 
_cell.angle_beta_esd     ? 
_cell.angle_gamma_esd    ? 
# 
_symmetry.entry_id                         4EPC 
_symmetry.space_group_name_H-M             'P 61 2 2' 
_symmetry.pdbx_full_space_group_name_H-M   ? 
_symmetry.cell_setting                     ? 
_symmetry.Int_Tables_number                178 
_symmetry.space_group_name_Hall            ? 
# 
_exptl.entry_id          4EPC 
_exptl.method            'X-RAY DIFFRACTION' 
_exptl.crystals_number   1 
# 
_exptl_crystal.id                    1 
_exptl_crystal.density_meas          ? 
_exptl_crystal.density_Matthews      4.18 
_exptl_crystal.density_percent_sol   70.60 
_exptl_crystal.description           ? 
_exptl_crystal.F_000                 ? 
_exptl_crystal.preparation           ? 
# 
_exptl_crystal_grow.crystal_id      1 
_exptl_crystal_grow.method          'VAPOR DIFFUSION, HANGING DROP' 
_exptl_crystal_grow.temp            293 
_exptl_crystal_grow.temp_details    ? 
_exptl_crystal_grow.pH              10.5 
_exptl_crystal_grow.pdbx_details    
'1.2 M NaH2PO4, 0.8 M K2HPO4, 0.2 M LiSO4, 0.1 M CAPS, pH 10.5, VAPOR DIFFUSION, HANGING DROP, temperature 293K' 
_exptl_crystal_grow.pdbx_pH_range   ? 
# 
_diffrn.id                     1 
_diffrn.ambient_temp           100 
_diffrn.ambient_temp_details   ? 
_diffrn.crystal_id             1 
# 
_diffrn_detector.diffrn_id              1 
_diffrn_detector.detector               CCD 
_diffrn_detector.type                   'ADSC QUANTUM 210' 
_diffrn_detector.pdbx_collection_date   2008-04-28 
_diffrn_detector.details                ? 
# 
_diffrn_radiation.diffrn_id                        1 
_diffrn_radiation.wavelength_id                    1 
_diffrn_radiation.pdbx_monochromatic_or_laue_m_l   M 
_diffrn_radiation.monochromator                    'Si 111' 
_diffrn_radiation.pdbx_diffrn_protocol             'SINGLE WAVELENGTH' 
_diffrn_radiation.pdbx_scattering_type             x-ray 
# 
_diffrn_radiation_wavelength.id           1 
_diffrn_radiation_wavelength.wavelength   0.934 
_diffrn_radiation_wavelength.wt           1.0 
# 
_diffrn_source.diffrn_id                   1 
_diffrn_source.source                      SYNCHROTRON 
_diffrn_source.type                        'ESRF BEAMLINE ID14-1' 
_diffrn_source.pdbx_synchrotron_site       ESRF 
_diffrn_source.pdbx_synchrotron_beamline   ID14-1 
_diffrn_source.pdbx_wavelength             ? 
_diffrn_source.pdbx_wavelength_list        0.934 
# 
_reflns.entry_id                     4EPC 
_reflns.observed_criterion_sigma_I   -3 
_reflns.observed_criterion_sigma_F   -3 
_reflns.d_resolution_low             25.65 
_reflns.d_resolution_high            2.9 
_reflns.number_obs                   14506 
_reflns.number_all                   14672 
_reflns.percent_possible_obs         98.9 
_reflns.pdbx_netI_over_sigmaI        ? 
_reflns.B_iso_Wilson_estimate        ? 
_reflns.pdbx_redundancy              ? 
_reflns.R_free_details               ? 
_reflns.limit_h_max                  ? 
_reflns.limit_h_min                  ? 
_reflns.limit_k_max                  ? 
_reflns.limit_k_min                  ? 
_reflns.limit_l_max                  ? 
_reflns.limit_l_min                  ? 
_reflns.observed_criterion_F_max     ? 
_reflns.observed_criterion_F_min     ? 
_reflns.pdbx_chi_squared             ? 
_reflns.pdbx_scaling_rejects         ? 
_reflns.pdbx_Rmerge_I_obs            ? 
_reflns.pdbx_Rsym_value              ? 
_reflns.pdbx_ordinal                 1 
_reflns.pdbx_diffrn_id               1 
# 
_reflns_shell.d_res_high             2.90 
_reflns_shell.d_res_low              2.98 
_reflns_shell.percent_possible_all   99.8 
_reflns_shell.Rmerge_I_obs           ? 
_reflns_shell.pdbx_Rsym_value        ? 
_reflns_shell.meanI_over_sigI_obs    ? 
_reflns_shell.pdbx_redundancy        ? 
_reflns_shell.percent_possible_obs   ? 
_reflns_shell.number_unique_all      ? 
_reflns_shell.number_measured_all    ? 
_reflns_shell.number_measured_obs    ? 
_reflns_shell.number_unique_obs      ? 
_reflns_shell.pdbx_chi_squared       ? 
_reflns_shell.pdbx_ordinal           1 
_reflns_shell.pdbx_diffrn_id         1 
# 
_refine.entry_id                                 4EPC 
_refine.ls_number_reflns_obs                     14506 
_refine.ls_number_reflns_all                     14672 
_refine.pdbx_ls_sigma_I                          ? 
_refine.pdbx_ls_sigma_F                          -3.0 
_refine.pdbx_data_cutoff_high_absF               ? 
_refine.pdbx_data_cutoff_low_absF                ? 
_refine.pdbx_data_cutoff_high_rms_absF           ? 
_refine.ls_d_res_low                             25.65 
_refine.ls_d_res_high                            2.90 
_refine.ls_percent_reflns_obs                    99.11 
_refine.ls_R_factor_obs                          0.2656 
_refine.ls_R_factor_all                          0.2656 
_refine.ls_R_factor_R_work                       0.2633 
_refine.ls_R_factor_R_free                       0.2984 
_refine.ls_R_factor_R_free_error                 ? 
_refine.ls_R_factor_R_free_error_details         ? 
_refine.ls_percent_reflns_R_free                 6.71 
_refine.ls_number_reflns_R_free                  973 
_refine.ls_number_parameters                     ? 
_refine.ls_number_restraints                     ? 
_refine.occupancy_min                            ? 
_refine.occupancy_max                            ? 
_refine.correlation_coeff_Fo_to_Fc               0.7984 
_refine.correlation_coeff_Fo_to_Fc_free          0.7783 
_refine.B_iso_mean                               55.64 
_refine.aniso_B[1][1]                            -16.2466 
_refine.aniso_B[2][2]                            -16.2466 
_refine.aniso_B[3][3]                            32.4931 
_refine.aniso_B[1][2]                            0.0000 
_refine.aniso_B[1][3]                            0.0000 
_refine.aniso_B[2][3]                            0.0000 
_refine.solvent_model_details                    ? 
_refine.solvent_model_param_ksol                 ? 
_refine.solvent_model_param_bsol                 ? 
_refine.pdbx_solvent_vdw_probe_radii             ? 
_refine.pdbx_solvent_ion_probe_radii             ? 
_refine.pdbx_solvent_shrinkage_radii             ? 
_refine.pdbx_ls_cross_valid_method               THROUGHOUT 
_refine.details                                  ? 
_refine.pdbx_starting_model                      ? 
_refine.pdbx_method_to_determine_struct          MIR 
_refine.pdbx_isotropic_thermal_model             ? 
_refine.pdbx_stereochemistry_target_values       'Engh & Huber' 
_refine.pdbx_stereochem_target_val_spec_case     ? 
_refine.pdbx_R_Free_selection_details            RANDOM 
_refine.pdbx_overall_ESU_R                       ? 
_refine.pdbx_overall_ESU_R_Free                  ? 
_refine.overall_SU_ML                            ? 
_refine.pdbx_overall_phase_error                 ? 
_refine.overall_SU_B                             ? 
_refine.overall_SU_R_Cruickshank_DPI             0.273 
_refine.ls_redundancy_reflns_obs                 ? 
_refine.B_iso_min                                ? 
_refine.B_iso_max                                ? 
_refine.overall_SU_R_free                        ? 
_refine.ls_wR_factor_R_free                      ? 
_refine.ls_wR_factor_R_work                      ? 
_refine.overall_FOM_free_R_set                   ? 
_refine.overall_FOM_work_R_set                   ? 
_refine.pdbx_diffrn_id                           1 
_refine.pdbx_refine_id                           'X-RAY DIFFRACTION' 
_refine.pdbx_TLS_residual_ADP_flag               ? 
_refine.pdbx_overall_SU_R_free_Cruickshank_DPI   ? 
_refine.pdbx_overall_SU_R_Blow_DPI               ? 
_refine.pdbx_overall_SU_R_free_Blow_DPI          ? 
# 
_refine_analyze.entry_id                        4EPC 
_refine_analyze.Luzzati_coordinate_error_obs    0.493 
_refine_analyze.Luzzati_sigma_a_obs             ? 
_refine_analyze.Luzzati_d_res_low_obs           ? 
_refine_analyze.Luzzati_coordinate_error_free   ? 
_refine_analyze.Luzzati_sigma_a_free            ? 
_refine_analyze.Luzzati_d_res_low_free          ? 
_refine_analyze.number_disordered_residues      ? 
_refine_analyze.occupancy_sum_hydrogen          ? 
_refine_analyze.occupancy_sum_non_hydrogen      ? 
_refine_analyze.pdbx_Luzzati_d_res_high_obs     ? 
_refine_analyze.pdbx_refine_id                  'X-RAY DIFFRACTION' 
# 
_refine_hist.pdbx_refine_id                   'X-RAY DIFFRACTION' 
_refine_hist.cycle_id                         LAST 
_refine_hist.pdbx_number_atoms_protein        1205 
_refine_hist.pdbx_number_atoms_nucleic_acid   0 
_refine_hist.pdbx_number_atoms_ligand         0 
_refine_hist.number_atoms_solvent             18 
_refine_hist.number_atoms_total               1223 
_refine_hist.d_res_high                       2.90 
_refine_hist.d_res_low                        25.65 
# 
loop_
_refine_ls_restr.type 
_refine_ls_restr.dev_ideal 
_refine_ls_restr.dev_ideal_target 
_refine_ls_restr.weight 
_refine_ls_restr.number 
_refine_ls_restr.pdbx_restraint_function 
_refine_ls_restr.pdbx_refine_id 
t_bond_d                  0.010 ? 2.00  1229 HARMONIC     'X-RAY DIFFRACTION' 
t_angle_deg               1.23  ? 2.00  1674 HARMONIC     'X-RAY DIFFRACTION' 
t_dihedral_angle_d        ?     ? 2.00  359  SINUSOIDAL   'X-RAY DIFFRACTION' 
t_incorr_chiral_ct        ?     ? ?     ?    ?            'X-RAY DIFFRACTION' 
t_pseud_angle             ?     ? ?     ?    ?            'X-RAY DIFFRACTION' 
t_trig_c_planes           ?     ? 2.00  32   HARMONIC     'X-RAY DIFFRACTION' 
t_gen_planes              ?     ? 5.00  170  HARMONIC     'X-RAY DIFFRACTION' 
t_it                      ?     ? 20.00 1229 HARMONIC     'X-RAY DIFFRACTION' 
t_nbd                     ?     ? ?     ?    ?            'X-RAY DIFFRACTION' 
t_omega_torsion           2.62  ? ?     ?    ?            'X-RAY DIFFRACTION' 
t_other_torsion           19.10 ? ?     ?    ?            'X-RAY DIFFRACTION' 
t_improper_torsion        ?     ? ?     ?    ?            'X-RAY DIFFRACTION' 
t_chiral_improper_torsion ?     ? 5.00  165  SEMIHARMONIC 'X-RAY DIFFRACTION' 
t_sum_occupancies         ?     ? ?     ?    ?            'X-RAY DIFFRACTION' 
t_utility_distance        ?     ? ?     ?    ?            'X-RAY DIFFRACTION' 
t_utility_angle           ?     ? ?     ?    ?            'X-RAY DIFFRACTION' 
t_utility_torsion         ?     ? ?     ?    ?            'X-RAY DIFFRACTION' 
t_ideal_dist_contact      ?     ? 4.00  1242 SEMIHARMONIC 'X-RAY DIFFRACTION' 
# 
_refine_ls_shell.pdbx_total_number_of_bins_used   7 
_refine_ls_shell.d_res_high                       2.90 
_refine_ls_shell.d_res_low                        3.13 
_refine_ls_shell.number_reflns_R_work             2708 
_refine_ls_shell.R_factor_R_work                  0.2714 
_refine_ls_shell.percent_reflns_obs               99.11 
_refine_ls_shell.R_factor_R_free                  0.3032 
_refine_ls_shell.R_factor_R_free_error            ? 
_refine_ls_shell.percent_reflns_R_free            6.49 
_refine_ls_shell.number_reflns_R_free             188 
_refine_ls_shell.number_reflns_all                2896 
_refine_ls_shell.R_factor_all                     0.2734 
_refine_ls_shell.number_reflns_obs                ? 
_refine_ls_shell.redundancy_reflns_obs            ? 
_refine_ls_shell.pdbx_refine_id                   'X-RAY DIFFRACTION' 
# 
_struct.entry_id                  4EPC 
_struct.title                     'Crystal structure of Autolysin repeat domains from Staphylococcus epidermidis' 
_struct.pdbx_model_details        ? 
_struct.pdbx_CASP_flag            ? 
_struct.pdbx_model_type_details   ? 
# 
_struct_keywords.entry_id        4EPC 
_struct_keywords.pdbx_keywords   HYDROLASE 
_struct_keywords.text            'SH3b Fold, Extracellular, HYDROLASE' 
# 
loop_
_struct_asym.id 
_struct_asym.pdbx_blank_PDB_chainid_flag 
_struct_asym.pdbx_modified 
_struct_asym.entity_id 
_struct_asym.details 
A N N 1 ? 
B N N 2 ? 
# 
_struct_ref.id                         1 
_struct_ref.db_name                    UNP 
_struct_ref.db_code                    ATL_STAEP 
_struct_ref.pdbx_db_accession          O33635 
_struct_ref.entity_id                  1 
_struct_ref.pdbx_seq_one_letter_code   
;TTSTKPSQPSKPSGGTNNKLTVSANRGVAQIKPTNNGLYTTVYDSKGHKTDQVQKTLSVTKTATLGNNKFYLVEDYNSGK
KYGWVKQGDVVYNTAKAPVKVNQTYNVKAGSTLYTVPWGTPKQVASKVSGTGNQTFKATKQQQIDKATYLYGTVNGKSGW
ISKYYLTTASKPSNPTKPSTNNQLTVTNNSGVAQINAKNSGLYTTVYDTKGKTTNQIQRTLSVTKAATLGDKKFYLVGDY
NTGTNYGWVKQDEVIYNTAKSPVKINQTYNVKPGVKLHTVPWGTYNQVAGTVSGKGDQTFKATKQQQIDKATYLYGTVNG
KSGWISKYYLTA
;
_struct_ref.pdbx_align_begin           516 
_struct_ref.pdbx_db_isoform            ? 
# 
_struct_ref_seq.align_id                      1 
_struct_ref_seq.ref_id                        1 
_struct_ref_seq.pdbx_PDB_id_code              4EPC 
_struct_ref_seq.pdbx_strand_id                A 
_struct_ref_seq.seq_align_beg                 3 
_struct_ref_seq.pdbx_seq_align_beg_ins_code   ? 
_struct_ref_seq.seq_align_end                 334 
_struct_ref_seq.pdbx_seq_align_end_ins_code   ? 
_struct_ref_seq.pdbx_db_accession             O33635 
_struct_ref_seq.db_align_beg                  516 
_struct_ref_seq.pdbx_db_align_beg_ins_code    ? 
_struct_ref_seq.db_align_end                  847 
_struct_ref_seq.pdbx_db_align_end_ins_code    ? 
_struct_ref_seq.pdbx_auth_seq_align_beg       516 
_struct_ref_seq.pdbx_auth_seq_align_end       847 
# 
loop_
_struct_ref_seq_dif.align_id 
_struct_ref_seq_dif.pdbx_pdb_id_code 
_struct_ref_seq_dif.mon_id 
_struct_ref_seq_dif.pdbx_pdb_strand_id 
_struct_ref_seq_dif.seq_num 
_struct_ref_seq_dif.pdbx_pdb_ins_code 
_struct_ref_seq_dif.pdbx_seq_db_name 
_struct_ref_seq_dif.pdbx_seq_db_accession_code 
_struct_ref_seq_dif.db_mon_id 
_struct_ref_seq_dif.pdbx_seq_db_seq_num 
_struct_ref_seq_dif.details 
_struct_ref_seq_dif.pdbx_auth_seq_num 
_struct_ref_seq_dif.pdbx_ordinal 
1 4EPC GLY A 1 ? UNP O33635 ? ? 'expression tag' 514 1 
1 4EPC SER A 2 ? UNP O33635 ? ? 'expression tag' 515 2 
# 
_pdbx_struct_assembly.id                   1 
_pdbx_struct_assembly.details              author_and_software_defined_assembly 
_pdbx_struct_assembly.method_details       PISA 
_pdbx_struct_assembly.oligomeric_details   monomeric 
_pdbx_struct_assembly.oligomeric_count     1 
# 
_pdbx_struct_assembly_gen.assembly_id       1 
_pdbx_struct_assembly_gen.oper_expression   1 
_pdbx_struct_assembly_gen.asym_id_list      A,B 
# 
_pdbx_struct_oper_list.id                   1 
_pdbx_struct_oper_list.type                 'identity operation' 
_pdbx_struct_oper_list.name                 1_555 
_pdbx_struct_oper_list.symmetry_operation   x,y,z 
_pdbx_struct_oper_list.matrix[1][1]         1.0000000000 
_pdbx_struct_oper_list.matrix[1][2]         0.0000000000 
_pdbx_struct_oper_list.matrix[1][3]         0.0000000000 
_pdbx_struct_oper_list.vector[1]            0.0000000000 
_pdbx_struct_oper_list.matrix[2][1]         0.0000000000 
_pdbx_struct_oper_list.matrix[2][2]         1.0000000000 
_pdbx_struct_oper_list.matrix[2][3]         0.0000000000 
_pdbx_struct_oper_list.vector[2]            0.0000000000 
_pdbx_struct_oper_list.matrix[3][1]         0.0000000000 
_pdbx_struct_oper_list.matrix[3][2]         0.0000000000 
_pdbx_struct_oper_list.matrix[3][3]         1.0000000000 
_pdbx_struct_oper_list.vector[3]            0.0000000000 
# 
_struct_biol.id        1 
_struct_biol.details   ? 
# 
loop_
_struct_conf.conf_type_id 
_struct_conf.id 
_struct_conf.pdbx_PDB_helix_id 
_struct_conf.beg_label_comp_id 
_struct_conf.beg_label_asym_id 
_struct_conf.beg_label_seq_id 
_struct_conf.pdbx_beg_PDB_ins_code 
_struct_conf.end_label_comp_id 
_struct_conf.end_label_asym_id 
_struct_conf.end_label_seq_id 
_struct_conf.pdbx_end_PDB_ins_code 
_struct_conf.beg_auth_comp_id 
_struct_conf.beg_auth_asym_id 
_struct_conf.beg_auth_seq_id 
_struct_conf.end_auth_comp_id 
_struct_conf.end_auth_asym_id 
_struct_conf.end_auth_seq_id 
_struct_conf.pdbx_PDB_helix_class 
_struct_conf.details 
_struct_conf.pdbx_PDB_helix_length 
HELX_P HELX_P1 1 THR A 286 ? ASN A 288 ? THR A 799 ASN A 801 5 ? 3 
HELX_P HELX_P2 2 TYR A 330 ? LEU A 332 ? TYR A 843 LEU A 845 5 ? 3 
# 
_struct_conf_type.id          HELX_P 
_struct_conf_type.criteria    ? 
_struct_conf_type.reference   ? 
# 
loop_
_struct_conn.id 
_struct_conn.conn_type_id 
_struct_conn.pdbx_leaving_atom_flag 
_struct_conn.pdbx_PDB_id 
_struct_conn.ptnr1_label_asym_id 
_struct_conn.ptnr1_label_comp_id 
_struct_conn.ptnr1_label_seq_id 
_struct_conn.ptnr1_label_atom_id 
_struct_conn.pdbx_ptnr1_label_alt_id 
_struct_conn.pdbx_ptnr1_PDB_ins_code 
_struct_conn.pdbx_ptnr1_standard_comp_id 
_struct_conn.ptnr1_symmetry 
_struct_conn.ptnr2_label_asym_id 
_struct_conn.ptnr2_label_comp_id 
_struct_conn.ptnr2_label_seq_id 
_struct_conn.ptnr2_label_atom_id 
_struct_conn.pdbx_ptnr2_label_alt_id 
_struct_conn.pdbx_ptnr2_PDB_ins_code 
_struct_conn.ptnr1_auth_asym_id 
_struct_conn.ptnr1_auth_comp_id 
_struct_conn.ptnr1_auth_seq_id 
_struct_conn.ptnr2_auth_asym_id 
_struct_conn.ptnr2_auth_comp_id 
_struct_conn.ptnr2_auth_seq_id 
_struct_conn.ptnr2_symmetry 
_struct_conn.pdbx_ptnr3_label_atom_id 
_struct_conn.pdbx_ptnr3_label_seq_id 
_struct_conn.pdbx_ptnr3_label_comp_id 
_struct_conn.pdbx_ptnr3_label_asym_id 
_struct_conn.pdbx_ptnr3_label_alt_id 
_struct_conn.pdbx_ptnr3_PDB_ins_code 
_struct_conn.details 
_struct_conn.pdbx_dist_value 
_struct_conn.pdbx_value_order 
_struct_conn.pdbx_role 
covale1  covale both ? A ALA 199 C ? ? ? 1_555 A MLY 200 N ? ? A ALA 712 A MLY 713 1_555 ? ? ? ? ? ? ? 1.352 ? ? 
covale2  covale both ? A MLY 200 C ? ? ? 1_555 A ASN 201 N ? ? A MLY 713 A ASN 714 1_555 ? ? ? ? ? ? ? 1.360 ? ? 
covale3  covale both ? A THR 226 C ? ? ? 1_555 A MLY 227 N ? ? A THR 739 A MLY 740 1_555 ? ? ? ? ? ? ? 1.330 ? ? 
covale4  covale both ? A MLY 227 C ? ? ? 1_555 A ALA 228 N ? ? A MLY 740 A ALA 741 1_555 ? ? ? ? ? ? ? 1.336 ? ? 
covale5  covale both ? A ASP 233 C ? ? ? 1_555 A MLY 234 N ? ? A ASP 746 A MLY 747 1_555 ? ? ? ? ? ? ? 1.336 ? ? 
covale6  covale both ? A MLY 234 C ? ? ? 1_555 A MLY 235 N ? ? A MLY 747 A MLY 748 1_555 ? ? ? ? ? ? ? 1.351 ? ? 
covale7  covale both ? A MLY 235 C ? ? ? 1_555 A PHE 236 N ? ? A MLY 748 A PHE 749 1_555 ? ? ? ? ? ? ? 1.333 ? ? 
covale8  covale both ? A VAL 251 C ? ? ? 1_555 A MLY 252 N ? ? A VAL 764 A MLY 765 1_555 ? ? ? ? ? ? ? 1.349 ? ? 
covale9  covale both ? A MLY 252 C ? ? ? 1_555 A GLN 253 N ? ? A MLY 765 A GLN 766 1_555 ? ? ? ? ? ? ? 1.338 ? ? 
covale10 covale both ? A ALA 261 C ? ? ? 1_555 A MLY 262 N ? ? A ALA 774 A MLY 775 1_555 ? ? ? ? ? ? ? 1.335 ? ? 
covale11 covale both ? A MLY 262 C ? ? ? 1_555 A SER 263 N ? ? A MLY 775 A SER 776 1_555 ? ? ? ? ? ? ? 1.336 ? ? 
covale12 covale both ? A VAL 273 C ? ? ? 1_555 A MLY 274 N ? ? A VAL 786 A MLY 787 1_555 ? ? ? ? ? ? ? 1.333 ? ? 
covale13 covale both ? A MLY 274 C ? ? ? 1_555 A PRO 275 N ? ? A MLY 787 A PRO 788 1_555 ? ? ? ? ? ? ? 1.355 ? ? 
covale14 covale both ? A VAL 277 C ? ? ? 1_555 A MLY 278 N ? ? A VAL 790 A MLY 791 1_555 ? ? ? ? ? ? ? 1.346 ? ? 
covale15 covale both ? A MLY 278 C ? ? ? 1_555 A LEU 279 N ? ? A MLY 791 A LEU 792 1_555 ? ? ? ? ? ? ? 1.340 ? ? 
covale16 covale both ? A THR 305 C ? ? ? 1_555 A MLY 306 N ? ? A THR 818 A MLY 819 1_555 ? ? ? ? ? ? ? 1.326 ? ? 
covale17 covale both ? A MLY 306 C ? ? ? 1_555 A GLN 307 N ? ? A MLY 819 A GLN 820 1_555 ? ? ? ? ? ? ? 1.334 ? ? 
covale18 covale both ? A ASP 311 C ? ? ? 1_555 A MLY 312 N ? ? A ASP 824 A MLY 825 1_555 ? ? ? ? ? ? ? 1.348 ? ? 
covale19 covale both ? A MLY 312 C ? ? ? 1_555 A ALA 313 N ? ? A MLY 825 A ALA 826 1_555 ? ? ? ? ? ? ? 1.337 ? ? 
covale20 covale both ? A SER 328 C ? ? ? 1_555 A MLY 329 N ? ? A SER 841 A MLY 842 1_555 ? ? ? ? ? ? ? 1.341 ? ? 
covale21 covale both ? A MLY 329 C ? ? ? 1_555 A TYR 330 N ? ? A MLY 842 A TYR 843 1_555 ? ? ? ? ? ? ? 1.353 ? ? 
# 
_struct_conn_type.id          covale 
_struct_conn_type.criteria    ? 
_struct_conn_type.reference   ? 
# 
loop_
_pdbx_modification_feature.ordinal 
_pdbx_modification_feature.label_comp_id 
_pdbx_modification_feature.label_asym_id 
_pdbx_modification_feature.label_seq_id 
_pdbx_modification_feature.label_alt_id 
_pdbx_modification_feature.modified_residue_label_comp_id 
_pdbx_modification_feature.modified_residue_label_asym_id 
_pdbx_modification_feature.modified_residue_label_seq_id 
_pdbx_modification_feature.modified_residue_label_alt_id 
_pdbx_modification_feature.auth_comp_id 
_pdbx_modification_feature.auth_asym_id 
_pdbx_modification_feature.auth_seq_id 
_pdbx_modification_feature.PDB_ins_code 
_pdbx_modification_feature.symmetry 
_pdbx_modification_feature.modified_residue_auth_comp_id 
_pdbx_modification_feature.modified_residue_auth_asym_id 
_pdbx_modification_feature.modified_residue_auth_seq_id 
_pdbx_modification_feature.modified_residue_PDB_ins_code 
_pdbx_modification_feature.modified_residue_symmetry 
_pdbx_modification_feature.comp_id_linking_atom 
_pdbx_modification_feature.modified_residue_id_linking_atom 
_pdbx_modification_feature.modified_residue_id 
_pdbx_modification_feature.ref_pcm_id 
_pdbx_modification_feature.ref_comp_id 
_pdbx_modification_feature.type 
_pdbx_modification_feature.category 
1  MLY A 200 ? . . . . MLY A 713 ? 1_555 . . . . . . . LYS 1 MLY Methylation 'Named protein modification' 
2  MLY A 227 ? . . . . MLY A 740 ? 1_555 . . . . . . . LYS 1 MLY Methylation 'Named protein modification' 
3  MLY A 234 ? . . . . MLY A 747 ? 1_555 . . . . . . . LYS 1 MLY Methylation 'Named protein modification' 
4  MLY A 235 ? . . . . MLY A 748 ? 1_555 . . . . . . . LYS 1 MLY Methylation 'Named protein modification' 
5  MLY A 252 ? . . . . MLY A 765 ? 1_555 . . . . . . . LYS 1 MLY Methylation 'Named protein modification' 
6  MLY A 262 ? . . . . MLY A 775 ? 1_555 . . . . . . . LYS 1 MLY Methylation 'Named protein modification' 
7  MLY A 274 ? . . . . MLY A 787 ? 1_555 . . . . . . . LYS 1 MLY Methylation 'Named protein modification' 
8  MLY A 278 ? . . . . MLY A 791 ? 1_555 . . . . . . . LYS 1 MLY Methylation 'Named protein modification' 
9  MLY A 306 ? . . . . MLY A 819 ? 1_555 . . . . . . . LYS 1 MLY Methylation 'Named protein modification' 
10 MLY A 312 ? . . . . MLY A 825 ? 1_555 . . . . . . . LYS 1 MLY Methylation 'Named protein modification' 
11 MLY A 329 ? . . . . MLY A 842 ? 1_555 . . . . . . . LYS 1 MLY Methylation 'Named protein modification' 
# 
loop_
_struct_sheet.id 
_struct_sheet.type 
_struct_sheet.number_strands 
_struct_sheet.details 
A ? 4 ? 
B ? 2 ? 
C ? 4 ? 
D ? 2 ? 
# 
loop_
_struct_sheet_order.sheet_id 
_struct_sheet_order.range_id_1 
_struct_sheet_order.range_id_2 
_struct_sheet_order.offset 
_struct_sheet_order.sense 
A 1 2 ? anti-parallel 
A 2 3 ? anti-parallel 
A 3 4 ? anti-parallel 
B 1 2 ? anti-parallel 
C 1 2 ? anti-parallel 
C 2 3 ? anti-parallel 
C 3 4 ? anti-parallel 
D 1 2 ? anti-parallel 
# 
loop_
_struct_sheet_range.sheet_id 
_struct_sheet_range.id 
_struct_sheet_range.beg_label_comp_id 
_struct_sheet_range.beg_label_asym_id 
_struct_sheet_range.beg_label_seq_id 
_struct_sheet_range.pdbx_beg_PDB_ins_code 
_struct_sheet_range.end_label_comp_id 
_struct_sheet_range.end_label_asym_id 
_struct_sheet_range.end_label_seq_id 
_struct_sheet_range.pdbx_end_PDB_ins_code 
_struct_sheet_range.beg_auth_comp_id 
_struct_sheet_range.beg_auth_asym_id 
_struct_sheet_range.beg_auth_seq_id 
_struct_sheet_range.end_auth_comp_id 
_struct_sheet_range.end_auth_asym_id 
_struct_sheet_range.end_auth_seq_id 
A 1 LEU A 186 ? ASN A 190 ? LEU A 699 ASN A 703 
A 2 SER A 224 ? LEU A 231 ? SER A 737 LEU A 744 
A 3 MLY A 234 ? GLY A 240 ? MLY A 747 GLY A 753 
A 4 ASN A 247 ? MLY A 252 ? ASN A 760 MLY A 765 
B 1 GLY A 193 ? ILE A 197 ? GLY A 706 ILE A 710 
B 2 VAL A 256 ? THR A 260 ? VAL A 769 THR A 773 
C 1 VAL A 265 ? VAL A 273 ? VAL A 778 VAL A 786 
C 2 GLN A 300 ? ILE A 310 ? GLN A 813 ILE A 823 
C 3 ALA A 313 ? VAL A 320 ? ALA A 826 VAL A 833 
C 4 LYS A 323 ? SER A 328 ? LYS A 836 SER A 841 
D 1 MLY A 278 ? HIS A 280 ? MLY A 791 HIS A 793 
D 2 VAL A 290 ? THR A 293 ? VAL A 803 THR A 806 
# 
loop_
_pdbx_struct_sheet_hbond.sheet_id 
_pdbx_struct_sheet_hbond.range_id_1 
_pdbx_struct_sheet_hbond.range_id_2 
_pdbx_struct_sheet_hbond.range_1_label_atom_id 
_pdbx_struct_sheet_hbond.range_1_label_comp_id 
_pdbx_struct_sheet_hbond.range_1_label_asym_id 
_pdbx_struct_sheet_hbond.range_1_label_seq_id 
_pdbx_struct_sheet_hbond.range_1_PDB_ins_code 
_pdbx_struct_sheet_hbond.range_1_auth_atom_id 
_pdbx_struct_sheet_hbond.range_1_auth_comp_id 
_pdbx_struct_sheet_hbond.range_1_auth_asym_id 
_pdbx_struct_sheet_hbond.range_1_auth_seq_id 
_pdbx_struct_sheet_hbond.range_2_label_atom_id 
_pdbx_struct_sheet_hbond.range_2_label_comp_id 
_pdbx_struct_sheet_hbond.range_2_label_asym_id 
_pdbx_struct_sheet_hbond.range_2_label_seq_id 
_pdbx_struct_sheet_hbond.range_2_PDB_ins_code 
_pdbx_struct_sheet_hbond.range_2_auth_atom_id 
_pdbx_struct_sheet_hbond.range_2_auth_comp_id 
_pdbx_struct_sheet_hbond.range_2_auth_asym_id 
_pdbx_struct_sheet_hbond.range_2_auth_seq_id 
A 1 2 N THR A 187 ? N THR A 700 O THR A 230 ? O THR A 743 
A 2 3 N MLY A 227 ? N MLY A 740 O LEU A 238 ? O LEU A 751 
A 3 4 N VAL A 239 ? N VAL A 752 O GLY A 249 ? O GLY A 762 
B 1 2 N GLN A 196 ? N GLN A 709 O ILE A 257 ? O ILE A 770 
C 1 2 N VAL A 273 ? N VAL A 786 O GLN A 300 ? O GLN A 813 
C 2 3 N MLY A 306 ? N MLY A 819 O TYR A 317 ? O TYR A 830 
C 3 4 N LEU A 316 ? N LEU A 829 O ILE A 327 ? O ILE A 840 
D 1 2 N LEU A 279 ? N LEU A 792 O ALA A 291 ? O ALA A 804 
# 
_pdbx_entry_details.entry_id                   4EPC 
_pdbx_entry_details.nonpolymer_details         ? 
_pdbx_entry_details.sequence_details           ? 
_pdbx_entry_details.compound_details           
;RESIDUES 514-695 ARE MISSING IN THE COORDINATES. IN THE CRYSTAL LATTICE, HALF OF THE PROTEIN PROTRUDES INTO A LARGE SOLVENT CHANNEL VIA A FLEXIBLE LINKER AND IS DISORDERED
;
_pdbx_entry_details.source_details             ? 
_pdbx_entry_details.has_ligand_of_interest     ? 
_pdbx_entry_details.has_protein_modification   Y 
# 
loop_
_pdbx_validate_torsion.id 
_pdbx_validate_torsion.PDB_model_num 
_pdbx_validate_torsion.auth_comp_id 
_pdbx_validate_torsion.auth_asym_id 
_pdbx_validate_torsion.auth_seq_id 
_pdbx_validate_torsion.PDB_ins_code 
_pdbx_validate_torsion.label_alt_id 
_pdbx_validate_torsion.phi 
_pdbx_validate_torsion.psi 
1 1 GLN A 731 ? ? -93.31 48.07  
2 1 ASP A 824 ? ? 66.55  -96.75 
# 
loop_
_pdbx_struct_mod_residue.id 
_pdbx_struct_mod_residue.label_asym_id 
_pdbx_struct_mod_residue.label_comp_id 
_pdbx_struct_mod_residue.label_seq_id 
_pdbx_struct_mod_residue.auth_asym_id 
_pdbx_struct_mod_residue.auth_comp_id 
_pdbx_struct_mod_residue.auth_seq_id 
_pdbx_struct_mod_residue.PDB_ins_code 
_pdbx_struct_mod_residue.parent_comp_id 
_pdbx_struct_mod_residue.details 
1  A MLY 200 A MLY 713 ? LYS N-DIMETHYL-LYSINE 
2  A MLY 227 A MLY 740 ? LYS N-DIMETHYL-LYSINE 
3  A MLY 234 A MLY 747 ? LYS N-DIMETHYL-LYSINE 
4  A MLY 235 A MLY 748 ? LYS N-DIMETHYL-LYSINE 
5  A MLY 252 A MLY 765 ? LYS N-DIMETHYL-LYSINE 
6  A MLY 262 A MLY 775 ? LYS N-DIMETHYL-LYSINE 
7  A MLY 274 A MLY 787 ? LYS N-DIMETHYL-LYSINE 
8  A MLY 278 A MLY 791 ? LYS N-DIMETHYL-LYSINE 
9  A MLY 306 A MLY 819 ? LYS N-DIMETHYL-LYSINE 
10 A MLY 312 A MLY 825 ? LYS N-DIMETHYL-LYSINE 
11 A MLY 329 A MLY 842 ? LYS N-DIMETHYL-LYSINE 
# 
loop_
_pdbx_unobs_or_zero_occ_residues.id 
_pdbx_unobs_or_zero_occ_residues.PDB_model_num 
_pdbx_unobs_or_zero_occ_residues.polymer_flag 
_pdbx_unobs_or_zero_occ_residues.occupancy_flag 
_pdbx_unobs_or_zero_occ_residues.auth_asym_id 
_pdbx_unobs_or_zero_occ_residues.auth_comp_id 
_pdbx_unobs_or_zero_occ_residues.auth_seq_id 
_pdbx_unobs_or_zero_occ_residues.PDB_ins_code 
_pdbx_unobs_or_zero_occ_residues.label_asym_id 
_pdbx_unobs_or_zero_occ_residues.label_comp_id 
_pdbx_unobs_or_zero_occ_residues.label_seq_id 
1   1 Y 1 A GLY 514 ? A GLY 1   
2   1 Y 1 A SER 515 ? A SER 2   
3   1 Y 1 A THR 516 ? A THR 3   
4   1 Y 1 A THR 517 ? A THR 4   
5   1 Y 1 A SER 518 ? A SER 5   
6   1 Y 1 A THR 519 ? A THR 6   
7   1 Y 1 A LYS 520 ? A LYS 7   
8   1 Y 1 A PRO 521 ? A PRO 8   
9   1 Y 1 A SER 522 ? A SER 9   
10  1 Y 1 A GLN 523 ? A GLN 10  
11  1 Y 1 A PRO 524 ? A PRO 11  
12  1 Y 1 A SER 525 ? A SER 12  
13  1 Y 1 A LYS 526 ? A LYS 13  
14  1 Y 1 A PRO 527 ? A PRO 14  
15  1 Y 1 A SER 528 ? A SER 15  
16  1 Y 1 A GLY 529 ? A GLY 16  
17  1 Y 1 A GLY 530 ? A GLY 17  
18  1 Y 1 A THR 531 ? A THR 18  
19  1 Y 1 A ASN 532 ? A ASN 19  
20  1 Y 1 A ASN 533 ? A ASN 20  
21  1 Y 1 A LYS 534 ? A LYS 21  
22  1 Y 1 A LEU 535 ? A LEU 22  
23  1 Y 1 A THR 536 ? A THR 23  
24  1 Y 1 A VAL 537 ? A VAL 24  
25  1 Y 1 A SER 538 ? A SER 25  
26  1 Y 1 A ALA 539 ? A ALA 26  
27  1 Y 1 A ASN 540 ? A ASN 27  
28  1 Y 1 A ARG 541 ? A ARG 28  
29  1 Y 1 A GLY 542 ? A GLY 29  
30  1 Y 1 A VAL 543 ? A VAL 30  
31  1 Y 1 A ALA 544 ? A ALA 31  
32  1 Y 1 A GLN 545 ? A GLN 32  
33  1 Y 1 A ILE 546 ? A ILE 33  
34  1 Y 1 A LYS 547 ? A LYS 34  
35  1 Y 1 A PRO 548 ? A PRO 35  
36  1 Y 1 A THR 549 ? A THR 36  
37  1 Y 1 A ASN 550 ? A ASN 37  
38  1 Y 1 A ASN 551 ? A ASN 38  
39  1 Y 1 A GLY 552 ? A GLY 39  
40  1 Y 1 A LEU 553 ? A LEU 40  
41  1 Y 1 A TYR 554 ? A TYR 41  
42  1 Y 1 A THR 555 ? A THR 42  
43  1 Y 1 A THR 556 ? A THR 43  
44  1 Y 1 A VAL 557 ? A VAL 44  
45  1 Y 1 A TYR 558 ? A TYR 45  
46  1 Y 1 A ASP 559 ? A ASP 46  
47  1 Y 1 A SER 560 ? A SER 47  
48  1 Y 1 A LYS 561 ? A LYS 48  
49  1 Y 1 A GLY 562 ? A GLY 49  
50  1 Y 1 A HIS 563 ? A HIS 50  
51  1 Y 1 A LYS 564 ? A LYS 51  
52  1 Y 1 A THR 565 ? A THR 52  
53  1 Y 1 A ASP 566 ? A ASP 53  
54  1 Y 1 A GLN 567 ? A GLN 54  
55  1 Y 1 A VAL 568 ? A VAL 55  
56  1 Y 1 A GLN 569 ? A GLN 56  
57  1 Y 1 A LYS 570 ? A LYS 57  
58  1 Y 1 A THR 571 ? A THR 58  
59  1 Y 1 A LEU 572 ? A LEU 59  
60  1 Y 1 A SER 573 ? A SER 60  
61  1 Y 1 A VAL 574 ? A VAL 61  
62  1 Y 1 A THR 575 ? A THR 62  
63  1 Y 1 A LYS 576 ? A LYS 63  
64  1 Y 1 A THR 577 ? A THR 64  
65  1 Y 1 A ALA 578 ? A ALA 65  
66  1 Y 1 A THR 579 ? A THR 66  
67  1 Y 1 A LEU 580 ? A LEU 67  
68  1 Y 1 A GLY 581 ? A GLY 68  
69  1 Y 1 A ASN 582 ? A ASN 69  
70  1 Y 1 A ASN 583 ? A ASN 70  
71  1 Y 1 A LYS 584 ? A LYS 71  
72  1 Y 1 A PHE 585 ? A PHE 72  
73  1 Y 1 A TYR 586 ? A TYR 73  
74  1 Y 1 A LEU 587 ? A LEU 74  
75  1 Y 1 A VAL 588 ? A VAL 75  
76  1 Y 1 A GLU 589 ? A GLU 76  
77  1 Y 1 A ASP 590 ? A ASP 77  
78  1 Y 1 A TYR 591 ? A TYR 78  
79  1 Y 1 A ASN 592 ? A ASN 79  
80  1 Y 1 A SER 593 ? A SER 80  
81  1 Y 1 A GLY 594 ? A GLY 81  
82  1 Y 1 A LYS 595 ? A LYS 82  
83  1 Y 1 A LYS 596 ? A LYS 83  
84  1 Y 1 A TYR 597 ? A TYR 84  
85  1 Y 1 A GLY 598 ? A GLY 85  
86  1 Y 1 A TRP 599 ? A TRP 86  
87  1 Y 1 A VAL 600 ? A VAL 87  
88  1 Y 1 A LYS 601 ? A LYS 88  
89  1 Y 1 A GLN 602 ? A GLN 89  
90  1 Y 1 A GLY 603 ? A GLY 90  
91  1 Y 1 A ASP 604 ? A ASP 91  
92  1 Y 1 A VAL 605 ? A VAL 92  
93  1 Y 1 A VAL 606 ? A VAL 93  
94  1 Y 1 A TYR 607 ? A TYR 94  
95  1 Y 1 A ASN 608 ? A ASN 95  
96  1 Y 1 A THR 609 ? A THR 96  
97  1 Y 1 A ALA 610 ? A ALA 97  
98  1 Y 1 A LYS 611 ? A LYS 98  
99  1 Y 1 A ALA 612 ? A ALA 99  
100 1 Y 1 A PRO 613 ? A PRO 100 
101 1 Y 1 A VAL 614 ? A VAL 101 
102 1 Y 1 A LYS 615 ? A LYS 102 
103 1 Y 1 A VAL 616 ? A VAL 103 
104 1 Y 1 A ASN 617 ? A ASN 104 
105 1 Y 1 A GLN 618 ? A GLN 105 
106 1 Y 1 A THR 619 ? A THR 106 
107 1 Y 1 A TYR 620 ? A TYR 107 
108 1 Y 1 A ASN 621 ? A ASN 108 
109 1 Y 1 A VAL 622 ? A VAL 109 
110 1 Y 1 A LYS 623 ? A LYS 110 
111 1 Y 1 A ALA 624 ? A ALA 111 
112 1 Y 1 A GLY 625 ? A GLY 112 
113 1 Y 1 A SER 626 ? A SER 113 
114 1 Y 1 A THR 627 ? A THR 114 
115 1 Y 1 A LEU 628 ? A LEU 115 
116 1 Y 1 A TYR 629 ? A TYR 116 
117 1 Y 1 A THR 630 ? A THR 117 
118 1 Y 1 A VAL 631 ? A VAL 118 
119 1 Y 1 A PRO 632 ? A PRO 119 
120 1 Y 1 A TRP 633 ? A TRP 120 
121 1 Y 1 A GLY 634 ? A GLY 121 
122 1 Y 1 A THR 635 ? A THR 122 
123 1 Y 1 A PRO 636 ? A PRO 123 
124 1 Y 1 A LYS 637 ? A LYS 124 
125 1 Y 1 A GLN 638 ? A GLN 125 
126 1 Y 1 A VAL 639 ? A VAL 126 
127 1 Y 1 A ALA 640 ? A ALA 127 
128 1 Y 1 A SER 641 ? A SER 128 
129 1 Y 1 A LYS 642 ? A LYS 129 
130 1 Y 1 A VAL 643 ? A VAL 130 
131 1 Y 1 A SER 644 ? A SER 131 
132 1 Y 1 A GLY 645 ? A GLY 132 
133 1 Y 1 A THR 646 ? A THR 133 
134 1 Y 1 A GLY 647 ? A GLY 134 
135 1 Y 1 A ASN 648 ? A ASN 135 
136 1 Y 1 A GLN 649 ? A GLN 136 
137 1 Y 1 A THR 650 ? A THR 137 
138 1 Y 1 A PHE 651 ? A PHE 138 
139 1 Y 1 A LYS 652 ? A LYS 139 
140 1 Y 1 A ALA 653 ? A ALA 140 
141 1 Y 1 A THR 654 ? A THR 141 
142 1 Y 1 A LYS 655 ? A LYS 142 
143 1 Y 1 A GLN 656 ? A GLN 143 
144 1 Y 1 A GLN 657 ? A GLN 144 
145 1 Y 1 A GLN 658 ? A GLN 145 
146 1 Y 1 A ILE 659 ? A ILE 146 
147 1 Y 1 A ASP 660 ? A ASP 147 
148 1 Y 1 A LYS 661 ? A LYS 148 
149 1 Y 1 A ALA 662 ? A ALA 149 
150 1 Y 1 A THR 663 ? A THR 150 
151 1 Y 1 A TYR 664 ? A TYR 151 
152 1 Y 1 A LEU 665 ? A LEU 152 
153 1 Y 1 A TYR 666 ? A TYR 153 
154 1 Y 1 A GLY 667 ? A GLY 154 
155 1 Y 1 A THR 668 ? A THR 155 
156 1 Y 1 A VAL 669 ? A VAL 156 
157 1 Y 1 A ASN 670 ? A ASN 157 
158 1 Y 1 A GLY 671 ? A GLY 158 
159 1 Y 1 A LYS 672 ? A LYS 159 
160 1 Y 1 A SER 673 ? A SER 160 
161 1 Y 1 A GLY 674 ? A GLY 161 
162 1 Y 1 A TRP 675 ? A TRP 162 
163 1 Y 1 A ILE 676 ? A ILE 163 
164 1 Y 1 A SER 677 ? A SER 164 
165 1 Y 1 A LYS 678 ? A LYS 165 
166 1 Y 1 A TYR 679 ? A TYR 166 
167 1 Y 1 A TYR 680 ? A TYR 167 
168 1 Y 1 A LEU 681 ? A LEU 168 
169 1 Y 1 A THR 682 ? A THR 169 
170 1 Y 1 A THR 683 ? A THR 170 
171 1 Y 1 A ALA 684 ? A ALA 171 
172 1 Y 1 A SER 685 ? A SER 172 
173 1 Y 1 A LYS 686 ? A LYS 173 
174 1 Y 1 A PRO 687 ? A PRO 174 
175 1 Y 1 A SER 688 ? A SER 175 
176 1 Y 1 A ASN 689 ? A ASN 176 
177 1 Y 1 A PRO 690 ? A PRO 177 
178 1 Y 1 A THR 691 ? A THR 178 
179 1 Y 1 A LYS 692 ? A LYS 179 
180 1 Y 1 A PRO 693 ? A PRO 180 
181 1 Y 1 A SER 694 ? A SER 181 
182 1 Y 1 A THR 695 ? A THR 182 
# 
loop_
_chem_comp_atom.comp_id 
_chem_comp_atom.atom_id 
_chem_comp_atom.type_symbol 
_chem_comp_atom.pdbx_aromatic_flag 
_chem_comp_atom.pdbx_stereo_config 
_chem_comp_atom.pdbx_ordinal 
ALA N    N N N 1   
ALA CA   C N S 2   
ALA C    C N N 3   
ALA O    O N N 4   
ALA CB   C N N 5   
ALA OXT  O N N 6   
ALA H    H N N 7   
ALA H2   H N N 8   
ALA HA   H N N 9   
ALA HB1  H N N 10  
ALA HB2  H N N 11  
ALA HB3  H N N 12  
ALA HXT  H N N 13  
ARG N    N N N 14  
ARG CA   C N S 15  
ARG C    C N N 16  
ARG O    O N N 17  
ARG CB   C N N 18  
ARG CG   C N N 19  
ARG CD   C N N 20  
ARG NE   N N N 21  
ARG CZ   C N N 22  
ARG NH1  N N N 23  
ARG NH2  N N N 24  
ARG OXT  O N N 25  
ARG H    H N N 26  
ARG H2   H N N 27  
ARG HA   H N N 28  
ARG HB2  H N N 29  
ARG HB3  H N N 30  
ARG HG2  H N N 31  
ARG HG3  H N N 32  
ARG HD2  H N N 33  
ARG HD3  H N N 34  
ARG HE   H N N 35  
ARG HH11 H N N 36  
ARG HH12 H N N 37  
ARG HH21 H N N 38  
ARG HH22 H N N 39  
ARG HXT  H N N 40  
ASN N    N N N 41  
ASN CA   C N S 42  
ASN C    C N N 43  
ASN O    O N N 44  
ASN CB   C N N 45  
ASN CG   C N N 46  
ASN OD1  O N N 47  
ASN ND2  N N N 48  
ASN OXT  O N N 49  
ASN H    H N N 50  
ASN H2   H N N 51  
ASN HA   H N N 52  
ASN HB2  H N N 53  
ASN HB3  H N N 54  
ASN HD21 H N N 55  
ASN HD22 H N N 56  
ASN HXT  H N N 57  
ASP N    N N N 58  
ASP CA   C N S 59  
ASP C    C N N 60  
ASP O    O N N 61  
ASP CB   C N N 62  
ASP CG   C N N 63  
ASP OD1  O N N 64  
ASP OD2  O N N 65  
ASP OXT  O N N 66  
ASP H    H N N 67  
ASP H2   H N N 68  
ASP HA   H N N 69  
ASP HB2  H N N 70  
ASP HB3  H N N 71  
ASP HD2  H N N 72  
ASP HXT  H N N 73  
GLN N    N N N 74  
GLN CA   C N S 75  
GLN C    C N N 76  
GLN O    O N N 77  
GLN CB   C N N 78  
GLN CG   C N N 79  
GLN CD   C N N 80  
GLN OE1  O N N 81  
GLN NE2  N N N 82  
GLN OXT  O N N 83  
GLN H    H N N 84  
GLN H2   H N N 85  
GLN HA   H N N 86  
GLN HB2  H N N 87  
GLN HB3  H N N 88  
GLN HG2  H N N 89  
GLN HG3  H N N 90  
GLN HE21 H N N 91  
GLN HE22 H N N 92  
GLN HXT  H N N 93  
GLU N    N N N 94  
GLU CA   C N S 95  
GLU C    C N N 96  
GLU O    O N N 97  
GLU CB   C N N 98  
GLU CG   C N N 99  
GLU CD   C N N 100 
GLU OE1  O N N 101 
GLU OE2  O N N 102 
GLU OXT  O N N 103 
GLU H    H N N 104 
GLU H2   H N N 105 
GLU HA   H N N 106 
GLU HB2  H N N 107 
GLU HB3  H N N 108 
GLU HG2  H N N 109 
GLU HG3  H N N 110 
GLU HE2  H N N 111 
GLU HXT  H N N 112 
GLY N    N N N 113 
GLY CA   C N N 114 
GLY C    C N N 115 
GLY O    O N N 116 
GLY OXT  O N N 117 
GLY H    H N N 118 
GLY H2   H N N 119 
GLY HA2  H N N 120 
GLY HA3  H N N 121 
GLY HXT  H N N 122 
HIS N    N N N 123 
HIS CA   C N S 124 
HIS C    C N N 125 
HIS O    O N N 126 
HIS CB   C N N 127 
HIS CG   C Y N 128 
HIS ND1  N Y N 129 
HIS CD2  C Y N 130 
HIS CE1  C Y N 131 
HIS NE2  N Y N 132 
HIS OXT  O N N 133 
HIS H    H N N 134 
HIS H2   H N N 135 
HIS HA   H N N 136 
HIS HB2  H N N 137 
HIS HB3  H N N 138 
HIS HD1  H N N 139 
HIS HD2  H N N 140 
HIS HE1  H N N 141 
HIS HE2  H N N 142 
HIS HXT  H N N 143 
HOH O    O N N 144 
HOH H1   H N N 145 
HOH H2   H N N 146 
ILE N    N N N 147 
ILE CA   C N S 148 
ILE C    C N N 149 
ILE O    O N N 150 
ILE CB   C N S 151 
ILE CG1  C N N 152 
ILE CG2  C N N 153 
ILE CD1  C N N 154 
ILE OXT  O N N 155 
ILE H    H N N 156 
ILE H2   H N N 157 
ILE HA   H N N 158 
ILE HB   H N N 159 
ILE HG12 H N N 160 
ILE HG13 H N N 161 
ILE HG21 H N N 162 
ILE HG22 H N N 163 
ILE HG23 H N N 164 
ILE HD11 H N N 165 
ILE HD12 H N N 166 
ILE HD13 H N N 167 
ILE HXT  H N N 168 
LEU N    N N N 169 
LEU CA   C N S 170 
LEU C    C N N 171 
LEU O    O N N 172 
LEU CB   C N N 173 
LEU CG   C N N 174 
LEU CD1  C N N 175 
LEU CD2  C N N 176 
LEU OXT  O N N 177 
LEU H    H N N 178 
LEU H2   H N N 179 
LEU HA   H N N 180 
LEU HB2  H N N 181 
LEU HB3  H N N 182 
LEU HG   H N N 183 
LEU HD11 H N N 184 
LEU HD12 H N N 185 
LEU HD13 H N N 186 
LEU HD21 H N N 187 
LEU HD22 H N N 188 
LEU HD23 H N N 189 
LEU HXT  H N N 190 
LYS N    N N N 191 
LYS CA   C N S 192 
LYS C    C N N 193 
LYS O    O N N 194 
LYS CB   C N N 195 
LYS CG   C N N 196 
LYS CD   C N N 197 
LYS CE   C N N 198 
LYS NZ   N N N 199 
LYS OXT  O N N 200 
LYS H    H N N 201 
LYS H2   H N N 202 
LYS HA   H N N 203 
LYS HB2  H N N 204 
LYS HB3  H N N 205 
LYS HG2  H N N 206 
LYS HG3  H N N 207 
LYS HD2  H N N 208 
LYS HD3  H N N 209 
LYS HE2  H N N 210 
LYS HE3  H N N 211 
LYS HZ1  H N N 212 
LYS HZ2  H N N 213 
LYS HZ3  H N N 214 
LYS HXT  H N N 215 
MLY N    N N N 216 
MLY CA   C N S 217 
MLY CB   C N N 218 
MLY CG   C N N 219 
MLY CD   C N N 220 
MLY CE   C N N 221 
MLY NZ   N N N 222 
MLY CH1  C N N 223 
MLY CH2  C N N 224 
MLY C    C N N 225 
MLY O    O N N 226 
MLY OXT  O N N 227 
MLY H    H N N 228 
MLY H2   H N N 229 
MLY HA   H N N 230 
MLY HB2  H N N 231 
MLY HB3  H N N 232 
MLY HG2  H N N 233 
MLY HG3  H N N 234 
MLY HD2  H N N 235 
MLY HD3  H N N 236 
MLY HE2  H N N 237 
MLY HE3  H N N 238 
MLY HH11 H N N 239 
MLY HH12 H N N 240 
MLY HH13 H N N 241 
MLY HH21 H N N 242 
MLY HH22 H N N 243 
MLY HH23 H N N 244 
MLY HXT  H N N 245 
PHE N    N N N 246 
PHE CA   C N S 247 
PHE C    C N N 248 
PHE O    O N N 249 
PHE CB   C N N 250 
PHE CG   C Y N 251 
PHE CD1  C Y N 252 
PHE CD2  C Y N 253 
PHE CE1  C Y N 254 
PHE CE2  C Y N 255 
PHE CZ   C Y N 256 
PHE OXT  O N N 257 
PHE H    H N N 258 
PHE H2   H N N 259 
PHE HA   H N N 260 
PHE HB2  H N N 261 
PHE HB3  H N N 262 
PHE HD1  H N N 263 
PHE HD2  H N N 264 
PHE HE1  H N N 265 
PHE HE2  H N N 266 
PHE HZ   H N N 267 
PHE HXT  H N N 268 
PRO N    N N N 269 
PRO CA   C N S 270 
PRO C    C N N 271 
PRO O    O N N 272 
PRO CB   C N N 273 
PRO CG   C N N 274 
PRO CD   C N N 275 
PRO OXT  O N N 276 
PRO H    H N N 277 
PRO HA   H N N 278 
PRO HB2  H N N 279 
PRO HB3  H N N 280 
PRO HG2  H N N 281 
PRO HG3  H N N 282 
PRO HD2  H N N 283 
PRO HD3  H N N 284 
PRO HXT  H N N 285 
SER N    N N N 286 
SER CA   C N S 287 
SER C    C N N 288 
SER O    O N N 289 
SER CB   C N N 290 
SER OG   O N N 291 
SER OXT  O N N 292 
SER H    H N N 293 
SER H2   H N N 294 
SER HA   H N N 295 
SER HB2  H N N 296 
SER HB3  H N N 297 
SER HG   H N N 298 
SER HXT  H N N 299 
THR N    N N N 300 
THR CA   C N S 301 
THR C    C N N 302 
THR O    O N N 303 
THR CB   C N R 304 
THR OG1  O N N 305 
THR CG2  C N N 306 
THR OXT  O N N 307 
THR H    H N N 308 
THR H2   H N N 309 
THR HA   H N N 310 
THR HB   H N N 311 
THR HG1  H N N 312 
THR HG21 H N N 313 
THR HG22 H N N 314 
THR HG23 H N N 315 
THR HXT  H N N 316 
TRP N    N N N 317 
TRP CA   C N S 318 
TRP C    C N N 319 
TRP O    O N N 320 
TRP CB   C N N 321 
TRP CG   C Y N 322 
TRP CD1  C Y N 323 
TRP CD2  C Y N 324 
TRP NE1  N Y N 325 
TRP CE2  C Y N 326 
TRP CE3  C Y N 327 
TRP CZ2  C Y N 328 
TRP CZ3  C Y N 329 
TRP CH2  C Y N 330 
TRP OXT  O N N 331 
TRP H    H N N 332 
TRP H2   H N N 333 
TRP HA   H N N 334 
TRP HB2  H N N 335 
TRP HB3  H N N 336 
TRP HD1  H N N 337 
TRP HE1  H N N 338 
TRP HE3  H N N 339 
TRP HZ2  H N N 340 
TRP HZ3  H N N 341 
TRP HH2  H N N 342 
TRP HXT  H N N 343 
TYR N    N N N 344 
TYR CA   C N S 345 
TYR C    C N N 346 
TYR O    O N N 347 
TYR CB   C N N 348 
TYR CG   C Y N 349 
TYR CD1  C Y N 350 
TYR CD2  C Y N 351 
TYR CE1  C Y N 352 
TYR CE2  C Y N 353 
TYR CZ   C Y N 354 
TYR OH   O N N 355 
TYR OXT  O N N 356 
TYR H    H N N 357 
TYR H2   H N N 358 
TYR HA   H N N 359 
TYR HB2  H N N 360 
TYR HB3  H N N 361 
TYR HD1  H N N 362 
TYR HD2  H N N 363 
TYR HE1  H N N 364 
TYR HE2  H N N 365 
TYR HH   H N N 366 
TYR HXT  H N N 367 
VAL N    N N N 368 
VAL CA   C N S 369 
VAL C    C N N 370 
VAL O    O N N 371 
VAL CB   C N N 372 
VAL CG1  C N N 373 
VAL CG2  C N N 374 
VAL OXT  O N N 375 
VAL H    H N N 376 
VAL H2   H N N 377 
VAL HA   H N N 378 
VAL HB   H N N 379 
VAL HG11 H N N 380 
VAL HG12 H N N 381 
VAL HG13 H N N 382 
VAL HG21 H N N 383 
VAL HG22 H N N 384 
VAL HG23 H N N 385 
VAL HXT  H N N 386 
# 
loop_
_chem_comp_bond.comp_id 
_chem_comp_bond.atom_id_1 
_chem_comp_bond.atom_id_2 
_chem_comp_bond.value_order 
_chem_comp_bond.pdbx_aromatic_flag 
_chem_comp_bond.pdbx_stereo_config 
_chem_comp_bond.pdbx_ordinal 
ALA N   CA   sing N N 1   
ALA N   H    sing N N 2   
ALA N   H2   sing N N 3   
ALA CA  C    sing N N 4   
ALA CA  CB   sing N N 5   
ALA CA  HA   sing N N 6   
ALA C   O    doub N N 7   
ALA C   OXT  sing N N 8   
ALA CB  HB1  sing N N 9   
ALA CB  HB2  sing N N 10  
ALA CB  HB3  sing N N 11  
ALA OXT HXT  sing N N 12  
ARG N   CA   sing N N 13  
ARG N   H    sing N N 14  
ARG N   H2   sing N N 15  
ARG CA  C    sing N N 16  
ARG CA  CB   sing N N 17  
ARG CA  HA   sing N N 18  
ARG C   O    doub N N 19  
ARG C   OXT  sing N N 20  
ARG CB  CG   sing N N 21  
ARG CB  HB2  sing N N 22  
ARG CB  HB3  sing N N 23  
ARG CG  CD   sing N N 24  
ARG CG  HG2  sing N N 25  
ARG CG  HG3  sing N N 26  
ARG CD  NE   sing N N 27  
ARG CD  HD2  sing N N 28  
ARG CD  HD3  sing N N 29  
ARG NE  CZ   sing N N 30  
ARG NE  HE   sing N N 31  
ARG CZ  NH1  sing N N 32  
ARG CZ  NH2  doub N N 33  
ARG NH1 HH11 sing N N 34  
ARG NH1 HH12 sing N N 35  
ARG NH2 HH21 sing N N 36  
ARG NH2 HH22 sing N N 37  
ARG OXT HXT  sing N N 38  
ASN N   CA   sing N N 39  
ASN N   H    sing N N 40  
ASN N   H2   sing N N 41  
ASN CA  C    sing N N 42  
ASN CA  CB   sing N N 43  
ASN CA  HA   sing N N 44  
ASN C   O    doub N N 45  
ASN C   OXT  sing N N 46  
ASN CB  CG   sing N N 47  
ASN CB  HB2  sing N N 48  
ASN CB  HB3  sing N N 49  
ASN CG  OD1  doub N N 50  
ASN CG  ND2  sing N N 51  
ASN ND2 HD21 sing N N 52  
ASN ND2 HD22 sing N N 53  
ASN OXT HXT  sing N N 54  
ASP N   CA   sing N N 55  
ASP N   H    sing N N 56  
ASP N   H2   sing N N 57  
ASP CA  C    sing N N 58  
ASP CA  CB   sing N N 59  
ASP CA  HA   sing N N 60  
ASP C   O    doub N N 61  
ASP C   OXT  sing N N 62  
ASP CB  CG   sing N N 63  
ASP CB  HB2  sing N N 64  
ASP CB  HB3  sing N N 65  
ASP CG  OD1  doub N N 66  
ASP CG  OD2  sing N N 67  
ASP OD2 HD2  sing N N 68  
ASP OXT HXT  sing N N 69  
GLN N   CA   sing N N 70  
GLN N   H    sing N N 71  
GLN N   H2   sing N N 72  
GLN CA  C    sing N N 73  
GLN CA  CB   sing N N 74  
GLN CA  HA   sing N N 75  
GLN C   O    doub N N 76  
GLN C   OXT  sing N N 77  
GLN CB  CG   sing N N 78  
GLN CB  HB2  sing N N 79  
GLN CB  HB3  sing N N 80  
GLN CG  CD   sing N N 81  
GLN CG  HG2  sing N N 82  
GLN CG  HG3  sing N N 83  
GLN CD  OE1  doub N N 84  
GLN CD  NE2  sing N N 85  
GLN NE2 HE21 sing N N 86  
GLN NE2 HE22 sing N N 87  
GLN OXT HXT  sing N N 88  
GLU N   CA   sing N N 89  
GLU N   H    sing N N 90  
GLU N   H2   sing N N 91  
GLU CA  C    sing N N 92  
GLU CA  CB   sing N N 93  
GLU CA  HA   sing N N 94  
GLU C   O    doub N N 95  
GLU C   OXT  sing N N 96  
GLU CB  CG   sing N N 97  
GLU CB  HB2  sing N N 98  
GLU CB  HB3  sing N N 99  
GLU CG  CD   sing N N 100 
GLU CG  HG2  sing N N 101 
GLU CG  HG3  sing N N 102 
GLU CD  OE1  doub N N 103 
GLU CD  OE2  sing N N 104 
GLU OE2 HE2  sing N N 105 
GLU OXT HXT  sing N N 106 
GLY N   CA   sing N N 107 
GLY N   H    sing N N 108 
GLY N   H2   sing N N 109 
GLY CA  C    sing N N 110 
GLY CA  HA2  sing N N 111 
GLY CA  HA3  sing N N 112 
GLY C   O    doub N N 113 
GLY C   OXT  sing N N 114 
GLY OXT HXT  sing N N 115 
HIS N   CA   sing N N 116 
HIS N   H    sing N N 117 
HIS N   H2   sing N N 118 
HIS CA  C    sing N N 119 
HIS CA  CB   sing N N 120 
HIS CA  HA   sing N N 121 
HIS C   O    doub N N 122 
HIS C   OXT  sing N N 123 
HIS CB  CG   sing N N 124 
HIS CB  HB2  sing N N 125 
HIS CB  HB3  sing N N 126 
HIS CG  ND1  sing Y N 127 
HIS CG  CD2  doub Y N 128 
HIS ND1 CE1  doub Y N 129 
HIS ND1 HD1  sing N N 130 
HIS CD2 NE2  sing Y N 131 
HIS CD2 HD2  sing N N 132 
HIS CE1 NE2  sing Y N 133 
HIS CE1 HE1  sing N N 134 
HIS NE2 HE2  sing N N 135 
HIS OXT HXT  sing N N 136 
HOH O   H1   sing N N 137 
HOH O   H2   sing N N 138 
ILE N   CA   sing N N 139 
ILE N   H    sing N N 140 
ILE N   H2   sing N N 141 
ILE CA  C    sing N N 142 
ILE CA  CB   sing N N 143 
ILE CA  HA   sing N N 144 
ILE C   O    doub N N 145 
ILE C   OXT  sing N N 146 
ILE CB  CG1  sing N N 147 
ILE CB  CG2  sing N N 148 
ILE CB  HB   sing N N 149 
ILE CG1 CD1  sing N N 150 
ILE CG1 HG12 sing N N 151 
ILE CG1 HG13 sing N N 152 
ILE CG2 HG21 sing N N 153 
ILE CG2 HG22 sing N N 154 
ILE CG2 HG23 sing N N 155 
ILE CD1 HD11 sing N N 156 
ILE CD1 HD12 sing N N 157 
ILE CD1 HD13 sing N N 158 
ILE OXT HXT  sing N N 159 
LEU N   CA   sing N N 160 
LEU N   H    sing N N 161 
LEU N   H2   sing N N 162 
LEU CA  C    sing N N 163 
LEU CA  CB   sing N N 164 
LEU CA  HA   sing N N 165 
LEU C   O    doub N N 166 
LEU C   OXT  sing N N 167 
LEU CB  CG   sing N N 168 
LEU CB  HB2  sing N N 169 
LEU CB  HB3  sing N N 170 
LEU CG  CD1  sing N N 171 
LEU CG  CD2  sing N N 172 
LEU CG  HG   sing N N 173 
LEU CD1 HD11 sing N N 174 
LEU CD1 HD12 sing N N 175 
LEU CD1 HD13 sing N N 176 
LEU CD2 HD21 sing N N 177 
LEU CD2 HD22 sing N N 178 
LEU CD2 HD23 sing N N 179 
LEU OXT HXT  sing N N 180 
LYS N   CA   sing N N 181 
LYS N   H    sing N N 182 
LYS N   H2   sing N N 183 
LYS CA  C    sing N N 184 
LYS CA  CB   sing N N 185 
LYS CA  HA   sing N N 186 
LYS C   O    doub N N 187 
LYS C   OXT  sing N N 188 
LYS CB  CG   sing N N 189 
LYS CB  HB2  sing N N 190 
LYS CB  HB3  sing N N 191 
LYS CG  CD   sing N N 192 
LYS CG  HG2  sing N N 193 
LYS CG  HG3  sing N N 194 
LYS CD  CE   sing N N 195 
LYS CD  HD2  sing N N 196 
LYS CD  HD3  sing N N 197 
LYS CE  NZ   sing N N 198 
LYS CE  HE2  sing N N 199 
LYS CE  HE3  sing N N 200 
LYS NZ  HZ1  sing N N 201 
LYS NZ  HZ2  sing N N 202 
LYS NZ  HZ3  sing N N 203 
LYS OXT HXT  sing N N 204 
MLY N   CA   sing N N 205 
MLY N   H    sing N N 206 
MLY N   H2   sing N N 207 
MLY CA  CB   sing N N 208 
MLY CA  C    sing N N 209 
MLY CA  HA   sing N N 210 
MLY CB  CG   sing N N 211 
MLY CB  HB2  sing N N 212 
MLY CB  HB3  sing N N 213 
MLY CG  CD   sing N N 214 
MLY CG  HG2  sing N N 215 
MLY CG  HG3  sing N N 216 
MLY CD  CE   sing N N 217 
MLY CD  HD2  sing N N 218 
MLY CD  HD3  sing N N 219 
MLY CE  NZ   sing N N 220 
MLY CE  HE2  sing N N 221 
MLY CE  HE3  sing N N 222 
MLY NZ  CH1  sing N N 223 
MLY NZ  CH2  sing N N 224 
MLY CH1 HH11 sing N N 225 
MLY CH1 HH12 sing N N 226 
MLY CH1 HH13 sing N N 227 
MLY CH2 HH21 sing N N 228 
MLY CH2 HH22 sing N N 229 
MLY CH2 HH23 sing N N 230 
MLY C   O    doub N N 231 
MLY C   OXT  sing N N 232 
MLY OXT HXT  sing N N 233 
PHE N   CA   sing N N 234 
PHE N   H    sing N N 235 
PHE N   H2   sing N N 236 
PHE CA  C    sing N N 237 
PHE CA  CB   sing N N 238 
PHE CA  HA   sing N N 239 
PHE C   O    doub N N 240 
PHE C   OXT  sing N N 241 
PHE CB  CG   sing N N 242 
PHE CB  HB2  sing N N 243 
PHE CB  HB3  sing N N 244 
PHE CG  CD1  doub Y N 245 
PHE CG  CD2  sing Y N 246 
PHE CD1 CE1  sing Y N 247 
PHE CD1 HD1  sing N N 248 
PHE CD2 CE2  doub Y N 249 
PHE CD2 HD2  sing N N 250 
PHE CE1 CZ   doub Y N 251 
PHE CE1 HE1  sing N N 252 
PHE CE2 CZ   sing Y N 253 
PHE CE2 HE2  sing N N 254 
PHE CZ  HZ   sing N N 255 
PHE OXT HXT  sing N N 256 
PRO N   CA   sing N N 257 
PRO N   CD   sing N N 258 
PRO N   H    sing N N 259 
PRO CA  C    sing N N 260 
PRO CA  CB   sing N N 261 
PRO CA  HA   sing N N 262 
PRO C   O    doub N N 263 
PRO C   OXT  sing N N 264 
PRO CB  CG   sing N N 265 
PRO CB  HB2  sing N N 266 
PRO CB  HB3  sing N N 267 
PRO CG  CD   sing N N 268 
PRO CG  HG2  sing N N 269 
PRO CG  HG3  sing N N 270 
PRO CD  HD2  sing N N 271 
PRO CD  HD3  sing N N 272 
PRO OXT HXT  sing N N 273 
SER N   CA   sing N N 274 
SER N   H    sing N N 275 
SER N   H2   sing N N 276 
SER CA  C    sing N N 277 
SER CA  CB   sing N N 278 
SER CA  HA   sing N N 279 
SER C   O    doub N N 280 
SER C   OXT  sing N N 281 
SER CB  OG   sing N N 282 
SER CB  HB2  sing N N 283 
SER CB  HB3  sing N N 284 
SER OG  HG   sing N N 285 
SER OXT HXT  sing N N 286 
THR N   CA   sing N N 287 
THR N   H    sing N N 288 
THR N   H2   sing N N 289 
THR CA  C    sing N N 290 
THR CA  CB   sing N N 291 
THR CA  HA   sing N N 292 
THR C   O    doub N N 293 
THR C   OXT  sing N N 294 
THR CB  OG1  sing N N 295 
THR CB  CG2  sing N N 296 
THR CB  HB   sing N N 297 
THR OG1 HG1  sing N N 298 
THR CG2 HG21 sing N N 299 
THR CG2 HG22 sing N N 300 
THR CG2 HG23 sing N N 301 
THR OXT HXT  sing N N 302 
TRP N   CA   sing N N 303 
TRP N   H    sing N N 304 
TRP N   H2   sing N N 305 
TRP CA  C    sing N N 306 
TRP CA  CB   sing N N 307 
TRP CA  HA   sing N N 308 
TRP C   O    doub N N 309 
TRP C   OXT  sing N N 310 
TRP CB  CG   sing N N 311 
TRP CB  HB2  sing N N 312 
TRP CB  HB3  sing N N 313 
TRP CG  CD1  doub Y N 314 
TRP CG  CD2  sing Y N 315 
TRP CD1 NE1  sing Y N 316 
TRP CD1 HD1  sing N N 317 
TRP CD2 CE2  doub Y N 318 
TRP CD2 CE3  sing Y N 319 
TRP NE1 CE2  sing Y N 320 
TRP NE1 HE1  sing N N 321 
TRP CE2 CZ2  sing Y N 322 
TRP CE3 CZ3  doub Y N 323 
TRP CE3 HE3  sing N N 324 
TRP CZ2 CH2  doub Y N 325 
TRP CZ2 HZ2  sing N N 326 
TRP CZ3 CH2  sing Y N 327 
TRP CZ3 HZ3  sing N N 328 
TRP CH2 HH2  sing N N 329 
TRP OXT HXT  sing N N 330 
TYR N   CA   sing N N 331 
TYR N   H    sing N N 332 
TYR N   H2   sing N N 333 
TYR CA  C    sing N N 334 
TYR CA  CB   sing N N 335 
TYR CA  HA   sing N N 336 
TYR C   O    doub N N 337 
TYR C   OXT  sing N N 338 
TYR CB  CG   sing N N 339 
TYR CB  HB2  sing N N 340 
TYR CB  HB3  sing N N 341 
TYR CG  CD1  doub Y N 342 
TYR CG  CD2  sing Y N 343 
TYR CD1 CE1  sing Y N 344 
TYR CD1 HD1  sing N N 345 
TYR CD2 CE2  doub Y N 346 
TYR CD2 HD2  sing N N 347 
TYR CE1 CZ   doub Y N 348 
TYR CE1 HE1  sing N N 349 
TYR CE2 CZ   sing Y N 350 
TYR CE2 HE2  sing N N 351 
TYR CZ  OH   sing N N 352 
TYR OH  HH   sing N N 353 
TYR OXT HXT  sing N N 354 
VAL N   CA   sing N N 355 
VAL N   H    sing N N 356 
VAL N   H2   sing N N 357 
VAL CA  C    sing N N 358 
VAL CA  CB   sing N N 359 
VAL CA  HA   sing N N 360 
VAL C   O    doub N N 361 
VAL C   OXT  sing N N 362 
VAL CB  CG1  sing N N 363 
VAL CB  CG2  sing N N 364 
VAL CB  HB   sing N N 365 
VAL CG1 HG11 sing N N 366 
VAL CG1 HG12 sing N N 367 
VAL CG1 HG13 sing N N 368 
VAL CG2 HG21 sing N N 369 
VAL CG2 HG22 sing N N 370 
VAL CG2 HG23 sing N N 371 
VAL OXT HXT  sing N N 372 
# 
_atom_sites.entry_id                    4EPC 
_atom_sites.fract_transf_matrix[1][1]   -0.00740441 
_atom_sites.fract_transf_matrix[1][2]   -0.00559252 
_atom_sites.fract_transf_matrix[1][3]   0.00777988 
_atom_sites.fract_transf_matrix[2][1]   0.00102631 
_atom_sites.fract_transf_matrix[2][2]   0.00206887 
_atom_sites.fract_transf_matrix[2][3]   0.01188673 
_atom_sites.fract_transf_matrix[3][1]   -0.00278303 
_atom_sites.fract_transf_matrix[3][2]   0.00323557 
_atom_sites.fract_transf_matrix[3][3]   -0.00032286 
_atom_sites.fract_transf_vector[1]      -0.303169 
_atom_sites.fract_transf_vector[2]      0.182105 
_atom_sites.fract_transf_vector[3]      0.009165 
# 
loop_
_atom_type.symbol 
C 
N 
O 
# 
loop_
_atom_site.group_PDB 
_atom_site.id 
_atom_site.type_symbol 
_atom_site.label_atom_id 
_atom_site.label_alt_id 
_atom_site.label_comp_id 
_atom_site.label_asym_id 
_atom_site.label_entity_id 
_atom_site.label_seq_id 
_atom_site.pdbx_PDB_ins_code 
_atom_site.Cartn_x 
_atom_site.Cartn_y 
_atom_site.Cartn_z 
_atom_site.occupancy 
_atom_site.B_iso_or_equiv 
_atom_site.pdbx_formal_charge 
_atom_site.auth_seq_id 
_atom_site.auth_comp_id 
_atom_site.auth_asym_id 
_atom_site.auth_atom_id 
_atom_site.pdbx_PDB_model_num 
ATOM   1    N N   . ASN A 1 183 ? -19.876 23.617  17.831  1.00 96.42  ? 696 ASN A N   1 
ATOM   2    C CA  . ASN A 1 183 ? -20.294 23.238  16.494  1.00 96.21  ? 696 ASN A CA  1 
ATOM   3    C C   . ASN A 1 183 ? -19.713 21.899  16.086  1.00 97.38  ? 696 ASN A C   1 
ATOM   4    O O   . ASN A 1 183 ? -19.944 20.890  16.739  1.00 97.31  ? 696 ASN A O   1 
ATOM   5    C CB  . ASN A 1 183 ? -19.910 24.322  15.491  1.00 99.83  ? 696 ASN A CB  1 
ATOM   6    C CG  . ASN A 1 183 ? -20.749 25.573  15.645  1.00 122.34 ? 696 ASN A CG  1 
ATOM   7    O OD1 . ASN A 1 183 ? -21.856 25.530  16.170  1.00 116.05 ? 696 ASN A OD1 1 
ATOM   8    N ND2 . ASN A 1 183 ? -20.221 26.696  15.184  1.00 111.42 ? 696 ASN A ND2 1 
ATOM   9    N N   . ASN A 1 184 ? -18.968 21.897  14.993  1.00 90.66  ? 697 ASN A N   1 
ATOM   10   C CA  . ASN A 1 184 ? -18.392 20.678  14.470  1.00 88.28  ? 697 ASN A CA  1 
ATOM   11   C C   . ASN A 1 184 ? -16.939 20.592  14.815  1.00 85.51  ? 697 ASN A C   1 
ATOM   12   O O   . ASN A 1 184 ? -16.165 21.457  14.461  1.00 84.27  ? 697 ASN A O   1 
ATOM   13   C CB  . ASN A 1 184 ? -18.547 20.637  12.964  1.00 89.19  ? 697 ASN A CB  1 
ATOM   14   C CG  . ASN A 1 184 ? -19.824 19.971  12.543  1.00 109.23 ? 697 ASN A CG  1 
ATOM   15   O OD1 . ASN A 1 184 ? -20.481 19.319  13.345  1.00 101.23 ? 697 ASN A OD1 1 
ATOM   16   N ND2 . ASN A 1 184 ? -20.187 20.135  11.288  1.00 99.71  ? 697 ASN A ND2 1 
ATOM   17   N N   . GLN A 1 185 ? -16.573 19.533  15.507  1.00 77.80  ? 698 GLN A N   1 
ATOM   18   C CA  . GLN A 1 185 ? -15.214 19.377  15.938  1.00 75.70  ? 698 GLN A CA  1 
ATOM   19   C C   . GLN A 1 185 ? -14.535 18.315  15.137  1.00 76.60  ? 698 GLN A C   1 
ATOM   20   O O   . GLN A 1 185 ? -15.174 17.436  14.602  1.00 76.37  ? 698 GLN A O   1 
ATOM   21   C CB  . GLN A 1 185 ? -15.161 19.036  17.408  1.00 76.47  ? 698 GLN A CB  1 
ATOM   22   C CG  . GLN A 1 185 ? -15.128 17.565  17.687  1.00 83.72  ? 698 GLN A CG  1 
ATOM   23   C CD  . GLN A 1 185 ? -15.858 17.239  18.950  1.00 104.08 ? 698 GLN A CD  1 
ATOM   24   O OE1 . GLN A 1 185 ? -16.870 17.843  19.252  1.00 105.65 ? 698 GLN A OE1 1 
ATOM   25   N NE2 . GLN A 1 185 ? -15.349 16.292  19.701  1.00 86.81  ? 698 GLN A NE2 1 
ATOM   26   N N   . LEU A 1 186 ? -13.224 18.423  15.057  1.00 69.94  ? 699 LEU A N   1 
ATOM   27   C CA  . LEU A 1 186 ? -12.407 17.567  14.236  1.00 67.93  ? 699 LEU A CA  1 
ATOM   28   C C   . LEU A 1 186 ? -11.709 16.588  15.122  1.00 72.60  ? 699 LEU A C   1 
ATOM   29   O O   . LEU A 1 186 ? -11.205 16.970  16.148  1.00 73.05  ? 699 LEU A O   1 
ATOM   30   C CB  . LEU A 1 186 ? -11.372 18.417  13.542  1.00 66.57  ? 699 LEU A CB  1 
ATOM   31   C CG  . LEU A 1 186 ? -10.256 17.689  12.858  1.00 68.97  ? 699 LEU A CG  1 
ATOM   32   C CD1 . LEU A 1 186 ? -10.753 17.277  11.508  1.00 68.57  ? 699 LEU A CD1 1 
ATOM   33   C CD2 . LEU A 1 186 ? -9.105  18.637  12.702  1.00 70.63  ? 699 LEU A CD2 1 
ATOM   34   N N   . THR A 1 187 ? -11.678 15.324  14.724  1.00 68.28  ? 700 THR A N   1 
ATOM   35   C CA  . THR A 1 187 ? -11.053 14.257  15.514  1.00 67.24  ? 700 THR A CA  1 
ATOM   36   C C   . THR A 1 187 ? -10.007 13.548  14.658  1.00 69.32  ? 700 THR A C   1 
ATOM   37   O O   . THR A 1 187 ? -10.381 12.844  13.729  1.00 69.62  ? 700 THR A O   1 
ATOM   38   C CB  . THR A 1 187 ? -12.116 13.321  16.119  1.00 72.60  ? 700 THR A CB  1 
ATOM   39   O OG1 . THR A 1 187 ? -12.910 12.729  15.083  1.00 73.63  ? 700 THR A OG1 1 
ATOM   40   C CG2 . THR A 1 187 ? -13.010 14.036  17.092  1.00 69.55  ? 700 THR A CG2 1 
ATOM   41   N N   . VAL A 1 188 ? -8.708  13.785  14.915  1.00 63.82  ? 701 VAL A N   1 
ATOM   42   C CA  . VAL A 1 188 ? -7.624  13.191  14.116  1.00 62.81  ? 701 VAL A CA  1 
ATOM   43   C C   . VAL A 1 188 ? -6.801  12.163  14.898  1.00 66.88  ? 701 VAL A C   1 
ATOM   44   O O   . VAL A 1 188 ? -5.872  12.523  15.626  1.00 66.81  ? 701 VAL A O   1 
ATOM   45   C CB  . VAL A 1 188 ? -6.729  14.240  13.389  1.00 65.58  ? 701 VAL A CB  1 
ATOM   46   C CG1 . VAL A 1 188 ? -5.752  13.566  12.422  1.00 64.88  ? 701 VAL A CG1 1 
ATOM   47   C CG2 . VAL A 1 188 ? -7.573  15.278  12.660  1.00 65.03  ? 701 VAL A CG2 1 
ATOM   48   N N   . THR A 1 189 ? -7.118  10.897  14.744  1.00 63.04  ? 702 THR A N   1 
ATOM   49   C CA  . THR A 1 189 ? -6.393  9.887   15.465  1.00 62.38  ? 702 THR A CA  1 
ATOM   50   C C   . THR A 1 189 ? -5.387  9.311   14.537  1.00 63.96  ? 702 THR A C   1 
ATOM   51   O O   . THR A 1 189 ? -5.459  9.543   13.365  1.00 63.56  ? 702 THR A O   1 
ATOM   52   C CB  . THR A 1 189 ? -7.313  8.774   15.894  1.00 74.54  ? 702 THR A CB  1 
ATOM   53   O OG1 . THR A 1 189 ? -7.835  8.146   14.732  1.00 79.04  ? 702 THR A OG1 1 
ATOM   54   C CG2 . THR A 1 189 ? -8.443  9.340   16.669  1.00 73.85  ? 702 THR A CG2 1 
ATOM   55   N N   . ASN A 1 190 ? -4.443  8.563   15.071  1.00 58.93  ? 703 ASN A N   1 
ATOM   56   C CA  . ASN A 1 190 ? -3.386  7.966   14.293  1.00 57.86  ? 703 ASN A CA  1 
ATOM   57   C C   . ASN A 1 190 ? -3.864  6.674   13.739  1.00 58.49  ? 703 ASN A C   1 
ATOM   58   O O   . ASN A 1 190 ? -4.515  5.911   14.407  1.00 57.70  ? 703 ASN A O   1 
ATOM   59   C CB  . ASN A 1 190 ? -2.208  7.651   15.187  1.00 58.89  ? 703 ASN A CB  1 
ATOM   60   C CG  . ASN A 1 190 ? -1.173  8.725   15.178  1.00 77.42  ? 703 ASN A CG  1 
ATOM   61   O OD1 . ASN A 1 190 ? -0.715  9.157   14.139  1.00 68.10  ? 703 ASN A OD1 1 
ATOM   62   N ND2 . ASN A 1 190 ? -0.789  9.155   16.347  1.00 68.63  ? 703 ASN A ND2 1 
ATOM   63   N N   . ASN A 1 191 ? -3.530  6.423   12.477  1.00 52.65  ? 704 ASN A N   1 
ATOM   64   C CA  . ASN A 1 191 ? -3.934  5.192   11.807  1.00 51.24  ? 704 ASN A CA  1 
ATOM   65   C C   . ASN A 1 191 ? -2.905  4.729   10.782  1.00 54.12  ? 704 ASN A C   1 
ATOM   66   O O   . ASN A 1 191 ? -2.215  5.543   10.170  1.00 53.55  ? 704 ASN A O   1 
ATOM   67   C CB  . ASN A 1 191 ? -5.299  5.368   11.140  1.00 50.72  ? 704 ASN A CB  1 
ATOM   68   C CG  . ASN A 1 191 ? -5.954  4.046   10.795  1.00 62.65  ? 704 ASN A CG  1 
ATOM   69   O OD1 . ASN A 1 191 ? -5.761  3.510   9.703   1.00 55.52  ? 704 ASN A OD1 1 
ATOM   70   N ND2 . ASN A 1 191 ? -6.735  3.510   11.726  1.00 49.48  ? 704 ASN A ND2 1 
ATOM   71   N N   . SER A 1 192 ? -2.808  3.416   10.600  1.00 50.94  ? 705 SER A N   1 
ATOM   72   C CA  . SER A 1 192 ? -1.864  2.842   9.649   1.00 50.32  ? 705 SER A CA  1 
ATOM   73   C C   . SER A 1 192 ? -2.554  1.850   8.719   1.00 51.71  ? 705 SER A C   1 
ATOM   74   O O   . SER A 1 192 ? -2.350  0.640   8.825   1.00 51.30  ? 705 SER A O   1 
ATOM   75   C CB  . SER A 1 192 ? -0.709  2.158   10.384  1.00 54.50  ? 705 SER A CB  1 
ATOM   76   O OG  . SER A 1 192 ? -1.117  0.915   10.928  1.00 66.75  ? 705 SER A OG  1 
ATOM   77   N N   . GLY A 1 193 ? -3.371  2.370   7.808   1.00 46.26  ? 706 GLY A N   1 
ATOM   78   C CA  . GLY A 1 193 ? -4.091  1.535   6.865   1.00 45.16  ? 706 GLY A CA  1 
ATOM   79   C C   . GLY A 1 193 ? -3.838  1.934   5.425   1.00 47.67  ? 706 GLY A C   1 
ATOM   80   O O   . GLY A 1 193 ? -4.187  3.037   5.006   1.00 47.93  ? 706 GLY A O   1 
ATOM   81   N N   . VAL A 1 194 ? -3.228  1.030   4.665   1.00 43.25  ? 707 VAL A N   1 
ATOM   82   C CA  . VAL A 1 194 ? -2.931  1.284   3.274   1.00 42.75  ? 707 VAL A CA  1 
ATOM   83   C C   . VAL A 1 194 ? -4.207  1.295   2.489   1.00 45.69  ? 707 VAL A C   1 
ATOM   84   O O   . VAL A 1 194 ? -5.097  0.569   2.787   1.00 45.07  ? 707 VAL A O   1 
ATOM   85   C CB  . VAL A 1 194 ? -2.035  0.211   2.669   1.00 46.37  ? 707 VAL A CB  1 
ATOM   86   C CG1 . VAL A 1 194 ? -0.700  0.211   3.338   1.00 46.05  ? 707 VAL A CG1 1 
ATOM   87   C CG2 . VAL A 1 194 ? -2.674  -1.135  2.802   1.00 46.05  ? 707 VAL A CG2 1 
ATOM   88   N N   . ALA A 1 195 ? -4.292  2.119   1.469   1.00 42.31  ? 708 ALA A N   1 
ATOM   89   C CA  . ALA A 1 195 ? -5.510  2.194   0.686   1.00 42.58  ? 708 ALA A CA  1 
ATOM   90   C C   . ALA A 1 195 ? -5.292  2.527   -0.754  1.00 46.55  ? 708 ALA A C   1 
ATOM   91   O O   . ALA A 1 195 ? -4.280  3.007   -1.121  1.00 46.33  ? 708 ALA A O   1 
ATOM   92   C CB  . ALA A 1 195 ? -6.439  3.208   1.280   1.00 43.74  ? 708 ALA A CB  1 
ATOM   93   N N   . GLN A 1 196 ? -6.303  2.279   -1.555  1.00 43.74  ? 709 GLN A N   1 
ATOM   94   C CA  . GLN A 1 196 ? -6.311  2.574   -2.983  1.00 43.79  ? 709 GLN A CA  1 
ATOM   95   C C   . GLN A 1 196 ? -7.593  3.268   -3.367  1.00 49.07  ? 709 GLN A C   1 
ATOM   96   O O   . GLN A 1 196 ? -8.684  2.715   -3.174  1.00 48.76  ? 709 GLN A O   1 
ATOM   97   C CB  . GLN A 1 196 ? -6.020  1.329   -3.849  1.00 45.11  ? 709 GLN A CB  1 
ATOM   98   C CG  . GLN A 1 196 ? -6.575  0.016   -3.334  1.00 48.76  ? 709 GLN A CG  1 
ATOM   99   C CD  . GLN A 1 196 ? -6.041  -1.148  -4.119  1.00 54.18  ? 709 GLN A CD  1 
ATOM   100  O OE1 . GLN A 1 196 ? -4.980  -1.683  -3.825  1.00 44.46  ? 709 GLN A OE1 1 
ATOM   101  N NE2 . GLN A 1 196 ? -6.770  -1.577  -5.129  1.00 50.03  ? 709 GLN A NE2 1 
ATOM   102  N N   . ILE A 1 197 ? -7.454  4.525   -3.828  1.00 47.15  ? 710 ILE A N   1 
ATOM   103  C CA  . ILE A 1 197 ? -8.550  5.423   -4.216  1.00 48.01  ? 710 ILE A CA  1 
ATOM   104  C C   . ILE A 1 197 ? -9.336  4.839   -5.408  1.00 54.28  ? 710 ILE A C   1 
ATOM   105  O O   . ILE A 1 197 ? -8.721  4.460   -6.424  1.00 54.89  ? 710 ILE A O   1 
ATOM   106  C CB  . ILE A 1 197 ? -8.063  6.887   -4.523  1.00 50.92  ? 710 ILE A CB  1 
ATOM   107  C CG1 . ILE A 1 197 ? -6.985  7.386   -3.553  1.00 51.47  ? 710 ILE A CG1 1 
ATOM   108  C CG2 . ILE A 1 197 ? -9.242  7.874   -4.572  1.00 51.35  ? 710 ILE A CG2 1 
ATOM   109  C CD1 . ILE A 1 197 ? -6.238  8.703   -4.010  1.00 58.10  ? 710 ILE A CD1 1 
ATOM   110  N N   . ASN A 1 198 ? -10.691 4.812   -5.302  1.00 49.36  ? 711 ASN A N   1 
ATOM   111  C CA  . ASN A 1 198 ? -11.536 4.348   -6.399  1.00 48.82  ? 711 ASN A CA  1 
ATOM   112  C C   . ASN A 1 198 ? -11.479 5.396   -7.513  1.00 53.89  ? 711 ASN A C   1 
ATOM   113  O O   . ASN A 1 198 ? -11.125 6.545   -7.244  1.00 53.53  ? 711 ASN A O   1 
ATOM   114  C CB  . ASN A 1 198 ? -12.991 4.074   -5.954  1.00 44.07  ? 711 ASN A CB  1 
ATOM   115  C CG  . ASN A 1 198 ? -13.155 3.028   -4.862  1.00 60.87  ? 711 ASN A CG  1 
ATOM   116  O OD1 . ASN A 1 198 ? -12.481 1.991   -4.814  1.00 60.30  ? 711 ASN A OD1 1 
ATOM   117  N ND2 . ASN A 1 198 ? -14.059 3.282   -3.942  1.00 50.65  ? 711 ASN A ND2 1 
ATOM   118  N N   . ALA A 1 199 ? -11.769 4.979   -8.763  1.00 51.20  ? 712 ALA A N   1 
ATOM   119  C CA  . ALA A 1 199 ? -11.802 5.818   -9.960  1.00 51.29  ? 712 ALA A CA  1 
ATOM   120  C C   . ALA A 1 199 ? -12.926 6.872   -9.855  1.00 56.60  ? 712 ALA A C   1 
ATOM   121  O O   . ALA A 1 199 ? -12.870 7.887   -10.539 1.00 56.64  ? 712 ALA A O   1 
ATOM   122  C CB  . ALA A 1 199 ? -12.012 4.947   -11.184 1.00 52.05  ? 712 ALA A CB  1 
HETATM 123  N N   . MLY A 1 200 ? -13.938 6.624   -8.994  1.00 53.67  ? 713 MLY A N   1 
HETATM 124  C CA  . MLY A 1 200 ? -15.038 7.542   -8.699  1.00 53.49  ? 713 MLY A CA  1 
HETATM 125  C CB  . MLY A 1 200 ? -16.404 6.823   -8.644  1.00 54.18  ? 713 MLY A CB  1 
HETATM 126  C CG  . MLY A 1 200 ? -17.633 7.676   -8.982  1.00 55.95  ? 713 MLY A CG  1 
HETATM 127  C CD  . MLY A 1 200 ? -18.796 6.982   -8.244  1.00 58.45  ? 713 MLY A CD  1 
HETATM 128  C CE  . MLY A 1 200 ? -20.120 7.789   -7.955  1.00 60.38  ? 713 MLY A CE  1 
HETATM 129  N NZ  . MLY A 1 200 ? -21.180 7.041   -7.127  1.00 61.65  ? 713 MLY A NZ  1 
HETATM 130  C CH1 . MLY A 1 200 ? -22.198 6.375   -8.009  1.00 61.89  ? 713 MLY A CH1 1 
HETATM 131  C CH2 . MLY A 1 200 ? -20.618 5.993   -6.212  1.00 61.04  ? 713 MLY A CH2 1 
HETATM 132  C C   . MLY A 1 200 ? -14.734 8.148   -7.317  1.00 55.88  ? 713 MLY A C   1 
HETATM 133  O O   . MLY A 1 200 ? -14.989 7.499   -6.286  1.00 55.32  ? 713 MLY A O   1 
ATOM   134  N N   . ASN A 1 201 ? -14.137 9.370   -7.317  1.00 49.90  ? 714 ASN A N   1 
ATOM   135  C CA  . ASN A 1 201 ? -13.744 10.120  -6.120  1.00 48.15  ? 714 ASN A CA  1 
ATOM   136  C C   . ASN A 1 201 ? -14.006 11.645  -6.199  1.00 51.30  ? 714 ASN A C   1 
ATOM   137  O O   . ASN A 1 201 ? -13.933 12.260  -7.279  1.00 50.19  ? 714 ASN A O   1 
ATOM   138  C CB  . ASN A 1 201 ? -12.272 9.878   -5.788  1.00 41.68  ? 714 ASN A CB  1 
ATOM   139  C CG  . ASN A 1 201 ? -11.322 10.438  -6.820  1.00 64.31  ? 714 ASN A CG  1 
ATOM   140  O OD1 . ASN A 1 201 ? -11.018 11.645  -6.856  1.00 56.91  ? 714 ASN A OD1 1 
ATOM   141  N ND2 . ASN A 1 201 ? -10.886 9.583   -7.726  1.00 56.32  ? 714 ASN A ND2 1 
ATOM   142  N N   . SER A 1 202 ? -14.198 12.254  -5.012  1.00 46.56  ? 715 SER A N   1 
ATOM   143  C CA  . SER A 1 202 ? -14.382 13.682  -4.792  1.00 45.59  ? 715 SER A CA  1 
ATOM   144  C C   . SER A 1 202 ? -13.032 14.456  -4.841  1.00 51.62  ? 715 SER A C   1 
ATOM   145  O O   . SER A 1 202 ? -13.017 15.657  -4.607  1.00 52.29  ? 715 SER A O   1 
ATOM   146  C CB  . SER A 1 202 ? -15.053 13.900  -3.443  1.00 48.48  ? 715 SER A CB  1 
ATOM   147  O OG  . SER A 1 202 ? -16.177 13.049  -3.285  1.00 57.36  ? 715 SER A OG  1 
ATOM   148  N N   . GLY A 1 203 ? -11.928 13.772  -5.148  1.00 49.31  ? 716 GLY A N   1 
ATOM   149  C CA  . GLY A 1 203 ? -10.599 14.368  -5.217  1.00 49.36  ? 716 GLY A CA  1 
ATOM   150  C C   . GLY A 1 203 ? -9.866  14.316  -3.890  1.00 54.67  ? 716 GLY A C   1 
ATOM   151  O O   . GLY A 1 203 ? -10.345 13.693  -2.931  1.00 53.24  ? 716 GLY A O   1 
ATOM   152  N N   . LEU A 1 204 ? -8.687  14.969  -3.830  1.00 52.73  ? 717 LEU A N   1 
ATOM   153  C CA  . LEU A 1 204 ? -7.864  15.054  -2.624  1.00 53.33  ? 717 LEU A CA  1 
ATOM   154  C C   . LEU A 1 204 ? -8.042  16.410  -1.913  1.00 59.83  ? 717 LEU A C   1 
ATOM   155  O O   . LEU A 1 204 ? -7.615  17.454  -2.426  1.00 60.64  ? 717 LEU A O   1 
ATOM   156  C CB  . LEU A 1 204 ? -6.365  14.835  -2.948  1.00 53.39  ? 717 LEU A CB  1 
ATOM   157  C CG  . LEU A 1 204 ? -5.863  13.468  -3.447  1.00 57.27  ? 717 LEU A CG  1 
ATOM   158  C CD1 . LEU A 1 204 ? -4.362  13.516  -3.681  1.00 56.87  ? 717 LEU A CD1 1 
ATOM   159  C CD2 . LEU A 1 204 ? -6.186  12.346  -2.472  1.00 58.90  ? 717 LEU A CD2 1 
ATOM   160  N N   . TYR A 1 205 ? -8.635  16.388  -0.718  1.00 56.88  ? 718 TYR A N   1 
ATOM   161  C CA  . TYR A 1 205 ? -8.848  17.578  0.100   1.00 57.27  ? 718 TYR A CA  1 
ATOM   162  C C   . TYR A 1 205 ? -7.516  18.016  0.741   1.00 63.80  ? 718 TYR A C   1 
ATOM   163  O O   . TYR A 1 205 ? -6.931  17.237  1.503   1.00 64.25  ? 718 TYR A O   1 
ATOM   164  C CB  . TYR A 1 205 ? -9.912  17.286  1.171   1.00 58.57  ? 718 TYR A CB  1 
ATOM   165  C CG  . TYR A 1 205 ? -11.317 17.084  0.633   1.00 61.84  ? 718 TYR A CG  1 
ATOM   166  C CD1 . TYR A 1 205 ? -11.605 16.053  -0.262  1.00 63.71  ? 718 TYR A CD1 1 
ATOM   167  C CD2 . TYR A 1 205 ? -12.374 17.877  1.070   1.00 63.25  ? 718 TYR A CD2 1 
ATOM   168  C CE1 . TYR A 1 205 ? -12.895 15.856  -0.750  1.00 64.66  ? 718 TYR A CE1 1 
ATOM   169  C CE2 . TYR A 1 205 ? -13.676 17.661  0.621   1.00 64.62  ? 718 TYR A CE2 1 
ATOM   170  C CZ  . TYR A 1 205 ? -13.933 16.654  -0.296  1.00 72.77  ? 718 TYR A CZ  1 
ATOM   171  O OH  . TYR A 1 205 ? -15.220 16.445  -0.742  1.00 74.75  ? 718 TYR A OH  1 
ATOM   172  N N   . THR A 1 206 ? -7.015  19.241  0.404   1.00 61.18  ? 719 THR A N   1 
ATOM   173  C CA  . THR A 1 206 ? -5.759  19.811  0.946   1.00 61.05  ? 719 THR A CA  1 
ATOM   174  C C   . THR A 1 206 ? -5.827  19.958  2.474   1.00 65.96  ? 719 THR A C   1 
ATOM   175  O O   . THR A 1 206 ? -4.810  19.816  3.163   1.00 65.67  ? 719 THR A O   1 
ATOM   176  C CB  . THR A 1 206 ? -5.451  21.166  0.300   1.00 64.15  ? 719 THR A CB  1 
ATOM   177  O OG1 . THR A 1 206 ? -5.395  21.006  -1.115  1.00 69.77  ? 719 THR A OG1 1 
ATOM   178  C CG2 . THR A 1 206 ? -4.150  21.763  0.788   1.00 56.60  ? 719 THR A CG2 1 
ATOM   179  N N   . THR A 1 207 ? -7.039  20.235  2.981   1.00 62.38  ? 720 THR A N   1 
ATOM   180  C CA  . THR A 1 207 ? -7.367  20.425  4.387   1.00 62.06  ? 720 THR A CA  1 
ATOM   181  C C   . THR A 1 207 ? -8.736  19.794  4.599   1.00 65.60  ? 720 THR A C   1 
ATOM   182  O O   . THR A 1 207 ? -9.569  19.879  3.704   1.00 65.85  ? 720 THR A O   1 
ATOM   183  C CB  . THR A 1 207 ? -7.263  21.945  4.691   1.00 71.41  ? 720 THR A CB  1 
ATOM   184  O OG1 . THR A 1 207 ? -5.928  22.386  4.445   1.00 72.93  ? 720 THR A OG1 1 
ATOM   185  C CG2 . THR A 1 207 ? -7.707  22.342  6.093   1.00 67.98  ? 720 THR A CG2 1 
ATOM   186  N N   . VAL A 1 208 ? -8.973  19.159  5.761   1.00 61.57  ? 721 VAL A N   1 
ATOM   187  C CA  . VAL A 1 208 ? -10.277 18.542  6.115   1.00 60.85  ? 721 VAL A CA  1 
ATOM   188  C C   . VAL A 1 208 ? -11.432 19.573  6.115   1.00 63.66  ? 721 VAL A C   1 
ATOM   189  O O   . VAL A 1 208 ? -12.600 19.219  5.936   1.00 63.33  ? 721 VAL A O   1 
ATOM   190  C CB  . VAL A 1 208 ? -10.209 17.769  7.454   1.00 64.43  ? 721 VAL A CB  1 
ATOM   191  C CG1 . VAL A 1 208 ? -9.527  16.421  7.262   1.00 64.28  ? 721 VAL A CG1 1 
ATOM   192  C CG2 . VAL A 1 208 ? -9.492  18.587  8.529   1.00 64.12  ? 721 VAL A CG2 1 
ATOM   193  N N   . TYR A 1 209 ? -11.080 20.851  6.293   1.00 59.33  ? 722 TYR A N   1 
ATOM   194  C CA  . TYR A 1 209 ? -12.013 21.964  6.321   1.00 58.57  ? 722 TYR A CA  1 
ATOM   195  C C   . TYR A 1 209 ? -12.398 22.451  4.923   1.00 65.40  ? 722 TYR A C   1 
ATOM   196  O O   . TYR A 1 209 ? -13.435 23.108  4.802   1.00 66.46  ? 722 TYR A O   1 
ATOM   197  C CB  . TYR A 1 209 ? -11.459 23.108  7.181   1.00 57.71  ? 722 TYR A CB  1 
ATOM   198  C CG  . TYR A 1 209 ? -11.268 22.739  8.637   1.00 56.17  ? 722 TYR A CG  1 
ATOM   199  C CD1 . TYR A 1 209 ? -9.996  22.521  9.163   1.00 56.56  ? 722 TYR A CD1 1 
ATOM   200  C CD2 . TYR A 1 209 ? -12.359 22.597  9.486   1.00 56.69  ? 722 TYR A CD2 1 
ATOM   201  C CE1 . TYR A 1 209 ? -9.818  22.185  10.505  1.00 55.47  ? 722 TYR A CE1 1 
ATOM   202  C CE2 . TYR A 1 209 ? -12.196 22.247  10.824  1.00 57.61  ? 722 TYR A CE2 1 
ATOM   203  C CZ  . TYR A 1 209 ? -10.925 22.050  11.333  1.00 64.42  ? 722 TYR A CZ  1 
ATOM   204  O OH  . TYR A 1 209 ? -10.806 21.741  12.668  1.00 67.52  ? 722 TYR A OH  1 
ATOM   205  N N   . ASP A 1 210 ? -11.601 22.119  3.868   1.00 61.72  ? 723 ASP A N   1 
ATOM   206  C CA  . ASP A 1 210 ? -11.902 22.491  2.477   1.00 61.78  ? 723 ASP A CA  1 
ATOM   207  C C   . ASP A 1 210 ? -13.304 22.077  2.022   1.00 67.46  ? 723 ASP A C   1 
ATOM   208  O O   . ASP A 1 210 ? -13.798 21.019  2.426   1.00 67.31  ? 723 ASP A O   1 
ATOM   209  C CB  . ASP A 1 210 ? -10.888 21.877  1.521   1.00 63.41  ? 723 ASP A CB  1 
ATOM   210  C CG  . ASP A 1 210 ? -9.519  22.489  1.599   1.00 75.66  ? 723 ASP A CG  1 
ATOM   211  O OD1 . ASP A 1 210 ? -9.271  23.264  2.544   1.00 76.59  ? 723 ASP A OD1 1 
ATOM   212  O OD2 . ASP A 1 210 ? -8.693  22.200  0.710   1.00 83.66  ? 723 ASP A OD2 1 
ATOM   213  N N   . THR A 1 211 ? -13.945 22.913  1.189   1.00 64.93  ? 724 THR A N   1 
ATOM   214  C CA  . THR A 1 211 ? -15.283 22.586  0.689   1.00 65.44  ? 724 THR A CA  1 
ATOM   215  C C   . THR A 1 211 ? -15.210 21.613  -0.499  1.00 70.12  ? 724 THR A C   1 
ATOM   216  O O   . THR A 1 211 ? -16.091 20.752  -0.664  1.00 69.73  ? 724 THR A O   1 
ATOM   217  C CB  . THR A 1 211 ? -16.205 23.838  0.502   1.00 67.44  ? 724 THR A CB  1 
ATOM   218  O OG1 . THR A 1 211 ? -17.529 23.388  0.185   1.00 63.83  ? 724 THR A OG1 1 
ATOM   219  C CG2 . THR A 1 211 ? -15.726 24.789  -0.586  1.00 62.95  ? 724 THR A CG2 1 
ATOM   220  N N   . LYS A 1 212 ? -14.148 21.744  -1.311  1.00 65.61  ? 725 LYS A N   1 
ATOM   221  C CA  . LYS A 1 212 ? -13.988 20.901  -2.480  1.00 65.15  ? 725 LYS A CA  1 
ATOM   222  C C   . LYS A 1 212 ? -12.638 20.182  -2.520  1.00 69.99  ? 725 LYS A C   1 
ATOM   223  O O   . LYS A 1 212 ? -11.615 20.723  -2.067  1.00 70.74  ? 725 LYS A O   1 
ATOM   224  C CB  . LYS A 1 212 ? -14.236 21.701  -3.768  1.00 66.64  ? 725 LYS A CB  1 
ATOM   225  C CG  . LYS A 1 212 ? -15.699 22.010  -4.038  1.00 76.00  ? 725 LYS A CG  1 
ATOM   226  C CD  . LYS A 1 212 ? -15.854 22.683  -5.396  1.00 90.50  ? 725 LYS A CD  1 
ATOM   227  C CE  . LYS A 1 212 ? -17.226 23.285  -5.603  1.00 102.64 ? 725 LYS A CE  1 
ATOM   228  N NZ  . LYS A 1 212 ? -17.350 23.944  -6.930  1.00 106.06 ? 725 LYS A NZ  1 
ATOM   229  N N   . GLY A 1 213 ? -12.661 18.957  -3.050  1.00 64.46  ? 726 GLY A N   1 
ATOM   230  C CA  . GLY A 1 213 ? -11.464 18.153  -3.226  1.00 62.95  ? 726 GLY A CA  1 
ATOM   231  C C   . GLY A 1 213 ? -10.827 18.474  -4.558  1.00 64.19  ? 726 GLY A C   1 
ATOM   232  O O   . GLY A 1 213 ? -11.529 18.777  -5.528  1.00 63.71  ? 726 GLY A O   1 
ATOM   233  N N   . LYS A 1 214 ? -9.490  18.460  -4.595  1.00 58.75  ? 727 LYS A N   1 
ATOM   234  C CA  . LYS A 1 214 ? -8.696  18.719  -5.792  1.00 57.41  ? 727 LYS A CA  1 
ATOM   235  C C   . LYS A 1 214 ? -8.514  17.381  -6.490  1.00 60.54  ? 727 LYS A C   1 
ATOM   236  O O   . LYS A 1 214 ? -8.167  16.403  -5.820  1.00 60.59  ? 727 LYS A O   1 
ATOM   237  C CB  . LYS A 1 214 ? -7.345  19.344  -5.410  1.00 59.56  ? 727 LYS A CB  1 
ATOM   238  C CG  . LYS A 1 214 ? -7.488  20.697  -4.703  1.00 81.78  ? 727 LYS A CG  1 
ATOM   239  C CD  . LYS A 1 214 ? -6.192  21.502  -4.669  1.00 95.35  ? 727 LYS A CD  1 
ATOM   240  C CE  . LYS A 1 214 ? -6.375  22.847  -3.998  1.00 106.18 ? 727 LYS A CE  1 
ATOM   241  N NZ  . LYS A 1 214 ? -5.104  23.622  -3.943  1.00 113.50 ? 727 LYS A NZ  1 
ATOM   242  N N   . THR A 1 215 ? -8.791  17.308  -7.812  1.00 55.68  ? 728 THR A N   1 
ATOM   243  C CA  . THR A 1 215 ? -8.678  16.038  -8.554  1.00 55.07  ? 728 THR A CA  1 
ATOM   244  C C   . THR A 1 215 ? -7.291  15.426  -8.551  1.00 57.35  ? 728 THR A C   1 
ATOM   245  O O   . THR A 1 215 ? -6.284  16.138  -8.519  1.00 56.81  ? 728 THR A O   1 
ATOM   246  C CB  . THR A 1 215 ? -9.144  16.144  -9.989  1.00 61.82  ? 728 THR A CB  1 
ATOM   247  O OG1 . THR A 1 215 ? -8.469  17.236  -10.612 1.00 58.02  ? 728 THR A OG1 1 
ATOM   248  C CG2 . THR A 1 215 ? -10.669 16.177  -10.126 1.00 59.71  ? 728 THR A CG2 1 
ATOM   249  N N   . THR A 1 216 ? -7.225  14.110  -8.625  1.00 52.63  ? 729 THR A N   1 
ATOM   250  C CA  . THR A 1 216 ? -5.957  13.438  -8.578  1.00 51.91  ? 729 THR A CA  1 
ATOM   251  C C   . THR A 1 216 ? -5.974  12.239  -9.472  1.00 56.95  ? 729 THR A C   1 
ATOM   252  O O   . THR A 1 216 ? -6.954  11.539  -9.553  1.00 58.14  ? 729 THR A O   1 
ATOM   253  C CB  . THR A 1 216 ? -5.628  12.991  -7.167  1.00 54.14  ? 729 THR A CB  1 
ATOM   254  O OG1 . THR A 1 216 ? -4.241  12.688  -7.079  1.00 56.63  ? 729 THR A OG1 1 
ATOM   255  C CG2 . THR A 1 216 ? -6.405  11.797  -6.836  1.00 46.58  ? 729 THR A CG2 1 
ATOM   256  N N   . ASN A 1 217 ? -4.871  12.032  -10.161 1.00 52.47  ? 730 ASN A N   1 
ATOM   257  C CA  . ASN A 1 217 ? -4.719  10.942  -11.076 1.00 51.57  ? 730 ASN A CA  1 
ATOM   258  C C   . ASN A 1 217 ? -4.236  9.753   -10.329 1.00 55.31  ? 730 ASN A C   1 
ATOM   259  O O   . ASN A 1 217 ? -3.786  8.804   -10.900 1.00 55.37  ? 730 ASN A O   1 
ATOM   260  C CB  . ASN A 1 217 ? -3.662  11.299  -12.082 1.00 52.83  ? 730 ASN A CB  1 
ATOM   261  C CG  . ASN A 1 217 ? -2.422  11.852  -11.436 1.00 88.74  ? 730 ASN A CG  1 
ATOM   262  O OD1 . ASN A 1 217 ? -2.491  12.687  -10.550 1.00 86.76  ? 730 ASN A OD1 1 
ATOM   263  N ND2 . ASN A 1 217 ? -1.277  11.397  -11.889 1.00 82.03  ? 730 ASN A ND2 1 
ATOM   264  N N   . GLN A 1 218 ? -4.325  9.830   -9.019  1.00 51.43  ? 731 GLN A N   1 
ATOM   265  C CA  . GLN A 1 218 ? -3.715  8.871   -8.137  1.00 49.29  ? 731 GLN A CA  1 
ATOM   266  C C   . GLN A 1 218 ? -4.670  7.779   -7.772  1.00 51.39  ? 731 GLN A C   1 
ATOM   267  O O   . GLN A 1 218 ? -4.793  7.435   -6.624  1.00 51.42  ? 731 GLN A O   1 
ATOM   268  C CB  . GLN A 1 218 ? -3.281  9.588   -6.880  1.00 49.58  ? 731 GLN A CB  1 
ATOM   269  C CG  . GLN A 1 218 ? -2.178  10.607  -7.052  1.00 53.64  ? 731 GLN A CG  1 
ATOM   270  C CD  . GLN A 1 218 ? -0.893  10.051  -7.590  1.00 64.32  ? 731 GLN A CD  1 
ATOM   271  O OE1 . GLN A 1 218 ? -0.472  8.978   -7.228  1.00 59.10  ? 731 GLN A OE1 1 
ATOM   272  N NE2 . GLN A 1 218 ? -0.276  10.781  -8.477  1.00 57.93  ? 731 GLN A NE2 1 
ATOM   273  N N   . ILE A 1 219 ? -5.338  7.216   -8.759  1.00 46.04  ? 732 ILE A N   1 
ATOM   274  C CA  . ILE A 1 219 ? -6.304  6.172   -8.496  1.00 44.31  ? 732 ILE A CA  1 
ATOM   275  C C   . ILE A 1 219 ? -5.821  4.767   -8.786  1.00 46.48  ? 732 ILE A C   1 
ATOM   276  O O   . ILE A 1 219 ? -4.874  4.564   -9.515  1.00 46.12  ? 732 ILE A O   1 
ATOM   277  C CB  . ILE A 1 219 ? -7.585  6.421   -9.266  1.00 46.37  ? 732 ILE A CB  1 
ATOM   278  C CG1 . ILE A 1 219 ? -7.278  6.693   -10.716 1.00 44.49  ? 732 ILE A CG1 1 
ATOM   279  C CG2 . ILE A 1 219 ? -8.289  7.616   -8.693  1.00 48.62  ? 732 ILE A CG2 1 
ATOM   280  C CD1 . ILE A 1 219 ? -8.293  6.114   -11.651 1.00 39.46  ? 732 ILE A CD1 1 
ATOM   281  N N   . GLN A 1 220 ? -6.498  3.802   -8.190  1.00 41.09  ? 733 GLN A N   1 
ATOM   282  C CA  . GLN A 1 220 ? -6.125  2.384   -8.296  1.00 40.35  ? 733 GLN A CA  1 
ATOM   283  C C   . GLN A 1 220 ? -4.614  2.127   -8.050  1.00 43.81  ? 733 GLN A C   1 
ATOM   284  O O   . GLN A 1 220 ? -3.932  1.481   -8.838  1.00 41.99  ? 733 GLN A O   1 
ATOM   285  C CB  . GLN A 1 220 ? -6.665  1.795   -9.614  1.00 41.24  ? 733 GLN A CB  1 
ATOM   286  C CG  . GLN A 1 220 ? -8.198  1.912   -9.718  1.00 43.34  ? 733 GLN A CG  1 
ATOM   287  C CD  . GLN A 1 220 ? -8.793  1.844   -11.111 1.00 54.42  ? 733 GLN A CD  1 
ATOM   288  O OE1 . GLN A 1 220 ? -10.015 1.738   -11.273 1.00 52.56  ? 733 GLN A OE1 1 
ATOM   289  N NE2 . GLN A 1 220 ? -7.975  1.968   -12.145 1.00 37.64  ? 733 GLN A NE2 1 
ATOM   290  N N   . ARG A 1 221 ? -4.104  2.684   -6.957  1.00 42.26  ? 734 ARG A N   1 
ATOM   291  C CA  . ARG A 1 221 ? -2.716  2.539   -6.536  1.00 43.27  ? 734 ARG A CA  1 
ATOM   292  C C   . ARG A 1 221 ? -2.721  2.310   -5.050  1.00 48.74  ? 734 ARG A C   1 
ATOM   293  O O   . ARG A 1 221 ? -3.508  2.926   -4.405  1.00 48.33  ? 734 ARG A O   1 
ATOM   294  C CB  . ARG A 1 221 ? -1.954  3.830   -6.780  1.00 44.16  ? 734 ARG A CB  1 
ATOM   295  C CG  . ARG A 1 221 ? -1.386  3.963   -8.165  1.00 58.92  ? 734 ARG A CG  1 
ATOM   296  C CD  . ARG A 1 221 ? -0.383  5.090   -8.307  1.00 73.97  ? 734 ARG A CD  1 
ATOM   297  N NE  . ARG A 1 221 ? 0.924   4.748   -7.751  1.00 85.91  ? 734 ARG A NE  1 
ATOM   298  C CZ  . ARG A 1 221 ? 2.016   4.523   -8.466  1.00 89.05  ? 734 ARG A CZ  1 
ATOM   299  N NH1 . ARG A 1 221 ? 1.975   4.604   -9.778  1.00 66.73  ? 734 ARG A NH1 1 
ATOM   300  N NH2 . ARG A 1 221 ? 3.145   4.214   -7.857  1.00 66.45  ? 734 ARG A NH2 1 
ATOM   301  N N   . THR A 1 222 ? -1.848  1.459   -4.501  1.00 44.57  ? 735 THR A N   1 
ATOM   302  C CA  . THR A 1 222 ? -1.721  1.285   -3.049  1.00 43.28  ? 735 THR A CA  1 
ATOM   303  C C   . THR A 1 222 ? -0.917  2.461   -2.473  1.00 45.07  ? 735 THR A C   1 
ATOM   304  O O   . THR A 1 222 ? 0.209   2.709   -2.888  1.00 42.94  ? 735 THR A O   1 
ATOM   305  C CB  . THR A 1 222 ? -1.215  -0.108  -2.663  1.00 43.68  ? 735 THR A CB  1 
ATOM   306  O OG1 . THR A 1 222 ? -2.099  -1.084  -3.209  1.00 42.85  ? 735 THR A OG1 1 
ATOM   307  C CG2 . THR A 1 222 ? -1.124  -0.306  -1.152  1.00 36.76  ? 735 THR A CG2 1 
ATOM   308  N N   . LEU A 1 223 ? -1.562  3.228   -1.592  1.00 42.21  ? 736 LEU A N   1 
ATOM   309  C CA  . LEU A 1 223 ? -1.003  4.391   -0.915  1.00 42.73  ? 736 LEU A CA  1 
ATOM   310  C C   . LEU A 1 223 ? -0.966  4.108   0.585   1.00 49.26  ? 736 LEU A C   1 
ATOM   311  O O   . LEU A 1 223 ? -1.725  3.272   1.089   1.00 47.97  ? 736 LEU A O   1 
ATOM   312  C CB  . LEU A 1 223 ? -1.850  5.666   -1.176  1.00 42.55  ? 736 LEU A CB  1 
ATOM   313  C CG  . LEU A 1 223 ? -2.252  6.004   -2.615  1.00 46.81  ? 736 LEU A CG  1 
ATOM   314  C CD1 . LEU A 1 223 ? -3.303  7.059   -2.635  1.00 45.95  ? 736 LEU A CD1 1 
ATOM   315  C CD2 . LEU A 1 223 ? -1.058  6.436   -3.460  1.00 49.98  ? 736 LEU A CD2 1 
ATOM   316  N N   . SER A 1 224 ? -0.086  4.817   1.301   1.00 48.33  ? 737 SER A N   1 
ATOM   317  C CA  . SER A 1 224 ? 0.019   4.639   2.739   1.00 48.53  ? 737 SER A CA  1 
ATOM   318  C C   . SER A 1 224 ? -0.925  5.578   3.447   1.00 52.91  ? 737 SER A C   1 
ATOM   319  O O   . SER A 1 224 ? -1.091  6.717   3.015   1.00 53.97  ? 737 SER A O   1 
ATOM   320  C CB  . SER A 1 224 ? 1.452   4.852   3.215   1.00 51.96  ? 737 SER A CB  1 
ATOM   321  O OG  . SER A 1 224 ? 1.593   4.298   4.514   1.00 64.47  ? 737 SER A OG  1 
ATOM   322  N N   . VAL A 1 225 ? -1.572  5.094   4.510   1.00 48.69  ? 738 VAL A N   1 
ATOM   323  C CA  . VAL A 1 225 ? -2.464  5.887   5.352   1.00 48.20  ? 738 VAL A CA  1 
ATOM   324  C C   . VAL A 1 225 ? -1.674  6.172   6.635   1.00 56.42  ? 738 VAL A C   1 
ATOM   325  O O   . VAL A 1 225 ? -1.031  5.259   7.167   1.00 57.99  ? 738 VAL A O   1 
ATOM   326  C CB  . VAL A 1 225 ? -3.812  5.163   5.626   1.00 50.22  ? 738 VAL A CB  1 
ATOM   327  C CG1 . VAL A 1 225 ? -4.586  5.836   6.753   1.00 49.85  ? 738 VAL A CG1 1 
ATOM   328  C CG2 . VAL A 1 225 ? -4.666  5.086   4.364   1.00 49.31  ? 738 VAL A CG2 1 
ATOM   329  N N   . THR A 1 226 ? -1.680  7.428   7.109   1.00 53.57  ? 739 THR A N   1 
ATOM   330  C CA  . THR A 1 226 ? -0.977  7.797   8.343   1.00 53.36  ? 739 THR A CA  1 
ATOM   331  C C   . THR A 1 226 ? -1.934  8.263   9.435   1.00 57.84  ? 739 THR A C   1 
ATOM   332  O O   . THR A 1 226 ? -1.675  8.049   10.615  1.00 56.69  ? 739 THR A O   1 
ATOM   333  C CB  . THR A 1 226 ? 0.162   8.771   8.072   1.00 61.09  ? 739 THR A CB  1 
ATOM   334  O OG1 . THR A 1 226 ? -0.309  9.853   7.264   1.00 63.74  ? 739 THR A OG1 1 
ATOM   335  C CG2 . THR A 1 226 ? 1.341   8.103   7.406   1.00 57.71  ? 739 THR A CG2 1 
HETATM 336  N N   . MLY A 1 227 ? -3.065  8.843   9.040   1.00 57.04  ? 740 MLY A N   1 
HETATM 337  C CA  . MLY A 1 227 ? -4.048  9.331   9.995   1.00 58.04  ? 740 MLY A CA  1 
HETATM 338  C CB  . MLY A 1 227 ? -3.597  10.805  10.263  1.00 59.60  ? 740 MLY A CB  1 
HETATM 339  C CG  . MLY A 1 227 ? -2.995  10.714  11.690  1.00 61.57  ? 740 MLY A CG  1 
HETATM 340  C CD  . MLY A 1 227 ? -2.047  11.830  12.134  1.00 62.37  ? 740 MLY A CD  1 
HETATM 341  C CE  . MLY A 1 227 ? -0.627  11.248  12.165  1.00 63.30  ? 740 MLY A CE  1 
HETATM 342  N NZ  . MLY A 1 227 ? 0.407   12.277  11.931  1.00 63.52  ? 740 MLY A NZ  1 
HETATM 343  C CH1 . MLY A 1 227 ? 0.655   12.809  13.275  1.00 62.77  ? 740 MLY A CH1 1 
HETATM 344  C CH2 . MLY A 1 227 ? -0.014  13.381  10.969  1.00 63.43  ? 740 MLY A CH2 1 
HETATM 345  C C   . MLY A 1 227 ? -5.496  9.261   9.489   1.00 61.52  ? 740 MLY A C   1 
HETATM 346  O O   . MLY A 1 227 ? -5.753  9.400   8.291   1.00 60.65  ? 740 MLY A O   1 
ATOM   347  N N   . ALA A 1 228 ? -6.437  9.069   10.418  1.00 58.26  ? 741 ALA A N   1 
ATOM   348  C CA  . ALA A 1 228 ? -7.872  9.065   10.133  1.00 58.77  ? 741 ALA A CA  1 
ATOM   349  C C   . ALA A 1 228 ? -8.533  10.281  10.825  1.00 63.37  ? 741 ALA A C   1 
ATOM   350  O O   . ALA A 1 228 ? -8.203  10.571  11.979  1.00 63.36  ? 741 ALA A O   1 
ATOM   351  C CB  . ALA A 1 228 ? -8.508  7.770   10.625  1.00 59.57  ? 741 ALA A CB  1 
ATOM   352  N N   . ALA A 1 229 ? -9.445  10.990  10.117  1.00 59.66  ? 742 ALA A N   1 
ATOM   353  C CA  . ALA A 1 229 ? -10.161 12.156  10.650  1.00 59.55  ? 742 ALA A CA  1 
ATOM   354  C C   . ALA A 1 229 ? -11.693 12.108  10.501  1.00 64.66  ? 742 ALA A C   1 
ATOM   355  O O   . ALA A 1 229 ? -12.209 11.603  9.500   1.00 64.05  ? 742 ALA A O   1 
ATOM   356  C CB  . ALA A 1 229 ? -9.627  13.436  10.037  1.00 60.04  ? 742 ALA A CB  1 
ATOM   357  N N   . THR A 1 230 ? -12.409 12.675  11.502  1.00 61.76  ? 743 THR A N   1 
ATOM   358  C CA  . THR A 1 230 ? -13.868 12.817  11.551  1.00 61.52  ? 743 THR A CA  1 
ATOM   359  C C   . THR A 1 230 ? -14.195 14.283  11.799  1.00 65.98  ? 743 THR A C   1 
ATOM   360  O O   . THR A 1 230 ? -13.802 14.829  12.832  1.00 66.61  ? 743 THR A O   1 
ATOM   361  C CB  . THR A 1 230 ? -14.473 11.945  12.664  1.00 66.08  ? 743 THR A CB  1 
ATOM   362  O OG1 . THR A 1 230 ? -14.252 10.577  12.347  1.00 66.51  ? 743 THR A OG1 1 
ATOM   363  C CG2 . THR A 1 230 ? -15.968 12.187  12.863  1.00 62.53  ? 743 THR A CG2 1 
ATOM   364  N N   . LEU A 1 231 ? -14.905 14.912  10.857  1.00 61.79  ? 744 LEU A N   1 
ATOM   365  C CA  . LEU A 1 231 ? -15.361 16.297  10.963  1.00 61.31  ? 744 LEU A CA  1 
ATOM   366  C C   . LEU A 1 231 ? -16.877 16.290  10.764  1.00 67.29  ? 744 LEU A C   1 
ATOM   367  O O   . LEU A 1 231 ? -17.374 16.414  9.644   1.00 66.11  ? 744 LEU A O   1 
ATOM   368  C CB  . LEU A 1 231 ? -14.638 17.217  9.955   1.00 60.63  ? 744 LEU A CB  1 
ATOM   369  C CG  . LEU A 1 231 ? -14.912 18.727  10.062  1.00 63.79  ? 744 LEU A CG  1 
ATOM   370  C CD1 . LEU A 1 231 ? -14.381 19.308  11.360  1.00 63.42  ? 744 LEU A CD1 1 
ATOM   371  C CD2 . LEU A 1 231 ? -14.296 19.462  8.909   1.00 65.43  ? 744 LEU A CD2 1 
ATOM   372  N N   . GLY A 1 232 ? -17.590 16.070  11.857  1.00 66.99  ? 745 GLY A N   1 
ATOM   373  C CA  . GLY A 1 232 ? -19.041 15.962  11.838  1.00 68.44  ? 745 GLY A CA  1 
ATOM   374  C C   . GLY A 1 232 ? -19.476 14.689  11.141  1.00 75.51  ? 745 GLY A C   1 
ATOM   375  O O   . GLY A 1 232 ? -19.266 13.583  11.660  1.00 75.77  ? 745 GLY A O   1 
ATOM   376  N N   . ASP A 1 233 ? -20.050 14.840  9.933   1.00 72.99  ? 746 ASP A N   1 
ATOM   377  C CA  . ASP A 1 233 ? -20.485 13.698  9.122   1.00 72.72  ? 746 ASP A CA  1 
ATOM   378  C C   . ASP A 1 233 ? -19.430 13.244  8.103   1.00 74.00  ? 746 ASP A C   1 
ATOM   379  O O   . ASP A 1 233 ? -19.515 12.134  7.585   1.00 73.92  ? 746 ASP A O   1 
ATOM   380  C CB  . ASP A 1 233 ? -21.885 13.921  8.507   1.00 74.90  ? 746 ASP A CB  1 
ATOM   381  C CG  . ASP A 1 233 ? -23.039 13.568  9.449   1.00 88.03  ? 746 ASP A CG  1 
ATOM   382  O OD1 . ASP A 1 233 ? -22.809 12.798  10.428  1.00 87.00  ? 746 ASP A OD1 1 
ATOM   383  O OD2 . ASP A 1 233 ? -24.175 14.049  9.206   1.00 96.81  ? 746 ASP A OD2 1 
HETATM 384  N N   . MLY A 1 234 ? -18.416 14.079  7.857   1.00 68.32  ? 747 MLY A N   1 
HETATM 385  C CA  . MLY A 1 234 ? -17.328 13.753  6.948   1.00 67.54  ? 747 MLY A CA  1 
HETATM 386  C CB  . MLY A 1 234 ? -16.593 15.047  6.592   1.00 69.13  ? 747 MLY A CB  1 
HETATM 387  C CG  . MLY A 1 234 ? -17.532 16.125  6.011   1.00 70.97  ? 747 MLY A CG  1 
HETATM 388  C CD  . MLY A 1 234 ? -16.861 17.500  5.805   1.00 73.12  ? 747 MLY A CD  1 
HETATM 389  C CE  . MLY A 1 234 ? -16.651 17.742  4.275   1.00 75.23  ? 747 MLY A CE  1 
HETATM 390  N NZ  . MLY A 1 234 ? -16.956 19.132  3.794   1.00 76.57  ? 747 MLY A NZ  1 
HETATM 391  C CH1 . MLY A 1 234 ? -15.899 20.043  4.296   1.00 77.01  ? 747 MLY A CH1 1 
HETATM 392  C CH2 . MLY A 1 234 ? -18.274 19.586  4.310   1.00 76.27  ? 747 MLY A CH2 1 
HETATM 393  C C   . MLY A 1 234 ? -16.335 12.827  7.649   1.00 69.39  ? 747 MLY A C   1 
HETATM 394  O O   . MLY A 1 234 ? -16.234 12.852  8.879   1.00 69.70  ? 747 MLY A O   1 
HETATM 395  N N   . MLY A 1 235 ? -15.614 11.994  6.865   1.00 63.16  ? 748 MLY A N   1 
HETATM 396  C CA  . MLY A 1 235 ? -14.598 11.047  7.348   1.00 60.77  ? 748 MLY A CA  1 
HETATM 397  C CB  . MLY A 1 235 ? -15.140 9.660   7.607   1.00 60.94  ? 748 MLY A CB  1 
HETATM 398  C CG  . MLY A 1 235 ? -16.005 9.596   8.860   1.00 62.82  ? 748 MLY A CG  1 
HETATM 399  C CD  . MLY A 1 235 ? -16.804 8.277   8.823   1.00 65.63  ? 748 MLY A CD  1 
HETATM 400  C CE  . MLY A 1 235 ? -16.542 7.346   10.034  1.00 68.62  ? 748 MLY A CE  1 
HETATM 401  N NZ  . MLY A 1 235 ? -17.434 7.575   11.247  1.00 71.62  ? 748 MLY A NZ  1 
HETATM 402  C CH1 . MLY A 1 235 ? -16.641 8.031   12.466  1.00 71.43  ? 748 MLY A CH1 1 
HETATM 403  C CH2 . MLY A 1 235 ? -18.653 8.460   10.982  1.00 72.25  ? 748 MLY A CH2 1 
HETATM 404  C C   . MLY A 1 235 ? -13.494 10.924  6.302   1.00 60.39  ? 748 MLY A C   1 
HETATM 405  O O   . MLY A 1 235 ? -13.770 10.599  5.149   1.00 59.77  ? 748 MLY A O   1 
ATOM   406  N N   . PHE A 1 236 ? -12.249 11.205  6.688   1.00 54.88  ? 749 PHE A N   1 
ATOM   407  C CA  . PHE A 1 236 ? -11.119 11.149  5.755   1.00 52.89  ? 749 PHE A CA  1 
ATOM   408  C C   . PHE A 1 236 ? -9.966  10.239  6.234   1.00 53.87  ? 749 PHE A C   1 
ATOM   409  O O   . PHE A 1 236 ? -9.934  9.820   7.395   1.00 52.54  ? 749 PHE A O   1 
ATOM   410  C CB  . PHE A 1 236 ? -10.562 12.565  5.505   1.00 53.67  ? 749 PHE A CB  1 
ATOM   411  C CG  . PHE A 1 236 ? -11.537 13.634  5.078   1.00 53.82  ? 749 PHE A CG  1 
ATOM   412  C CD1 . PHE A 1 236 ? -11.614 14.034  3.753   1.00 55.83  ? 749 PHE A CD1 1 
ATOM   413  C CD2 . PHE A 1 236 ? -12.300 14.316  6.019   1.00 54.79  ? 749 PHE A CD2 1 
ATOM   414  C CE1 . PHE A 1 236 ? -12.494 15.044  3.361   1.00 55.73  ? 749 PHE A CE1 1 
ATOM   415  C CE2 . PHE A 1 236 ? -13.178 15.325  5.629   1.00 57.01  ? 749 PHE A CE2 1 
ATOM   416  C CZ  . PHE A 1 236 ? -13.272 15.676  4.302   1.00 55.06  ? 749 PHE A CZ  1 
ATOM   417  N N   . TYR A 1 237 ? -9.030  9.942   5.312   1.00 48.44  ? 750 TYR A N   1 
ATOM   418  C CA  . TYR A 1 237 ? -7.785  9.217   5.570   1.00 47.75  ? 750 TYR A CA  1 
ATOM   419  C C   . TYR A 1 237 ? -6.716  10.102  4.972   1.00 54.51  ? 750 TYR A C   1 
ATOM   420  O O   . TYR A 1 237 ? -6.939  10.652  3.885   1.00 55.31  ? 750 TYR A O   1 
ATOM   421  C CB  . TYR A 1 237 ? -7.695  7.855   4.834   1.00 47.05  ? 750 TYR A CB  1 
ATOM   422  C CG  . TYR A 1 237 ? -8.506  6.702   5.381   1.00 45.57  ? 750 TYR A CG  1 
ATOM   423  C CD1 . TYR A 1 237 ? -8.410  6.322   6.720   1.00 46.37  ? 750 TYR A CD1 1 
ATOM   424  C CD2 . TYR A 1 237 ? -9.308  5.932   4.541   1.00 45.60  ? 750 TYR A CD2 1 
ATOM   425  C CE1 . TYR A 1 237 ? -9.164  5.259   7.226   1.00 45.97  ? 750 TYR A CE1 1 
ATOM   426  C CE2 . TYR A 1 237 ? -10.039 4.850   5.026   1.00 46.12  ? 750 TYR A CE2 1 
ATOM   427  C CZ  . TYR A 1 237 ? -9.966  4.518   6.369   1.00 52.46  ? 750 TYR A CZ  1 
ATOM   428  O OH  . TYR A 1 237 ? -10.687 3.441   6.814   1.00 53.72  ? 750 TYR A OH  1 
ATOM   429  N N   . LEU A 1 238 ? -5.552  10.227  5.639   1.00 50.73  ? 751 LEU A N   1 
ATOM   430  C CA  . LEU A 1 238 ? -4.463  11.005  5.074   1.00 50.48  ? 751 LEU A CA  1 
ATOM   431  C C   . LEU A 1 238 ? -3.649  10.013  4.259   1.00 55.22  ? 751 LEU A C   1 
ATOM   432  O O   . LEU A 1 238 ? -3.139  9.045   4.825   1.00 56.62  ? 751 LEU A O   1 
ATOM   433  C CB  . LEU A 1 238 ? -3.625  11.692  6.181   1.00 50.52  ? 751 LEU A CB  1 
ATOM   434  C CG  . LEU A 1 238 ? -2.320  12.458  5.775   1.00 54.11  ? 751 LEU A CG  1 
ATOM   435  C CD1 . LEU A 1 238 ? -2.575  13.551  4.740   1.00 53.66  ? 751 LEU A CD1 1 
ATOM   436  C CD2 . LEU A 1 238 ? -1.660  13.070  6.984   1.00 54.49  ? 751 LEU A CD2 1 
ATOM   437  N N   . VAL A 1 239 ? -3.582  10.209  2.924   1.00 50.07  ? 752 VAL A N   1 
ATOM   438  C CA  . VAL A 1 239 ? -2.836  9.315   2.034   1.00 48.35  ? 752 VAL A CA  1 
ATOM   439  C C   . VAL A 1 239 ? -1.540  9.902   1.484   1.00 53.46  ? 752 VAL A C   1 
ATOM   440  O O   . VAL A 1 239 ? -1.492  11.063  1.089   1.00 52.30  ? 752 VAL A O   1 
ATOM   441  C CB  . VAL A 1 239 ? -3.683  8.629   0.936   1.00 50.57  ? 752 VAL A CB  1 
ATOM   442  C CG1 . VAL A 1 239 ? -4.782  7.772   1.546   1.00 50.07  ? 752 VAL A CG1 1 
ATOM   443  C CG2 . VAL A 1 239 ? -4.252  9.632   -0.052  1.00 50.12  ? 752 VAL A CG2 1 
ATOM   444  N N   . GLY A 1 240 ? -0.503  9.075   1.458   1.00 51.66  ? 753 GLY A N   1 
ATOM   445  C CA  . GLY A 1 240 ? 0.793   9.438   0.904   1.00 51.40  ? 753 GLY A CA  1 
ATOM   446  C C   . GLY A 1 240 ? 1.428   8.335   0.085   1.00 54.30  ? 753 GLY A C   1 
ATOM   447  O O   . GLY A 1 240 ? 0.876   7.234   -0.008  1.00 53.64  ? 753 GLY A O   1 
ATOM   448  N N   . ASP A 1 241 ? 2.600   8.623   -0.514  1.00 50.55  ? 754 ASP A N   1 
ATOM   449  C CA  . ASP A 1 241 ? 3.384   7.643   -1.271  1.00 50.00  ? 754 ASP A CA  1 
ATOM   450  C C   . ASP A 1 241 ? 4.043   6.712   -0.272  1.00 55.12  ? 754 ASP A C   1 
ATOM   451  O O   . ASP A 1 241 ? 4.605   7.163   0.737   1.00 55.86  ? 754 ASP A O   1 
ATOM   452  C CB  . ASP A 1 241 ? 4.460   8.319   -2.116  1.00 51.50  ? 754 ASP A CB  1 
ATOM   453  C CG  . ASP A 1 241 ? 5.241   7.350   -2.969  1.00 60.38  ? 754 ASP A CG  1 
ATOM   454  O OD1 . ASP A 1 241 ? 4.646   6.765   -3.892  1.00 60.49  ? 754 ASP A OD1 1 
ATOM   455  O OD2 . ASP A 1 241 ? 6.447   7.178   -2.713  1.00 67.14  ? 754 ASP A OD2 1 
ATOM   456  N N   . TYR A 1 242 ? 3.956   5.413   -0.540  1.00 51.12  ? 755 TYR A N   1 
ATOM   457  C CA  . TYR A 1 242 ? 4.479   4.397   0.355   1.00 50.53  ? 755 TYR A CA  1 
ATOM   458  C C   . TYR A 1 242 ? 6.023   4.428   0.508   1.00 55.32  ? 755 TYR A C   1 
ATOM   459  O O   . TYR A 1 242 ? 6.533   4.453   1.630   1.00 53.52  ? 755 TYR A O   1 
ATOM   460  C CB  . TYR A 1 242 ? 3.931   3.008   -0.044  1.00 50.21  ? 755 TYR A CB  1 
ATOM   461  C CG  . TYR A 1 242 ? 4.445   1.882   0.817   1.00 50.04  ? 755 TYR A CG  1 
ATOM   462  C CD1 . TYR A 1 242 ? 3.694   1.391   1.886   1.00 51.35  ? 755 TYR A CD1 1 
ATOM   463  C CD2 . TYR A 1 242 ? 5.703   1.328   0.593   1.00 50.28  ? 755 TYR A CD2 1 
ATOM   464  C CE1 . TYR A 1 242 ? 4.183   0.368   2.703   1.00 50.08  ? 755 TYR A CE1 1 
ATOM   465  C CE2 . TYR A 1 242 ? 6.203   0.313   1.404   1.00 50.83  ? 755 TYR A CE2 1 
ATOM   466  C CZ  . TYR A 1 242 ? 5.447   -0.156  2.461   1.00 53.72  ? 755 TYR A CZ  1 
ATOM   467  O OH  . TYR A 1 242 ? 5.975   -1.161  3.221   1.00 50.74  ? 755 TYR A OH  1 
ATOM   468  N N   . ASN A 1 243 ? 6.743   4.429   -0.614  1.00 54.01  ? 756 ASN A N   1 
ATOM   469  C CA  . ASN A 1 243 ? 8.198   4.374   -0.627  1.00 54.81  ? 756 ASN A CA  1 
ATOM   470  C C   . ASN A 1 243 ? 8.978   5.670   -0.382  1.00 63.57  ? 756 ASN A C   1 
ATOM   471  O O   . ASN A 1 243 ? 10.212  5.638   -0.387  1.00 65.16  ? 756 ASN A O   1 
ATOM   472  C CB  . ASN A 1 243 ? 8.687   3.621   -1.848  1.00 51.92  ? 756 ASN A CB  1 
ATOM   473  C CG  . ASN A 1 243 ? 8.370   2.161   -1.758  1.00 69.48  ? 756 ASN A CG  1 
ATOM   474  O OD1 . ASN A 1 243 ? 8.732   1.467   -0.792  1.00 71.38  ? 756 ASN A OD1 1 
ATOM   475  N ND2 . ASN A 1 243 ? 7.668   1.668   -2.752  1.00 55.58  ? 756 ASN A ND2 1 
ATOM   476  N N   . THR A 1 244 ? 8.283   6.795   -0.136  1.00 61.08  ? 757 THR A N   1 
ATOM   477  C CA  . THR A 1 244 ? 8.926   8.089   0.137   1.00 60.58  ? 757 THR A CA  1 
ATOM   478  C C   . THR A 1 244 ? 8.361   8.734   1.408   1.00 65.81  ? 757 THR A C   1 
ATOM   479  O O   . THR A 1 244 ? 9.085   9.447   2.093   1.00 66.80  ? 757 THR A O   1 
ATOM   480  C CB  . THR A 1 244 ? 8.798   9.051   -1.057  1.00 62.45  ? 757 THR A CB  1 
ATOM   481  O OG1 . THR A 1 244 ? 7.419   9.315   -1.312  1.00 62.70  ? 757 THR A OG1 1 
ATOM   482  C CG2 . THR A 1 244 ? 9.477   8.544   -2.314  1.00 57.25  ? 757 THR A CG2 1 
ATOM   483  N N   . GLY A 1 245 ? 7.080   8.503   1.695   1.00 61.89  ? 758 GLY A N   1 
ATOM   484  C CA  . GLY A 1 245 ? 6.403   9.085   2.851   1.00 61.82  ? 758 GLY A CA  1 
ATOM   485  C C   . GLY A 1 245 ? 5.754   10.427  2.545   1.00 65.68  ? 758 GLY A C   1 
ATOM   486  O O   . GLY A 1 245 ? 5.096   11.019  3.410   1.00 64.86  ? 758 GLY A O   1 
ATOM   487  N N   . THR A 1 246 ? 5.959   10.915  1.301   1.00 61.37  ? 759 THR A N   1 
ATOM   488  C CA  . THR A 1 246 ? 5.406   12.153  0.762   1.00 60.92  ? 759 THR A CA  1 
ATOM   489  C C   . THR A 1 246 ? 3.873   12.094  0.909   1.00 65.08  ? 759 THR A C   1 
ATOM   490  O O   . THR A 1 246 ? 3.250   11.173  0.378   1.00 63.89  ? 759 THR A O   1 
ATOM   491  C CB  . THR A 1 246 ? 5.786   12.270  -0.740  1.00 66.39  ? 759 THR A CB  1 
ATOM   492  O OG1 . THR A 1 246 ? 7.175   12.012  -0.920  1.00 71.70  ? 759 THR A OG1 1 
ATOM   493  C CG2 . THR A 1 246 ? 5.444   13.614  -1.336  1.00 60.28  ? 759 THR A CG2 1 
ATOM   494  N N   . ASN A 1 247 ? 3.278   13.057  1.646   1.00 62.10  ? 760 ASN A N   1 
ATOM   495  C CA  . ASN A 1 247 ? 1.826   13.139  1.809   1.00 61.80  ? 760 ASN A CA  1 
ATOM   496  C C   . ASN A 1 247 ? 1.194   13.754  0.564   1.00 64.44  ? 760 ASN A C   1 
ATOM   497  O O   . ASN A 1 247 ? 1.687   14.766  0.059   1.00 64.80  ? 760 ASN A O   1 
ATOM   498  C CB  . ASN A 1 247 ? 1.434   13.925  3.063   1.00 64.25  ? 760 ASN A CB  1 
ATOM   499  C CG  . ASN A 1 247 ? 1.498   13.134  4.354   1.00 97.47  ? 760 ASN A CG  1 
ATOM   500  O OD1 . ASN A 1 247 ? 1.307   11.908  4.394   1.00 98.70  ? 760 ASN A OD1 1 
ATOM   501  N ND2 . ASN A 1 247 ? 1.709   13.832  5.457   1.00 88.56  ? 760 ASN A ND2 1 
ATOM   502  N N   . TYR A 1 248 ? 0.139   13.106  0.049   1.00 58.69  ? 761 TYR A N   1 
ATOM   503  C CA  . TYR A 1 248 ? -0.596  13.544  -1.131  1.00 57.92  ? 761 TYR A CA  1 
ATOM   504  C C   . TYR A 1 248 ? -1.802  14.403  -0.697  1.00 60.30  ? 761 TYR A C   1 
ATOM   505  O O   . TYR A 1 248 ? -2.037  15.464  -1.283  1.00 61.03  ? 761 TYR A O   1 
ATOM   506  C CB  . TYR A 1 248 ? -1.032  12.332  -1.977  1.00 59.62  ? 761 TYR A CB  1 
ATOM   507  C CG  . TYR A 1 248 ? 0.055   11.694  -2.826  1.00 62.82  ? 761 TYR A CG  1 
ATOM   508  C CD1 . TYR A 1 248 ? -0.138  11.468  -4.180  1.00 65.00  ? 761 TYR A CD1 1 
ATOM   509  C CD2 . TYR A 1 248 ? 1.250   11.255  -2.258  1.00 63.95  ? 761 TYR A CD2 1 
ATOM   510  C CE1 . TYR A 1 248 ? 0.843   10.858  -4.960  1.00 66.04  ? 761 TYR A CE1 1 
ATOM   511  C CE2 . TYR A 1 248 ? 2.246   10.662  -3.035  1.00 64.27  ? 761 TYR A CE2 1 
ATOM   512  C CZ  . TYR A 1 248 ? 2.023   10.433  -4.381  1.00 69.94  ? 761 TYR A CZ  1 
ATOM   513  O OH  . TYR A 1 248 ? 2.982   9.841   -5.170  1.00 68.68  ? 761 TYR A OH  1 
ATOM   514  N N   . GLY A 1 249 ? -2.517  13.959  0.342   1.00 53.85  ? 762 GLY A N   1 
ATOM   515  C CA  . GLY A 1 249 ? -3.658  14.672  0.893   1.00 52.92  ? 762 GLY A CA  1 
ATOM   516  C C   . GLY A 1 249 ? -4.681  13.820  1.612   1.00 57.33  ? 762 GLY A C   1 
ATOM   517  O O   . GLY A 1 249 ? -4.448  12.633  1.857   1.00 56.99  ? 762 GLY A O   1 
ATOM   518  N N   . TRP A 1 250 ? -5.832  14.441  1.964   1.00 54.08  ? 763 TRP A N   1 
ATOM   519  C CA  . TRP A 1 250 ? -6.941  13.782  2.651   1.00 54.25  ? 763 TRP A CA  1 
ATOM   520  C C   . TRP A 1 250 ? -7.946  13.243  1.652   1.00 59.70  ? 763 TRP A C   1 
ATOM   521  O O   . TRP A 1 250 ? -8.238  13.896  0.653   1.00 60.23  ? 763 TRP A O   1 
ATOM   522  C CB  . TRP A 1 250 ? -7.625  14.728  3.631   1.00 53.04  ? 763 TRP A CB  1 
ATOM   523  C CG  . TRP A 1 250 ? -6.716  15.199  4.719   1.00 54.56  ? 763 TRP A CG  1 
ATOM   524  C CD1 . TRP A 1 250 ? -5.844  16.249  4.667   1.00 57.42  ? 763 TRP A CD1 1 
ATOM   525  C CD2 . TRP A 1 250 ? -6.563  14.612  6.020   1.00 54.61  ? 763 TRP A CD2 1 
ATOM   526  N NE1 . TRP A 1 250 ? -5.171  16.368  5.865   1.00 56.76  ? 763 TRP A NE1 1 
ATOM   527  C CE2 . TRP A 1 250 ? -5.594  15.376  6.715   1.00 58.30  ? 763 TRP A CE2 1 
ATOM   528  C CE3 . TRP A 1 250 ? -7.157  13.517  6.674   1.00 55.67  ? 763 TRP A CE3 1 
ATOM   529  C CZ2 . TRP A 1 250 ? -5.220  15.086  8.031   1.00 57.36  ? 763 TRP A CZ2 1 
ATOM   530  C CZ3 . TRP A 1 250 ? -6.764  13.219  7.967   1.00 56.92  ? 763 TRP A CZ3 1 
ATOM   531  C CH2 . TRP A 1 250 ? -5.827  14.012  8.641   1.00 57.50  ? 763 TRP A CH2 1 
ATOM   532  N N   . VAL A 1 251 ? -8.458  12.042  1.906   1.00 56.42  ? 764 VAL A N   1 
ATOM   533  C CA  . VAL A 1 251 ? -9.416  11.402  1.019   1.00 56.26  ? 764 VAL A CA  1 
ATOM   534  C C   . VAL A 1 251 ? -10.576 10.783  1.804   1.00 60.33  ? 764 VAL A C   1 
ATOM   535  O O   . VAL A 1 251 ? -10.370 10.187  2.871   1.00 58.94  ? 764 VAL A O   1 
ATOM   536  C CB  . VAL A 1 251 ? -8.717  10.409  0.046   1.00 60.36  ? 764 VAL A CB  1 
ATOM   537  C CG1 . VAL A 1 251 ? -8.177  9.176   0.776   1.00 60.36  ? 764 VAL A CG1 1 
ATOM   538  C CG2 . VAL A 1 251 ? -9.622  10.014  -1.121  1.00 60.05  ? 764 VAL A CG2 1 
HETATM 539  N N   . MLY A 1 252 ? -11.802 10.952  1.268   1.00 57.34  ? 765 MLY A N   1 
HETATM 540  C CA  . MLY A 1 252 ? -13.031 10.411  1.846   1.00 56.78  ? 765 MLY A CA  1 
HETATM 541  C CB  . MLY A 1 252 ? -14.145 10.771  0.837   1.00 57.75  ? 765 MLY A CB  1 
HETATM 542  C CG  . MLY A 1 252 ? -14.463 12.266  0.866   1.00 58.56  ? 765 MLY A CG  1 
HETATM 543  C CD  . MLY A 1 252 ? -15.966 12.456  0.642   1.00 59.62  ? 765 MLY A CD  1 
HETATM 544  C CE  . MLY A 1 252 ? -16.425 13.863  1.104   1.00 60.65  ? 765 MLY A CE  1 
HETATM 545  N NZ  . MLY A 1 252 ? -17.731 14.334  0.536   1.00 61.04  ? 765 MLY A NZ  1 
HETATM 546  C CH1 . MLY A 1 252 ? -18.841 13.692  1.284   1.00 60.91  ? 765 MLY A CH1 1 
HETATM 547  C CH2 . MLY A 1 252 ? -17.814 13.992  -0.907  1.00 60.61  ? 765 MLY A CH2 1 
HETATM 548  C C   . MLY A 1 252 ? -12.862 8.897   2.051   1.00 56.40  ? 765 MLY A C   1 
HETATM 549  O O   . MLY A 1 252 ? -12.525 8.189   1.108   1.00 55.42  ? 765 MLY A O   1 
ATOM   550  N N   . GLN A 1 253 ? -13.032 8.429   3.292   1.00 50.28  ? 766 GLN A N   1 
ATOM   551  C CA  . GLN A 1 253 ? -12.851 7.030   3.679   1.00 48.85  ? 766 GLN A CA  1 
ATOM   552  C C   . GLN A 1 253 ? -13.622 6.078   2.784   1.00 52.12  ? 766 GLN A C   1 
ATOM   553  O O   . GLN A 1 253 ? -13.123 4.996   2.461   1.00 52.78  ? 766 GLN A O   1 
ATOM   554  C CB  . GLN A 1 253 ? -13.231 6.807   5.159   1.00 49.70  ? 766 GLN A CB  1 
ATOM   555  C CG  . GLN A 1 253 ? -12.306 7.490   6.189   1.00 54.82  ? 766 GLN A CG  1 
ATOM   556  C CD  . GLN A 1 253 ? -12.500 6.978   7.609   1.00 67.74  ? 766 GLN A CD  1 
ATOM   557  O OE1 . GLN A 1 253 ? -13.291 6.059   7.875   1.00 61.73  ? 766 GLN A OE1 1 
ATOM   558  N NE2 . GLN A 1 253 ? -11.752 7.540   8.555   1.00 54.84  ? 766 GLN A NE2 1 
ATOM   559  N N   . ASP A 1 254 ? -14.827 6.487   2.372   1.00 47.69  ? 767 ASP A N   1 
ATOM   560  C CA  . ASP A 1 254 ? -15.736 5.698   1.541   1.00 47.00  ? 767 ASP A CA  1 
ATOM   561  C C   . ASP A 1 254 ? -15.379 5.708   0.055   1.00 47.90  ? 767 ASP A C   1 
ATOM   562  O O   . ASP A 1 254 ? -16.048 5.041   -0.737  1.00 48.54  ? 767 ASP A O   1 
ATOM   563  C CB  . ASP A 1 254 ? -17.194 6.135   1.770   1.00 49.44  ? 767 ASP A CB  1 
ATOM   564  C CG  . ASP A 1 254 ? -17.542 7.527   1.268   1.00 66.69  ? 767 ASP A CG  1 
ATOM   565  O OD1 . ASP A 1 254 ? -16.636 8.394   1.224   1.00 69.15  ? 767 ASP A OD1 1 
ATOM   566  O OD2 . ASP A 1 254 ? -18.724 7.759   0.943   1.00 75.00  ? 767 ASP A OD2 1 
ATOM   567  N N   . GLU A 1 255 ? -14.336 6.437   -0.321  1.00 41.04  ? 768 GLU A N   1 
ATOM   568  C CA  . GLU A 1 255 ? -13.928 6.463   -1.715  1.00 40.52  ? 768 GLU A CA  1 
ATOM   569  C C   . GLU A 1 255 ? -12.654 5.661   -1.927  1.00 45.81  ? 768 GLU A C   1 
ATOM   570  O O   . GLU A 1 255 ? -12.002 5.848   -2.957  1.00 46.66  ? 768 GLU A O   1 
ATOM   571  C CB  . GLU A 1 255 ? -13.791 7.897   -2.244  1.00 41.54  ? 768 GLU A CB  1 
ATOM   572  C CG  . GLU A 1 255 ? -15.032 8.740   -2.012  1.00 52.72  ? 768 GLU A CG  1 
ATOM   573  C CD  . GLU A 1 255 ? -15.080 10.072  -2.727  1.00 71.31  ? 768 GLU A CD  1 
ATOM   574  O OE1 . GLU A 1 255 ? -14.018 10.722  -2.862  1.00 66.95  ? 768 GLU A OE1 1 
ATOM   575  O OE2 . GLU A 1 255 ? -16.190 10.482  -3.131  1.00 64.12  ? 768 GLU A OE2 1 
ATOM   576  N N   . VAL A 1 256 ? -12.295 4.755   -0.970  1.00 41.67  ? 769 VAL A N   1 
ATOM   577  C CA  . VAL A 1 256 ? -11.068 3.932   -1.043  1.00 41.60  ? 769 VAL A CA  1 
ATOM   578  C C   . VAL A 1 256 ? -11.292 2.493   -0.544  1.00 46.23  ? 769 VAL A C   1 
ATOM   579  O O   . VAL A 1 256 ? -12.205 2.269   0.260   1.00 46.60  ? 769 VAL A O   1 
ATOM   580  C CB  . VAL A 1 256 ? -9.823  4.556   -0.304  1.00 45.36  ? 769 VAL A CB  1 
ATOM   581  C CG1 . VAL A 1 256 ? -9.453  5.948   -0.813  1.00 44.84  ? 769 VAL A CG1 1 
ATOM   582  C CG2 . VAL A 1 256 ? -9.989  4.557   1.217   1.00 45.29  ? 769 VAL A CG2 1 
ATOM   583  N N   . ILE A 1 257 ? -10.416 1.537   -0.968  1.00 41.45  ? 770 ILE A N   1 
ATOM   584  C CA  . ILE A 1 257 ? -10.442 0.179   -0.433  1.00 40.42  ? 770 ILE A CA  1 
ATOM   585  C C   . ILE A 1 257 ? -9.355  0.271   0.610   1.00 45.80  ? 770 ILE A C   1 
ATOM   586  O O   . ILE A 1 257 ? -8.185  0.439   0.258   1.00 46.15  ? 770 ILE A O   1 
ATOM   587  C CB  . ILE A 1 257 ? -10.185 -0.984  -1.446  1.00 42.90  ? 770 ILE A CB  1 
ATOM   588  C CG1 . ILE A 1 257 ? -11.275 -1.089  -2.524  1.00 43.07  ? 770 ILE A CG1 1 
ATOM   589  C CG2 . ILE A 1 257 ? -10.064 -2.315  -0.712  1.00 42.71  ? 770 ILE A CG2 1 
ATOM   590  C CD1 . ILE A 1 257 ? -10.748 -1.481  -3.874  1.00 45.33  ? 770 ILE A CD1 1 
ATOM   591  N N   . TYR A 1 258 ? -9.745  0.252   1.886   1.00 42.02  ? 771 TYR A N   1 
ATOM   592  C CA  . TYR A 1 258 ? -8.795  0.363   2.978   1.00 41.98  ? 771 TYR A CA  1 
ATOM   593  C C   . TYR A 1 258 ? -8.377  -1.027  3.470   1.00 47.20  ? 771 TYR A C   1 
ATOM   594  O O   . TYR A 1 258 ? -9.121  -1.994  3.279   1.00 46.58  ? 771 TYR A O   1 
ATOM   595  C CB  . TYR A 1 258 ? -9.406  1.230   4.113   1.00 42.98  ? 771 TYR A CB  1 
ATOM   596  C CG  . TYR A 1 258 ? -8.602  1.288   5.399   1.00 43.40  ? 771 TYR A CG  1 
ATOM   597  C CD1 . TYR A 1 258 ? -7.574  2.208   5.562   1.00 45.10  ? 771 TYR A CD1 1 
ATOM   598  C CD2 . TYR A 1 258 ? -8.855  0.403   6.442   1.00 43.44  ? 771 TYR A CD2 1 
ATOM   599  C CE1 . TYR A 1 258 ? -6.817  2.248   6.730   1.00 44.43  ? 771 TYR A CE1 1 
ATOM   600  C CE2 . TYR A 1 258 ? -8.080  0.410   7.598   1.00 44.13  ? 771 TYR A CE2 1 
ATOM   601  C CZ  . TYR A 1 258 ? -7.072  1.343   7.743   1.00 51.04  ? 771 TYR A CZ  1 
ATOM   602  O OH  . TYR A 1 258 ? -6.329  1.365   8.892   1.00 56.18  ? 771 TYR A OH  1 
ATOM   603  N N   . ASN A 1 259 ? -7.174  -1.110  4.101   1.00 44.82  ? 772 ASN A N   1 
ATOM   604  C CA  . ASN A 1 259 ? -6.602  -2.295  4.756   1.00 45.57  ? 772 ASN A CA  1 
ATOM   605  C C   . ASN A 1 259 ? -5.584  -1.923  5.853   1.00 49.77  ? 772 ASN A C   1 
ATOM   606  O O   . ASN A 1 259 ? -4.708  -1.085  5.618   1.00 48.81  ? 772 ASN A O   1 
ATOM   607  C CB  . ASN A 1 259 ? -6.002  -3.295  3.752   1.00 46.85  ? 772 ASN A CB  1 
ATOM   608  C CG  . ASN A 1 259 ? -7.016  -4.257  3.189   1.00 72.44  ? 772 ASN A CG  1 
ATOM   609  O OD1 . ASN A 1 259 ? -7.205  -4.343  1.973   1.00 71.54  ? 772 ASN A OD1 1 
ATOM   610  N ND2 . ASN A 1 259 ? -7.735  -4.967  4.057   1.00 62.91  ? 772 ASN A ND2 1 
ATOM   611  N N   . THR A 1 260 ? -5.719  -2.526  7.057   1.00 46.50  ? 773 THR A N   1 
ATOM   612  C CA  . THR A 1 260 ? -4.775  -2.266  8.155   1.00 46.47  ? 773 THR A CA  1 
ATOM   613  C C   . THR A 1 260 ? -3.393  -2.760  7.784   1.00 48.97  ? 773 THR A C   1 
ATOM   614  O O   . THR A 1 260 ? -3.282  -3.725  7.045   1.00 50.55  ? 773 THR A O   1 
ATOM   615  C CB  . THR A 1 260 ? -5.255  -2.802  9.511   1.00 57.16  ? 773 THR A CB  1 
ATOM   616  O OG1 . THR A 1 260 ? -5.930  -4.052  9.356   1.00 59.85  ? 773 THR A OG1 1 
ATOM   617  C CG2 . THR A 1 260 ? -6.137  -1.818  10.228  1.00 57.05  ? 773 THR A CG2 1 
ATOM   618  N N   . ALA A 1 261 ? -2.355  -2.059  8.223   1.00 43.14  ? 774 ALA A N   1 
ATOM   619  C CA  . ALA A 1 261 ? -0.980  -2.388  7.919   1.00 42.38  ? 774 ALA A CA  1 
ATOM   620  C C   . ALA A 1 261 ? -0.155  -2.407  9.189   1.00 48.26  ? 774 ALA A C   1 
ATOM   621  O O   . ALA A 1 261 ? 0.080   -1.363  9.796   1.00 47.64  ? 774 ALA A O   1 
ATOM   622  C CB  . ALA A 1 261 ? -0.411  -1.387  6.930   1.00 42.79  ? 774 ALA A CB  1 
HETATM 623  N N   . MLY A 1 262 ? 0.259   -3.606  9.608   1.00 46.72  ? 775 MLY A N   1 
HETATM 624  C CA  . MLY A 1 262 ? 1.094   -3.778  10.776  1.00 48.28  ? 775 MLY A CA  1 
HETATM 625  C CB  . MLY A 1 262 ? 1.261   -5.266  11.090  1.00 52.30  ? 775 MLY A CB  1 
HETATM 626  C CG  . MLY A 1 262 ? 0.300   -5.742  12.216  1.00 55.41  ? 775 MLY A CG  1 
HETATM 627  C CD  . MLY A 1 262 ? 0.956   -6.937  12.983  1.00 58.27  ? 775 MLY A CD  1 
HETATM 628  C CE  . MLY A 1 262 ? 0.320   -7.178  14.407  1.00 59.88  ? 775 MLY A CE  1 
HETATM 629  N NZ  . MLY A 1 262 ? 0.194   -8.630  14.850  1.00 60.22  ? 775 MLY A NZ  1 
HETATM 630  C CH1 . MLY A 1 262 ? 1.430   -9.427  14.545  1.00 59.71  ? 775 MLY A CH1 1 
HETATM 631  C CH2 . MLY A 1 262 ? -1.075  -9.255  14.315  1.00 59.80  ? 775 MLY A CH2 1 
HETATM 632  C C   . MLY A 1 262 ? 2.471   -3.285  10.386  1.00 52.09  ? 775 MLY A C   1 
HETATM 633  O O   . MLY A 1 262 ? 2.858   -3.400  9.222   1.00 50.79  ? 775 MLY A O   1 
ATOM   634  N N   . SER A 1 263 ? 3.188   -2.689  11.343  1.00 49.28  ? 776 SER A N   1 
ATOM   635  C CA  . SER A 1 263 ? 4.523   -2.162  11.118  1.00 48.90  ? 776 SER A CA  1 
ATOM   636  C C   . SER A 1 263 ? 5.441   -3.263  10.538  1.00 52.02  ? 776 SER A C   1 
ATOM   637  O O   . SER A 1 263 ? 5.426   -4.387  11.047  1.00 52.28  ? 776 SER A O   1 
ATOM   638  C CB  . SER A 1 263 ? 5.093   -1.616  12.423  1.00 52.73  ? 776 SER A CB  1 
ATOM   639  O OG  . SER A 1 263 ? 6.413   -1.129  12.236  1.00 65.53  ? 776 SER A OG  1 
ATOM   640  N N   . PRO A 1 264 ? 6.218   -2.985  9.469   1.00 46.88  ? 777 PRO A N   1 
ATOM   641  C CA  . PRO A 1 264 ? 7.093   -4.038  8.915   1.00 46.79  ? 777 PRO A CA  1 
ATOM   642  C C   . PRO A 1 264 ? 8.169   -4.521  9.878   1.00 52.06  ? 777 PRO A C   1 
ATOM   643  O O   . PRO A 1 264 ? 8.534   -3.805  10.813  1.00 53.47  ? 777 PRO A O   1 
ATOM   644  C CB  . PRO A 1 264 ? 7.711   -3.389  7.665   1.00 48.12  ? 777 PRO A CB  1 
ATOM   645  C CG  . PRO A 1 264 ? 7.561   -1.947  7.865   1.00 52.17  ? 777 PRO A CG  1 
ATOM   646  C CD  . PRO A 1 264 ? 6.338   -1.729  8.707   1.00 47.69  ? 777 PRO A CD  1 
ATOM   647  N N   . VAL A 1 265 ? 8.667   -5.746  9.655   1.00 47.61  ? 778 VAL A N   1 
ATOM   648  C CA  . VAL A 1 265 ? 9.709   -6.357  10.481  1.00 46.38  ? 778 VAL A CA  1 
ATOM   649  C C   . VAL A 1 265 ? 10.873  -6.810  9.615   1.00 49.94  ? 778 VAL A C   1 
ATOM   650  O O   . VAL A 1 265 ? 10.684  -7.155  8.452   1.00 48.56  ? 778 VAL A O   1 
ATOM   651  C CB  . VAL A 1 265 ? 9.198   -7.485  11.435  1.00 49.47  ? 778 VAL A CB  1 
ATOM   652  C CG1 . VAL A 1 265 ? 8.109   -6.982  12.383  1.00 48.96  ? 778 VAL A CG1 1 
ATOM   653  C CG2 . VAL A 1 265 ? 8.709   -8.701  10.666  1.00 49.27  ? 778 VAL A CG2 1 
ATOM   654  N N   . LYS A 1 266 ? 12.081  -6.782  10.178  1.00 48.34  ? 779 LYS A N   1 
ATOM   655  C CA  . LYS A 1 266 ? 13.280  -7.250  9.494   1.00 48.42  ? 779 LYS A CA  1 
ATOM   656  C C   . LYS A 1 266 ? 13.294  -8.797  9.571   1.00 51.64  ? 779 LYS A C   1 
ATOM   657  O O   . LYS A 1 266 ? 12.877  -9.374  10.587  1.00 51.07  ? 779 LYS A O   1 
ATOM   658  C CB  . LYS A 1 266 ? 14.552  -6.622  10.114  1.00 50.98  ? 779 LYS A CB  1 
ATOM   659  C CG  . LYS A 1 266 ? 14.738  -5.143  9.761   1.00 70.10  ? 779 LYS A CG  1 
ATOM   660  C CD  . LYS A 1 266 ? 16.068  -4.543  10.271  1.00 82.17  ? 779 LYS A CD  1 
ATOM   661  C CE  . LYS A 1 266 ? 16.164  -3.046  10.015  1.00 85.04  ? 779 LYS A CE  1 
ATOM   662  N NZ  . LYS A 1 266 ? 17.416  -2.451  10.548  1.00 80.84  ? 779 LYS A NZ  1 
ATOM   663  N N   . ILE A 1 267 ? 13.670  -9.454  8.463   1.00 47.02  ? 780 ILE A N   1 
ATOM   664  C CA  . ILE A 1 267 ? 13.756  -10.915 8.343   1.00 46.44  ? 780 ILE A CA  1 
ATOM   665  C C   . ILE A 1 267 ? 14.943  -11.295 7.465   1.00 51.86  ? 780 ILE A C   1 
ATOM   666  O O   . ILE A 1 267 ? 15.437  -10.467 6.697   1.00 52.81  ? 780 ILE A O   1 
ATOM   667  C CB  . ILE A 1 267 ? 12.455  -11.620 7.860   1.00 48.67  ? 780 ILE A CB  1 
ATOM   668  C CG1 . ILE A 1 267 ? 12.032  -11.158 6.455   1.00 49.11  ? 780 ILE A CG1 1 
ATOM   669  C CG2 . ILE A 1 267 ? 11.336  -11.554 8.900   1.00 49.19  ? 780 ILE A CG2 1 
ATOM   670  C CD1 . ILE A 1 267 ? 11.060  -12.025 5.742   1.00 56.23  ? 780 ILE A CD1 1 
ATOM   671  N N   . ASN A 1 268 ? 15.402  -12.547 7.595   1.00 47.09  ? 781 ASN A N   1 
ATOM   672  C CA  . ASN A 1 268 ? 16.497  -13.102 6.822   1.00 46.34  ? 781 ASN A CA  1 
ATOM   673  C C   . ASN A 1 268 ? 16.131  -14.539 6.516   1.00 51.07  ? 781 ASN A C   1 
ATOM   674  O O   . ASN A 1 268 ? 16.241  -15.408 7.374   1.00 51.49  ? 781 ASN A O   1 
ATOM   675  C CB  . ASN A 1 268 ? 17.815  -13.025 7.580   1.00 43.72  ? 781 ASN A CB  1 
ATOM   676  C CG  . ASN A 1 268 ? 19.045  -13.303 6.753   1.00 62.03  ? 781 ASN A CG  1 
ATOM   677  O OD1 . ASN A 1 268 ? 19.007  -13.474 5.527   1.00 61.09  ? 781 ASN A OD1 1 
ATOM   678  N ND2 . ASN A 1 268 ? 20.184  -13.284 7.407   1.00 52.94  ? 781 ASN A ND2 1 
ATOM   679  N N   . GLN A 1 269 ? 15.621  -14.767 5.314   1.00 46.62  ? 782 GLN A N   1 
ATOM   680  C CA  . GLN A 1 269 ? 15.246  -16.084 4.865   1.00 45.80  ? 782 GLN A CA  1 
ATOM   681  C C   . GLN A 1 269 ? 15.210  -16.126 3.348   1.00 50.87  ? 782 GLN A C   1 
ATOM   682  O O   . GLN A 1 269 ? 14.766  -15.170 2.709   1.00 51.00  ? 782 GLN A O   1 
ATOM   683  C CB  . GLN A 1 269 ? 13.917  -16.538 5.501   1.00 46.57  ? 782 GLN A CB  1 
ATOM   684  C CG  . GLN A 1 269 ? 13.608  -18.033 5.337   1.00 53.64  ? 782 GLN A CG  1 
ATOM   685  C CD  . GLN A 1 269 ? 14.699  -18.958 5.821   1.00 51.99  ? 782 GLN A CD  1 
ATOM   686  O OE1 . GLN A 1 269 ? 15.685  -19.193 5.132   1.00 46.23  ? 782 GLN A OE1 1 
ATOM   687  N NE2 . GLN A 1 269 ? 14.520  -19.552 6.990   1.00 36.15  ? 782 GLN A NE2 1 
ATOM   688  N N   . THR A 1 270 ? 15.741  -17.215 2.778   1.00 47.33  ? 783 THR A N   1 
ATOM   689  C CA  . THR A 1 270 ? 15.736  -17.480 1.343   1.00 47.14  ? 783 THR A CA  1 
ATOM   690  C C   . THR A 1 270 ? 14.520  -18.378 1.053   1.00 50.96  ? 783 THR A C   1 
ATOM   691  O O   . THR A 1 270 ? 14.163  -19.240 1.883   1.00 51.60  ? 783 THR A O   1 
ATOM   692  C CB  . THR A 1 270 ? 17.095  -18.033 0.873   1.00 51.88  ? 783 THR A CB  1 
ATOM   693  O OG1 . THR A 1 270 ? 18.101  -17.044 1.119   1.00 55.75  ? 783 THR A OG1 1 
ATOM   694  C CG2 . THR A 1 270 ? 17.109  -18.363 -0.599  1.00 44.78  ? 783 THR A CG2 1 
ATOM   695  N N   . TYR A 1 271 ? 13.856  -18.125 -0.093  1.00 44.95  ? 784 TYR A N   1 
ATOM   696  C CA  . TYR A 1 271 ? 12.650  -18.824 -0.522  1.00 43.85  ? 784 TYR A CA  1 
ATOM   697  C C   . TYR A 1 271 ? 12.693  -19.222 -1.987  1.00 48.58  ? 784 TYR A C   1 
ATOM   698  O O   . TYR A 1 271 ? 13.344  -18.580 -2.820  1.00 48.25  ? 784 TYR A O   1 
ATOM   699  C CB  . TYR A 1 271 ? 11.417  -17.924 -0.301  1.00 44.15  ? 784 TYR A CB  1 
ATOM   700  C CG  . TYR A 1 271 ? 11.103  -17.622 1.147   1.00 43.09  ? 784 TYR A CG  1 
ATOM   701  C CD1 . TYR A 1 271 ? 10.199  -18.403 1.861   1.00 44.65  ? 784 TYR A CD1 1 
ATOM   702  C CD2 . TYR A 1 271 ? 11.656  -16.514 1.782   1.00 42.23  ? 784 TYR A CD2 1 
ATOM   703  C CE1 . TYR A 1 271 ? 9.895   -18.120 3.191   1.00 44.45  ? 784 TYR A CE1 1 
ATOM   704  C CE2 . TYR A 1 271 ? 11.371  -16.232 3.113   1.00 42.56  ? 784 TYR A CE2 1 
ATOM   705  C CZ  . TYR A 1 271 ? 10.495  -17.041 3.818   1.00 48.44  ? 784 TYR A CZ  1 
ATOM   706  O OH  . TYR A 1 271 ? 10.217  -16.785 5.138   1.00 47.31  ? 784 TYR A OH  1 
ATOM   707  N N   . ASN A 1 272 ? 11.925  -20.243 -2.309  1.00 46.65  ? 785 ASN A N   1 
ATOM   708  C CA  . ASN A 1 272 ? 11.796  -20.730 -3.672  1.00 47.56  ? 785 ASN A CA  1 
ATOM   709  C C   . ASN A 1 272 ? 10.568  -20.066 -4.296  1.00 53.88  ? 785 ASN A C   1 
ATOM   710  O O   . ASN A 1 272 ? 9.493   -20.067 -3.677  1.00 54.85  ? 785 ASN A O   1 
ATOM   711  C CB  . ASN A 1 272 ? 11.686  -22.272 -3.685  1.00 46.30  ? 785 ASN A CB  1 
ATOM   712  C CG  . ASN A 1 272 ? 12.971  -22.989 -4.029  1.00 62.78  ? 785 ASN A CG  1 
ATOM   713  O OD1 . ASN A 1 272 ? 14.063  -22.698 -3.526  1.00 48.16  ? 785 ASN A OD1 1 
ATOM   714  N ND2 . ASN A 1 272 ? 12.871  -23.943 -4.925  1.00 64.79  ? 785 ASN A ND2 1 
ATOM   715  N N   . VAL A 1 273 ? 10.746  -19.450 -5.491  1.00 49.61  ? 786 VAL A N   1 
ATOM   716  C CA  . VAL A 1 273 ? 9.667   -18.791 -6.236  1.00 48.97  ? 786 VAL A CA  1 
ATOM   717  C C   . VAL A 1 273 ? 9.676   -19.184 -7.717  1.00 54.72  ? 786 VAL A C   1 
ATOM   718  O O   . VAL A 1 273 ? 10.710  -19.107 -8.379  1.00 54.17  ? 786 VAL A O   1 
ATOM   719  C CB  . VAL A 1 273 ? 9.544   -17.268 -5.974  1.00 52.20  ? 786 VAL A CB  1 
ATOM   720  C CG1 . VAL A 1 273 ? 10.742  -16.488 -6.509  1.00 51.42  ? 786 VAL A CG1 1 
ATOM   721  C CG2 . VAL A 1 273 ? 8.228   -16.712 -6.519  1.00 52.07  ? 786 VAL A CG2 1 
HETATM 722  N N   . MLY A 1 274 ? 8.527   -19.645 -8.211  1.00 52.81  ? 787 MLY A N   1 
HETATM 723  C CA  . MLY A 1 274 ? 8.364   -20.097 -9.584  1.00 53.46  ? 787 MLY A CA  1 
HETATM 724  C CB  . MLY A 1 274 ? 6.880   -20.475 -9.554  1.00 56.15  ? 787 MLY A CB  1 
HETATM 725  C CG  . MLY A 1 274 ? 6.412   -21.430 -10.651 1.00 59.58  ? 787 MLY A CG  1 
HETATM 726  C CD  . MLY A 1 274 ? 5.226   -22.314 -10.215 1.00 63.29  ? 787 MLY A CD  1 
HETATM 727  C CE  . MLY A 1 274 ? 5.573   -23.748 -10.656 1.00 67.75  ? 787 MLY A CE  1 
HETATM 728  N NZ  . MLY A 1 274 ? 4.552   -24.803 -10.337 1.00 70.93  ? 787 MLY A NZ  1 
HETATM 729  C CH1 . MLY A 1 274 ? 3.446   -24.635 -11.332 1.00 71.71  ? 787 MLY A CH1 1 
HETATM 730  C CH2 . MLY A 1 274 ? 5.182   -26.153 -10.516 1.00 70.83  ? 787 MLY A CH2 1 
HETATM 731  C C   . MLY A 1 274 ? 8.452   -18.950 -10.585 1.00 56.76  ? 787 MLY A C   1 
HETATM 732  O O   . MLY A 1 274 ? 8.082   -17.824 -10.247 1.00 57.22  ? 787 MLY A O   1 
ATOM   733  N N   . PRO A 1 275 ? 8.905   -19.207 -11.835 1.00 51.34  ? 788 PRO A N   1 
ATOM   734  C CA  . PRO A 1 275 ? 8.923   -18.135 -12.837 1.00 50.06  ? 788 PRO A CA  1 
ATOM   735  C C   . PRO A 1 275 ? 7.489   -17.746 -13.191 1.00 50.82  ? 788 PRO A C   1 
ATOM   736  O O   . PRO A 1 275 ? 6.566   -18.556 -13.038 1.00 49.83  ? 788 PRO A O   1 
ATOM   737  C CB  . PRO A 1 275 ? 9.658   -18.780 -14.025 1.00 51.99  ? 788 PRO A CB  1 
ATOM   738  C CG  . PRO A 1 275 ? 10.324  -20.009 -13.459 1.00 56.44  ? 788 PRO A CG  1 
ATOM   739  C CD  . PRO A 1 275 ? 9.375   -20.475 -12.420 1.00 52.26  ? 788 PRO A CD  1 
ATOM   740  N N   . GLY A 1 276 ? 7.314   -16.506 -13.627 1.00 46.58  ? 789 GLY A N   1 
ATOM   741  C CA  . GLY A 1 276 ? 6.005   -15.945 -13.966 1.00 46.33  ? 789 GLY A CA  1 
ATOM   742  C C   . GLY A 1 276 ? 5.310   -15.184 -12.840 1.00 48.46  ? 789 GLY A C   1 
ATOM   743  O O   . GLY A 1 276 ? 4.312   -14.497 -13.081 1.00 47.64  ? 789 GLY A O   1 
ATOM   744  N N   . VAL A 1 277 ? 5.824   -15.313 -11.605 1.00 44.56  ? 790 VAL A N   1 
ATOM   745  C CA  . VAL A 1 277 ? 5.299   -14.662 -10.407 1.00 44.88  ? 790 VAL A CA  1 
ATOM   746  C C   . VAL A 1 277 ? 5.699   -13.192 -10.429 1.00 51.25  ? 790 VAL A C   1 
ATOM   747  O O   . VAL A 1 277 ? 6.866   -12.888 -10.640 1.00 51.19  ? 790 VAL A O   1 
ATOM   748  C CB  . VAL A 1 277 ? 5.768   -15.394 -9.116  1.00 48.69  ? 790 VAL A CB  1 
ATOM   749  C CG1 . VAL A 1 277 ? 5.617   -14.519 -7.877  1.00 49.01  ? 790 VAL A CG1 1 
ATOM   750  C CG2 . VAL A 1 277 ? 5.024   -16.709 -8.928  1.00 48.22  ? 790 VAL A CG2 1 
HETATM 751  N N   . MLY A 1 278 ? 4.727   -12.284 -10.219 1.00 48.95  ? 791 MLY A N   1 
HETATM 752  C CA  . MLY A 1 278 ? 4.948   -10.841 -10.208 1.00 48.46  ? 791 MLY A CA  1 
HETATM 753  C CB  . MLY A 1 278 ? 3.604   -10.107 -10.389 1.00 48.66  ? 791 MLY A CB  1 
HETATM 754  C CG  . MLY A 1 278 ? 3.254   -9.957  -11.863 1.00 50.57  ? 791 MLY A CG  1 
HETATM 755  C CD  . MLY A 1 278 ? 1.886   -10.588 -12.185 1.00 53.10  ? 791 MLY A CD  1 
HETATM 756  C CE  . MLY A 1 278 ? 0.715   -9.618  -11.805 1.00 55.59  ? 791 MLY A CE  1 
HETATM 757  N NZ  . MLY A 1 278 ? -0.665  -10.088 -12.109 1.00 56.72  ? 791 MLY A NZ  1 
HETATM 758  C CH1 . MLY A 1 278 ? -0.947  -11.252 -11.228 1.00 57.21  ? 791 MLY A CH1 1 
HETATM 759  C CH2 . MLY A 1 278 ? -0.624  -10.623 -13.486 1.00 57.22  ? 791 MLY A CH2 1 
HETATM 760  C C   . MLY A 1 278 ? 5.416   -10.326 -8.849  1.00 51.19  ? 791 MLY A C   1 
HETATM 761  O O   . MLY A 1 278 ? 4.970   -10.812 -7.811  1.00 50.30  ? 791 MLY A O   1 
ATOM   762  N N   . LEU A 1 279 ? 6.306   -9.326  -8.884  1.00 47.64  ? 792 LEU A N   1 
ATOM   763  C CA  . LEU A 1 279 ? 6.864   -8.561  -7.758  1.00 46.81  ? 792 LEU A CA  1 
ATOM   764  C C   . LEU A 1 279 ? 6.179   -7.205  -7.805  1.00 51.18  ? 792 LEU A C   1 
ATOM   765  O O   . LEU A 1 279 ? 5.898   -6.693  -8.891  1.00 51.38  ? 792 LEU A O   1 
ATOM   766  C CB  . LEU A 1 279 ? 8.365   -8.280  -7.964  1.00 46.05  ? 792 LEU A CB  1 
ATOM   767  C CG  . LEU A 1 279 ? 9.366   -9.369  -7.725  1.00 49.16  ? 792 LEU A CG  1 
ATOM   768  C CD1 . LEU A 1 279 ? 9.532   -10.219 -8.952  1.00 49.08  ? 792 LEU A CD1 1 
ATOM   769  C CD2 . LEU A 1 279 ? 10.688  -8.759  -7.414  1.00 50.51  ? 792 LEU A CD2 1 
ATOM   770  N N   . HIS A 1 280 ? 5.963   -6.597  -6.656  1.00 46.96  ? 793 HIS A N   1 
ATOM   771  C CA  . HIS A 1 280 ? 5.348   -5.284  -6.642  1.00 46.69  ? 793 HIS A CA  1 
ATOM   772  C C   . HIS A 1 280 ? 6.222   -4.326  -5.856  1.00 49.65  ? 793 HIS A C   1 
ATOM   773  O O   . HIS A 1 280 ? 6.940   -4.756  -4.961  1.00 49.49  ? 793 HIS A O   1 
ATOM   774  C CB  . HIS A 1 280 ? 3.912   -5.332  -6.079  1.00 47.50  ? 793 HIS A CB  1 
ATOM   775  C CG  . HIS A 1 280 ? 2.910   -6.018  -6.964  1.00 50.75  ? 793 HIS A CG  1 
ATOM   776  N ND1 . HIS A 1 280 ? 2.587   -7.354  -6.792  1.00 52.32  ? 793 HIS A ND1 1 
ATOM   777  C CD2 . HIS A 1 280 ? 2.121   -5.507  -7.937  1.00 52.34  ? 793 HIS A CD2 1 
ATOM   778  C CE1 . HIS A 1 280 ? 1.641   -7.619  -7.680  1.00 51.35  ? 793 HIS A CE1 1 
ATOM   779  N NE2 . HIS A 1 280 ? 1.327   -6.540  -8.392  1.00 51.88  ? 793 HIS A NE2 1 
ATOM   780  N N   . THR A 1 281 ? 6.151   -3.035  -6.185  1.00 45.54  ? 794 THR A N   1 
ATOM   781  C CA  . THR A 1 281 ? 6.902   -1.962  -5.539  1.00 44.88  ? 794 THR A CA  1 
ATOM   782  C C   . THR A 1 281 ? 6.444   -1.723  -4.097  1.00 49.38  ? 794 THR A C   1 
ATOM   783  O O   . THR A 1 281 ? 7.224   -1.178  -3.314  1.00 50.92  ? 794 THR A O   1 
ATOM   784  C CB  . THR A 1 281 ? 6.864   -0.664  -6.378  1.00 46.21  ? 794 THR A CB  1 
ATOM   785  O OG1 . THR A 1 281 ? 5.521   -0.204  -6.483  1.00 48.27  ? 794 THR A OG1 1 
ATOM   786  C CG2 . THR A 1 281 ? 7.470   -0.830  -7.771  1.00 38.83  ? 794 THR A CG2 1 
ATOM   787  N N   . VAL A 1 282 ? 5.196   -2.116  -3.743  1.00 44.20  ? 795 VAL A N   1 
ATOM   788  C CA  . VAL A 1 282 ? 4.616   -1.938  -2.392  1.00 43.17  ? 795 VAL A CA  1 
ATOM   789  C C   . VAL A 1 282 ? 3.808   -3.173  -1.942  1.00 45.67  ? 795 VAL A C   1 
ATOM   790  O O   . VAL A 1 282 ? 3.224   -3.861  -2.796  1.00 46.52  ? 795 VAL A O   1 
ATOM   791  C CB  . VAL A 1 282 ? 3.736   -0.648  -2.251  1.00 46.49  ? 795 VAL A CB  1 
ATOM   792  C CG1 . VAL A 1 282 ? 4.455   0.605   -2.730  1.00 46.45  ? 795 VAL A CG1 1 
ATOM   793  C CG2 . VAL A 1 282 ? 2.389   -0.796  -2.940  1.00 45.61  ? 795 VAL A CG2 1 
ATOM   794  N N   . PRO A 1 283 ? 3.654   -3.409  -0.618  1.00 39.17  ? 796 PRO A N   1 
ATOM   795  C CA  . PRO A 1 283 ? 2.779   -4.505  -0.175  1.00 38.22  ? 796 PRO A CA  1 
ATOM   796  C C   . PRO A 1 283 ? 1.343   -4.258  -0.630  1.00 42.66  ? 796 PRO A C   1 
ATOM   797  O O   . PRO A 1 283 ? 0.842   -3.144  -0.502  1.00 41.80  ? 796 PRO A O   1 
ATOM   798  C CB  . PRO A 1 283 ? 2.870   -4.436  1.356   1.00 39.58  ? 796 PRO A CB  1 
ATOM   799  C CG  . PRO A 1 283 ? 3.321   -3.074  1.653   1.00 44.01  ? 796 PRO A CG  1 
ATOM   800  C CD  . PRO A 1 283 ? 4.223   -2.687  0.534   1.00 39.95  ? 796 PRO A CD  1 
ATOM   801  N N   . TRP A 1 284 ? 0.693   -5.285  -1.208  1.00 39.90  ? 797 TRP A N   1 
ATOM   802  C CA  . TRP A 1 284 ? -0.699  -5.216  -1.686  1.00 38.15  ? 797 TRP A CA  1 
ATOM   803  C C   . TRP A 1 284 ? -0.873  -4.247  -2.893  1.00 42.57  ? 797 TRP A C   1 
ATOM   804  O O   . TRP A 1 284 ? -1.957  -3.724  -3.158  1.00 43.39  ? 797 TRP A O   1 
ATOM   805  C CB  . TRP A 1 284 ? -1.663  -4.977  -0.499  1.00 35.76  ? 797 TRP A CB  1 
ATOM   806  C CG  . TRP A 1 284 ? -3.122  -5.036  -0.829  1.00 36.36  ? 797 TRP A CG  1 
ATOM   807  C CD1 . TRP A 1 284 ? -3.808  -6.101  -1.323  1.00 38.77  ? 797 TRP A CD1 1 
ATOM   808  C CD2 . TRP A 1 284 ? -4.081  -3.969  -0.681  1.00 36.30  ? 797 TRP A CD2 1 
ATOM   809  N NE1 . TRP A 1 284 ? -5.121  -5.759  -1.539  1.00 38.12  ? 797 TRP A NE1 1 
ATOM   810  C CE2 . TRP A 1 284 ? -5.328  -4.470  -1.112  1.00 39.78  ? 797 TRP A CE2 1 
ATOM   811  C CE3 . TRP A 1 284 ? -3.997  -2.624  -0.266  1.00 37.23  ? 797 TRP A CE3 1 
ATOM   812  C CZ2 . TRP A 1 284 ? -6.499  -3.687  -1.096  1.00 38.73  ? 797 TRP A CZ2 1 
ATOM   813  C CZ3 . TRP A 1 284 ? -5.160  -1.862  -0.227  1.00 38.34  ? 797 TRP A CZ3 1 
ATOM   814  C CH2 . TRP A 1 284 ? -6.388  -2.389  -0.650  1.00 38.71  ? 797 TRP A CH2 1 
ATOM   815  N N   . GLY A 1 285 ? 0.195   -4.087  -3.660  1.00 39.41  ? 798 GLY A N   1 
ATOM   816  C CA  . GLY A 1 285 ? 0.220   -3.219  -4.830  1.00 39.87  ? 798 GLY A CA  1 
ATOM   817  C C   . GLY A 1 285 ? -0.791  -3.573  -5.900  1.00 44.71  ? 798 GLY A C   1 
ATOM   818  O O   . GLY A 1 285 ? -1.336  -4.680  -5.904  1.00 45.68  ? 798 GLY A O   1 
ATOM   819  N N   . THR A 1 286 ? -1.076  -2.614  -6.786  1.00 39.61  ? 799 THR A N   1 
ATOM   820  C CA  . THR A 1 286 ? -2.012  -2.808  -7.887  1.00 38.34  ? 799 THR A CA  1 
ATOM   821  C C   . THR A 1 286 ? -1.193  -2.990  -9.158  1.00 42.93  ? 799 THR A C   1 
ATOM   822  O O   . THR A 1 286 ? 0.039   -2.987  -9.094  1.00 43.11  ? 799 THR A O   1 
ATOM   823  C CB  . THR A 1 286 ? -2.943  -1.615  -8.029  1.00 37.78  ? 799 THR A CB  1 
ATOM   824  O OG1 . THR A 1 286 ? -2.182  -0.517  -8.505  1.00 44.78  ? 799 THR A OG1 1 
ATOM   825  C CG2 . THR A 1 286 ? -3.645  -1.242  -6.743  1.00 30.58  ? 799 THR A CG2 1 
ATOM   826  N N   . TYR A 1 287 ? -1.880  -3.130  -10.313 1.00 38.66  ? 800 TYR A N   1 
ATOM   827  C CA  . TYR A 1 287 ? -1.286  -3.252  -11.647 1.00 37.47  ? 800 TYR A CA  1 
ATOM   828  C C   . TYR A 1 287 ? -0.296  -2.078  -11.969 1.00 42.61  ? 800 TYR A C   1 
ATOM   829  O O   . TYR A 1 287 ? 0.642   -2.269  -12.732 1.00 42.85  ? 800 TYR A O   1 
ATOM   830  C CB  . TYR A 1 287 ? -2.408  -3.340  -12.691 1.00 37.27  ? 800 TYR A CB  1 
ATOM   831  C CG  . TYR A 1 287 ? -3.222  -2.071  -12.818 1.00 37.99  ? 800 TYR A CG  1 
ATOM   832  C CD1 . TYR A 1 287 ? -2.904  -1.107  -13.774 1.00 40.25  ? 800 TYR A CD1 1 
ATOM   833  C CD2 . TYR A 1 287 ? -4.290  -1.814  -11.966 1.00 37.84  ? 800 TYR A CD2 1 
ATOM   834  C CE1 . TYR A 1 287 ? -3.641  0.072   -13.889 1.00 39.91  ? 800 TYR A CE1 1 
ATOM   835  C CE2 . TYR A 1 287 ? -5.018  -0.627  -12.056 1.00 37.96  ? 800 TYR A CE2 1 
ATOM   836  C CZ  . TYR A 1 287 ? -4.699  0.303   -13.029 1.00 43.07  ? 800 TYR A CZ  1 
ATOM   837  O OH  . TYR A 1 287 ? -5.408  1.469   -13.124 1.00 43.17  ? 800 TYR A OH  1 
ATOM   838  N N   . ASN A 1 288 ? -0.520  -0.877  -11.388 1.00 40.13  ? 801 ASN A N   1 
ATOM   839  C CA  . ASN A 1 288 ? 0.320   0.326   -11.558 1.00 39.92  ? 801 ASN A CA  1 
ATOM   840  C C   . ASN A 1 288 ? 1.604   0.181   -10.733 1.00 43.25  ? 801 ASN A C   1 
ATOM   841  O O   . ASN A 1 288 ? 2.487   1.044   -10.797 1.00 41.94  ? 801 ASN A O   1 
ATOM   842  C CB  . ASN A 1 288 ? -0.405  1.584   -11.031 1.00 36.58  ? 801 ASN A CB  1 
ATOM   843  C CG  . ASN A 1 288 ? -1.593  2.057   -11.801 1.00 53.40  ? 801 ASN A CG  1 
ATOM   844  O OD1 . ASN A 1 288 ? -1.508  2.506   -12.948 1.00 42.65  ? 801 ASN A OD1 1 
ATOM   845  N ND2 . ASN A 1 288 ? -2.705  2.125   -11.115 1.00 52.45  ? 801 ASN A ND2 1 
ATOM   846  N N   . GLN A 1 289 ? 1.674   -0.870  -9.907  1.00 39.56  ? 802 GLN A N   1 
ATOM   847  C CA  . GLN A 1 289 ? 2.794   -1.034  -8.988  1.00 38.71  ? 802 GLN A CA  1 
ATOM   848  C C   . GLN A 1 289 ? 3.647   -2.275  -9.165  1.00 40.65  ? 802 GLN A C   1 
ATOM   849  O O   . GLN A 1 289 ? 4.354   -2.635  -8.230  1.00 39.86  ? 802 GLN A O   1 
ATOM   850  C CB  . GLN A 1 289 ? 2.347   -0.805  -7.521  1.00 39.39  ? 802 GLN A CB  1 
ATOM   851  C CG  . GLN A 1 289 ? 1.874   0.623   -7.276  1.00 36.23  ? 802 GLN A CG  1 
ATOM   852  C CD  . GLN A 1 289 ? 1.106   0.767   -6.007  1.00 54.07  ? 802 GLN A CD  1 
ATOM   853  O OE1 . GLN A 1 289 ? 0.124   0.067   -5.756  1.00 49.11  ? 802 GLN A OE1 1 
ATOM   854  N NE2 . GLN A 1 289 ? 1.491   1.742   -5.212  1.00 52.59  ? 802 GLN A NE2 1 
ATOM   855  N N   . VAL A 1 290 ? 3.648   -2.891  -10.372 1.00 35.80  ? 803 VAL A N   1 
ATOM   856  C CA  . VAL A 1 290 ? 4.510   -4.048  -10.653 1.00 34.62  ? 803 VAL A CA  1 
ATOM   857  C C   . VAL A 1 290 ? 5.992   -3.598  -10.677 1.00 43.29  ? 803 VAL A C   1 
ATOM   858  O O   . VAL A 1 290 ? 6.290   -2.542  -11.241 1.00 44.32  ? 803 VAL A O   1 
ATOM   859  C CB  . VAL A 1 290 ? 4.118   -4.765  -11.967 1.00 35.88  ? 803 VAL A CB  1 
ATOM   860  C CG1 . VAL A 1 290 ? 5.047   -5.940  -12.247 1.00 35.35  ? 803 VAL A CG1 1 
ATOM   861  C CG2 . VAL A 1 290 ? 2.680   -5.252  -11.914 1.00 35.19  ? 803 VAL A CG2 1 
ATOM   862  N N   . ALA A 1 291 ? 6.909   -4.385  -10.067 1.00 42.22  ? 804 ALA A N   1 
ATOM   863  C CA  . ALA A 1 291 ? 8.359   -4.097  -10.063 1.00 42.64  ? 804 ALA A CA  1 
ATOM   864  C C   . ALA A 1 291 ? 9.132   -5.020  -11.009 1.00 46.87  ? 804 ALA A C   1 
ATOM   865  O O   . ALA A 1 291 ? 10.288  -4.745  -11.325 1.00 47.89  ? 804 ALA A O   1 
ATOM   866  C CB  . ALA A 1 291 ? 8.928   -4.197  -8.650  1.00 43.48  ? 804 ALA A CB  1 
ATOM   867  N N   . GLY A 1 292 ? 8.494   -6.103  -11.439 1.00 42.41  ? 805 GLY A N   1 
ATOM   868  C CA  . GLY A 1 292 ? 9.090   -7.086  -12.332 1.00 42.37  ? 805 GLY A CA  1 
ATOM   869  C C   . GLY A 1 292 ? 8.378   -8.423  -12.279 1.00 48.79  ? 805 GLY A C   1 
ATOM   870  O O   . GLY A 1 292 ? 7.361   -8.581  -11.598 1.00 48.58  ? 805 GLY A O   1 
ATOM   871  N N   . THR A 1 293 ? 8.903   -9.392  -13.015 1.00 46.92  ? 806 THR A N   1 
ATOM   872  C CA  . THR A 1 293 ? 8.366   -10.747 -13.083 1.00 47.02  ? 806 THR A CA  1 
ATOM   873  C C   . THR A 1 293 ? 9.536   -11.709 -12.902 1.00 53.41  ? 806 THR A C   1 
ATOM   874  O O   . THR A 1 293 ? 10.641  -11.422 -13.361 1.00 54.49  ? 806 THR A O   1 
ATOM   875  C CB  . THR A 1 293 ? 7.625   -10.955 -14.413 1.00 48.31  ? 806 THR A CB  1 
ATOM   876  O OG1 . THR A 1 293 ? 6.672   -9.905  -14.587 1.00 51.06  ? 806 THR A OG1 1 
ATOM   877  C CG2 . THR A 1 293 ? 6.930   -12.289 -14.490 1.00 41.66  ? 806 THR A CG2 1 
ATOM   878  N N   . VAL A 1 294 ? 9.295   -12.831 -12.221 1.00 50.45  ? 807 VAL A N   1 
ATOM   879  C CA  . VAL A 1 294 ? 10.285  -13.875 -11.977 1.00 50.43  ? 807 VAL A CA  1 
ATOM   880  C C   . VAL A 1 294 ? 10.451  -14.662 -13.287 1.00 56.67  ? 807 VAL A C   1 
ATOM   881  O O   . VAL A 1 294 ? 9.454   -14.995 -13.935 1.00 54.71  ? 807 VAL A O   1 
ATOM   882  C CB  . VAL A 1 294 ? 9.859   -14.779 -10.783 1.00 53.46  ? 807 VAL A CB  1 
ATOM   883  C CG1 . VAL A 1 294 ? 10.877  -15.880 -10.534 1.00 53.67  ? 807 VAL A CG1 1 
ATOM   884  C CG2 . VAL A 1 294 ? 9.665   -13.961 -9.514  1.00 52.68  ? 807 VAL A CG2 1 
ATOM   885  N N   . SER A 1 295 ? 11.703  -14.905 -13.708 1.00 57.22  ? 808 SER A N   1 
ATOM   886  C CA  . SER A 1 295 ? 11.969  -15.674 -14.934 1.00 58.82  ? 808 SER A CA  1 
ATOM   887  C C   . SER A 1 295 ? 13.155  -16.653 -14.803 1.00 66.24  ? 808 SER A C   1 
ATOM   888  O O   . SER A 1 295 ? 14.052  -16.458 -13.976 1.00 66.86  ? 808 SER A O   1 
ATOM   889  C CB  . SER A 1 295 ? 12.125  -14.760 -16.148 1.00 62.09  ? 808 SER A CB  1 
ATOM   890  O OG  . SER A 1 295 ? 12.939  -13.637 -15.854 1.00 74.30  ? 808 SER A OG  1 
ATOM   891  N N   . GLY A 1 296 ? 13.102  -17.728 -15.561 1.00 63.10  ? 809 GLY A N   1 
ATOM   892  C CA  . GLY A 1 296 ? 14.176  -18.680 -15.559 1.00 62.66  ? 809 GLY A CA  1 
ATOM   893  C C   . GLY A 1 296 ? 13.747  -20.090 -15.824 1.00 66.35  ? 809 GLY A C   1 
ATOM   894  O O   . GLY A 1 296 ? 12.649  -20.353 -16.262 1.00 65.52  ? 809 GLY A O   1 
ATOM   895  N N   . LYS A 1 297 ? 14.643  -21.017 -15.554 1.00 63.08  ? 810 LYS A N   1 
ATOM   896  C CA  . LYS A 1 297 ? 14.310  -22.404 -15.660 1.00 63.30  ? 810 LYS A CA  1 
ATOM   897  C C   . LYS A 1 297 ? 14.092  -22.889 -14.260 1.00 63.32  ? 810 LYS A C   1 
ATOM   898  O O   . LYS A 1 297 ? 14.936  -22.733 -13.414 1.00 63.12  ? 810 LYS A O   1 
ATOM   899  C CB  . LYS A 1 297 ? 15.434  -23.161 -16.323 1.00 20.00  ? 810 LYS A CB  1 
ATOM   900  C CG  . LYS A 1 297 ? 15.095  -23.622 -17.730 1.00 20.00  ? 810 LYS A CG  1 
ATOM   901  C CD  . LYS A 1 297 ? 16.108  -23.105 -18.750 1.00 20.00  ? 810 LYS A CD  1 
ATOM   902  C CE  . LYS A 1 297 ? 15.553  -23.045 -20.172 1.00 20.00  ? 810 LYS A CE  1 
ATOM   903  N NZ  . LYS A 1 297 ? 16.584  -22.696 -21.190 1.00 20.00  ? 810 LYS A NZ  1 
ATOM   904  N N   . GLY A 1 298 ? 12.935  -23.448 -14.001 1.00 55.87  ? 811 GLY A N   1 
ATOM   905  C CA  . GLY A 1 298 ? 12.652  -23.910 -12.673 1.00 54.84  ? 811 GLY A CA  1 
ATOM   906  C C   . GLY A 1 298 ? 12.772  -22.858 -11.601 1.00 58.10  ? 811 GLY A C   1 
ATOM   907  O O   . GLY A 1 298 ? 13.216  -21.760 -11.826 1.00 56.64  ? 811 GLY A O   1 
ATOM   908  N N   . ASP A 1 299 ? 12.366  -23.246 -10.410 1.00 55.05  ? 812 ASP A N   1 
ATOM   909  C CA  . ASP A 1 299 ? 12.278  -22.373 -9.248  1.00 54.59  ? 812 ASP A CA  1 
ATOM   910  C C   . ASP A 1 299 ? 13.485  -21.499 -9.058  1.00 56.62  ? 812 ASP A C   1 
ATOM   911  O O   . ASP A 1 299 ? 14.618  -21.985 -9.108  1.00 56.77  ? 812 ASP A O   1 
ATOM   912  C CB  . ASP A 1 299 ? 11.928  -23.160 -7.976  1.00 56.72  ? 812 ASP A CB  1 
ATOM   913  C CG  . ASP A 1 299 ? 10.514  -23.713 -8.003  1.00 77.35  ? 812 ASP A CG  1 
ATOM   914  O OD1 . ASP A 1 299 ? 10.070  -24.166 -9.094  1.00 80.26  ? 812 ASP A OD1 1 
ATOM   915  O OD2 . ASP A 1 299 ? 9.842   -23.686 -6.939  1.00 84.36  ? 812 ASP A OD2 1 
ATOM   916  N N   . GLN A 1 300 ? 13.224  -20.193 -8.905  1.00 50.66  ? 813 GLN A N   1 
ATOM   917  C CA  . GLN A 1 300 ? 14.226  -19.168 -8.675  1.00 49.61  ? 813 GLN A CA  1 
ATOM   918  C C   . GLN A 1 300 ? 14.332  -18.878 -7.178  1.00 51.47  ? 813 GLN A C   1 
ATOM   919  O O   . GLN A 1 300 ? 13.457  -19.287 -6.401  1.00 49.66  ? 813 GLN A O   1 
ATOM   920  C CB  . GLN A 1 300 ? 13.923  -17.900 -9.491  1.00 51.10  ? 813 GLN A CB  1 
ATOM   921  C CG  . GLN A 1 300 ? 13.857  -18.128 -11.010 1.00 62.03  ? 813 GLN A CG  1 
ATOM   922  C CD  . GLN A 1 300 ? 15.095  -18.758 -11.583 1.00 69.42  ? 813 GLN A CD  1 
ATOM   923  O OE1 . GLN A 1 300 ? 16.215  -18.272 -11.402 1.00 66.04  ? 813 GLN A OE1 1 
ATOM   924  N NE2 . GLN A 1 300 ? 14.918  -19.861 -12.274 1.00 57.32  ? 813 GLN A NE2 1 
ATOM   925  N N   . THR A 1 301 ? 15.432  -18.202 -6.781  1.00 47.73  ? 814 THR A N   1 
ATOM   926  C CA  . THR A 1 301 ? 15.769  -17.872 -5.395  1.00 46.73  ? 814 THR A CA  1 
ATOM   927  C C   . THR A 1 301 ? 15.404  -16.443 -5.026  1.00 50.27  ? 814 THR A C   1 
ATOM   928  O O   . THR A 1 301 ? 15.931  -15.485 -5.611  1.00 50.30  ? 814 THR A O   1 
ATOM   929  C CB  . THR A 1 301 ? 17.240  -18.279 -5.103  1.00 46.64  ? 814 THR A CB  1 
ATOM   930  O OG1 . THR A 1 301 ? 17.370  -19.686 -5.288  1.00 46.43  ? 814 THR A OG1 1 
ATOM   931  C CG2 . THR A 1 301 ? 17.706  -17.922 -3.710  1.00 40.02  ? 814 THR A CG2 1 
ATOM   932  N N   . PHE A 1 302 ? 14.536  -16.312 -4.007  1.00 45.54  ? 815 PHE A N   1 
ATOM   933  C CA  . PHE A 1 302 ? 14.090  -15.031 -3.475  1.00 44.40  ? 815 PHE A CA  1 
ATOM   934  C C   . PHE A 1 302 ? 14.636  -14.843 -2.060  1.00 48.15  ? 815 PHE A C   1 
ATOM   935  O O   . PHE A 1 302 ? 14.240  -15.588 -1.163  1.00 47.64  ? 815 PHE A O   1 
ATOM   936  C CB  . PHE A 1 302 ? 12.557  -14.961 -3.522  1.00 45.55  ? 815 PHE A CB  1 
ATOM   937  C CG  . PHE A 1 302 ? 11.920  -13.694 -3.008  1.00 46.48  ? 815 PHE A CG  1 
ATOM   938  C CD1 . PHE A 1 302 ? 11.963  -12.524 -3.753  1.00 48.80  ? 815 PHE A CD1 1 
ATOM   939  C CD2 . PHE A 1 302 ? 11.217  -13.690 -1.810  1.00 48.25  ? 815 PHE A CD2 1 
ATOM   940  C CE1 . PHE A 1 302 ? 11.325  -11.369 -3.309  1.00 49.42  ? 815 PHE A CE1 1 
ATOM   941  C CE2 . PHE A 1 302 ? 10.576  -12.537 -1.363  1.00 51.13  ? 815 PHE A CE2 1 
ATOM   942  C CZ  . PHE A 1 302 ? 10.631  -11.387 -2.121  1.00 49.48  ? 815 PHE A CZ  1 
ATOM   943  N N   . LYS A 1 303 ? 15.577  -13.880 -1.873  1.00 45.10  ? 816 LYS A N   1 
ATOM   944  C CA  . LYS A 1 303 ? 16.215  -13.588 -0.578  1.00 45.37  ? 816 LYS A CA  1 
ATOM   945  C C   . LYS A 1 303 ? 15.530  -12.412 0.099   1.00 51.74  ? 816 LYS A C   1 
ATOM   946  O O   . LYS A 1 303 ? 15.789  -11.264 -0.250  1.00 52.26  ? 816 LYS A O   1 
ATOM   947  C CB  . LYS A 1 303 ? 17.731  -13.344 -0.743  1.00 47.64  ? 816 LYS A CB  1 
ATOM   948  C CG  . LYS A 1 303 ? 18.509  -13.157 0.569   1.00 61.54  ? 816 LYS A CG  1 
ATOM   949  C CD  . LYS A 1 303 ? 20.012  -13.229 0.292   1.00 73.02  ? 816 LYS A CD  1 
ATOM   950  C CE  . LYS A 1 303 ? 20.913  -12.545 1.299   1.00 77.89  ? 816 LYS A CE  1 
ATOM   951  N NZ  . LYS A 1 303 ? 22.320  -12.473 0.793   1.00 78.64  ? 816 LYS A NZ  1 
ATOM   952  N N   . ALA A 1 304 ? 14.660  -12.712 1.078   1.00 49.25  ? 817 ALA A N   1 
ATOM   953  C CA  . ALA A 1 304 ? 13.862  -11.755 1.839   1.00 49.20  ? 817 ALA A CA  1 
ATOM   954  C C   . ALA A 1 304 ? 14.658  -10.964 2.887   1.00 54.83  ? 817 ALA A C   1 
ATOM   955  O O   . ALA A 1 304 ? 15.596  -11.509 3.474   1.00 55.10  ? 817 ALA A O   1 
ATOM   956  C CB  . ALA A 1 304 ? 12.700  -12.479 2.498   1.00 49.85  ? 817 ALA A CB  1 
ATOM   957  N N   . THR A 1 305 ? 14.260  -9.680  3.130   1.00 51.75  ? 818 THR A N   1 
ATOM   958  C CA  . THR A 1 305 ? 14.878  -8.737  4.079   1.00 51.00  ? 818 THR A CA  1 
ATOM   959  C C   . THR A 1 305 ? 13.847  -8.115  5.018   1.00 55.72  ? 818 THR A C   1 
ATOM   960  O O   . THR A 1 305 ? 14.162  -7.782  6.164   1.00 57.33  ? 818 THR A O   1 
ATOM   961  C CB  . THR A 1 305 ? 15.712  -7.673  3.369   1.00 55.96  ? 818 THR A CB  1 
ATOM   962  O OG1 . THR A 1 305 ? 16.472  -8.282  2.321   1.00 53.70  ? 818 THR A OG1 1 
ATOM   963  C CG2 . THR A 1 305 ? 16.670  -6.974  4.323   1.00 57.79  ? 818 THR A CG2 1 
HETATM 964  N N   . MLY A 1 306 ? 12.621  -7.942  4.544   1.00 50.11  ? 819 MLY A N   1 
HETATM 965  C CA  . MLY A 1 306 ? 11.539  -7.408  5.370   1.00 48.50  ? 819 MLY A CA  1 
HETATM 966  C CB  . MLY A 1 306 ? 11.123  -5.904  5.171   1.00 48.42  ? 819 MLY A CB  1 
HETATM 967  C CG  . MLY A 1 306 ? 12.085  -4.943  4.452   1.00 49.10  ? 819 MLY A CG  1 
HETATM 968  C CD  . MLY A 1 306 ? 11.340  -4.128  3.410   1.00 50.39  ? 819 MLY A CD  1 
HETATM 969  C CE  . MLY A 1 306 ? 11.198  -2.597  3.728   1.00 52.02  ? 819 MLY A CE  1 
HETATM 970  N NZ  . MLY A 1 306 ? 11.793  -1.639  2.702   1.00 52.26  ? 819 MLY A NZ  1 
HETATM 971  C CH1 . MLY A 1 306 ? 10.821  -1.258  1.624   1.00 52.04  ? 819 MLY A CH1 1 
HETATM 972  C CH2 . MLY A 1 306 ? 13.076  -2.146  2.154   1.00 52.16  ? 819 MLY A CH2 1 
HETATM 973  C C   . MLY A 1 306 ? 10.251  -8.141  5.021   1.00 49.94  ? 819 MLY A C   1 
HETATM 974  O O   . MLY A 1 306 ? 10.130  -8.724  3.930   1.00 49.64  ? 819 MLY A O   1 
ATOM   975  N N   . GLN A 1 307 ? 9.297   -8.118  5.954   1.00 43.92  ? 820 GLN A N   1 
ATOM   976  C CA  . GLN A 1 307 ? 7.968   -8.660  5.746   1.00 42.82  ? 820 GLN A CA  1 
ATOM   977  C C   . GLN A 1 307 ? 6.959   -7.725  6.354   1.00 46.57  ? 820 GLN A C   1 
ATOM   978  O O   . GLN A 1 307 ? 7.321   -6.955  7.241   1.00 47.14  ? 820 GLN A O   1 
ATOM   979  C CB  . GLN A 1 307 ? 7.808   -10.121 6.199   1.00 44.00  ? 820 GLN A CB  1 
ATOM   980  C CG  . GLN A 1 307 ? 7.914   -10.373 7.686   1.00 55.03  ? 820 GLN A CG  1 
ATOM   981  C CD  . GLN A 1 307 ? 7.212   -11.640 8.115   1.00 78.33  ? 820 GLN A CD  1 
ATOM   982  O OE1 . GLN A 1 307 ? 7.316   -12.721 7.494   1.00 65.56  ? 820 GLN A OE1 1 
ATOM   983  N NE2 . GLN A 1 307 ? 6.517   -11.538 9.237   1.00 81.84  ? 820 GLN A NE2 1 
ATOM   984  N N   . GLN A 1 308 ? 5.720   -7.724  5.837   1.00 41.85  ? 821 GLN A N   1 
ATOM   985  C CA  . GLN A 1 308 ? 4.673   -6.844  6.354   1.00 40.49  ? 821 GLN A CA  1 
ATOM   986  C C   . GLN A 1 308 ? 3.297   -7.483  6.252   1.00 46.30  ? 821 GLN A C   1 
ATOM   987  O O   . GLN A 1 308 ? 2.953   -8.073  5.222   1.00 47.02  ? 821 GLN A O   1 
ATOM   988  C CB  . GLN A 1 308 ? 4.695   -5.473  5.666   1.00 40.50  ? 821 GLN A CB  1 
ATOM   989  C CG  . GLN A 1 308 ? 3.699   -4.519  6.311   1.00 42.18  ? 821 GLN A CG  1 
ATOM   990  C CD  . GLN A 1 308 ? 3.684   -3.103  5.808   1.00 55.15  ? 821 GLN A CD  1 
ATOM   991  O OE1 . GLN A 1 308 ? 4.319   -2.739  4.823   1.00 45.99  ? 821 GLN A OE1 1 
ATOM   992  N NE2 . GLN A 1 308 ? 2.911   -2.274  6.471   1.00 49.88  ? 821 GLN A NE2 1 
ATOM   993  N N   . GLN A 1 309 ? 2.504   -7.333  7.323   1.00 42.50  ? 822 GLN A N   1 
ATOM   994  C CA  . GLN A 1 309 ? 1.143   -7.822  7.398   1.00 42.23  ? 822 GLN A CA  1 
ATOM   995  C C   . GLN A 1 309 ? 0.151   -6.723  6.989   1.00 48.50  ? 822 GLN A C   1 
ATOM   996  O O   . GLN A 1 309 ? 0.173   -5.630  7.565   1.00 48.29  ? 822 GLN A O   1 
ATOM   997  C CB  . GLN A 1 309 ? 0.846   -8.320  8.803   1.00 43.45  ? 822 GLN A CB  1 
ATOM   998  C CG  . GLN A 1 309 ? -0.255  -9.354  8.794   1.00 63.26  ? 822 GLN A CG  1 
ATOM   999  C CD  . GLN A 1 309 ? -0.658  -9.700  10.184  1.00 74.78  ? 822 GLN A CD  1 
ATOM   1000 O OE1 . GLN A 1 309 ? 0.004   -10.491 10.857  1.00 66.63  ? 822 GLN A OE1 1 
ATOM   1001 N NE2 . GLN A 1 309 ? -1.748  -9.099  10.642  1.00 68.24  ? 822 GLN A NE2 1 
ATOM   1002 N N   . ILE A 1 310 ? -0.699  -7.019  5.978   1.00 45.96  ? 823 ILE A N   1 
ATOM   1003 C CA  . ILE A 1 310 ? -1.730  -6.135  5.414   1.00 45.80  ? 823 ILE A CA  1 
ATOM   1004 C C   . ILE A 1 310 ? -3.051  -6.852  5.676   1.00 53.46  ? 823 ILE A C   1 
ATOM   1005 O O   . ILE A 1 310 ? -3.413  -7.759  4.921   1.00 54.67  ? 823 ILE A O   1 
ATOM   1006 C CB  . ILE A 1 310 ? -1.463  -5.858  3.896   1.00 48.13  ? 823 ILE A CB  1 
ATOM   1007 C CG1 . ILE A 1 310 ? -0.041  -5.305  3.622   1.00 48.01  ? 823 ILE A CG1 1 
ATOM   1008 C CG2 . ILE A 1 310 ? -2.545  -4.989  3.254   1.00 48.26  ? 823 ILE A CG2 1 
ATOM   1009 C CD1 . ILE A 1 310 ? 0.383   -4.017  4.395   1.00 53.01  ? 823 ILE A CD1 1 
ATOM   1010 N N   . ASP A 1 311 ? -3.744  -6.475  6.777   1.00 51.10  ? 824 ASP A N   1 
ATOM   1011 C CA  . ASP A 1 311 ? -4.957  -7.114  7.313   1.00 51.26  ? 824 ASP A CA  1 
ATOM   1012 C C   . ASP A 1 311 ? -4.511  -8.498  7.786   1.00 55.99  ? 824 ASP A C   1 
ATOM   1013 O O   . ASP A 1 311 ? -3.891  -8.590  8.852   1.00 55.34  ? 824 ASP A O   1 
ATOM   1014 C CB  . ASP A 1 311 ? -6.132  -7.161  6.304   1.00 53.27  ? 824 ASP A CB  1 
ATOM   1015 C CG  . ASP A 1 311 ? -7.422  -7.818  6.792   1.00 65.11  ? 824 ASP A CG  1 
ATOM   1016 O OD1 . ASP A 1 311 ? -7.723  -7.727  8.017   1.00 67.06  ? 824 ASP A OD1 1 
ATOM   1017 O OD2 . ASP A 1 311 ? -8.167  -8.360  5.944   1.00 67.57  ? 824 ASP A OD2 1 
HETATM 1018 N N   . MLY A 1 312 ? -4.694  -9.546  6.959   1.00 52.94  ? 825 MLY A N   1 
HETATM 1019 C CA  . MLY A 1 312 ? -4.247  -10.879 7.357   1.00 52.81  ? 825 MLY A CA  1 
HETATM 1020 C CB  . MLY A 1 312 ? -5.397  -11.761 7.778   1.00 55.01  ? 825 MLY A CB  1 
HETATM 1021 C CG  . MLY A 1 312 ? -5.675  -11.367 9.254   1.00 57.00  ? 825 MLY A CG  1 
HETATM 1022 C CD  . MLY A 1 312 ? -7.177  -11.165 9.534   1.00 59.49  ? 825 MLY A CD  1 
HETATM 1023 C CE  . MLY A 1 312 ? -8.055  -12.382 9.071   1.00 61.44  ? 825 MLY A CE  1 
HETATM 1024 N NZ  . MLY A 1 312 ? -9.561  -12.222 9.132   1.00 63.25  ? 825 MLY A NZ  1 
HETATM 1025 C CH1 . MLY A 1 312 ? -10.075 -12.707 10.454  1.00 63.93  ? 825 MLY A CH1 1 
HETATM 1026 C CH2 . MLY A 1 312 ? -10.032 -10.818 8.889   1.00 63.45  ? 825 MLY A CH2 1 
HETATM 1027 C C   . MLY A 1 312 ? -3.149  -11.476 6.466   1.00 52.76  ? 825 MLY A C   1 
HETATM 1028 O O   . MLY A 1 312 ? -2.487  -12.428 6.872   1.00 52.62  ? 825 MLY A O   1 
ATOM   1029 N N   . ALA A 1 313 ? -2.932  -10.898 5.280   1.00 46.31  ? 826 ALA A N   1 
ATOM   1030 C CA  . ALA A 1 313 ? -1.906  -11.347 4.352   1.00 44.76  ? 826 ALA A CA  1 
ATOM   1031 C C   . ALA A 1 313 ? -0.516  -10.830 4.764   1.00 50.94  ? 826 ALA A C   1 
ATOM   1032 O O   . ALA A 1 313 ? -0.400  -9.727  5.307   1.00 51.11  ? 826 ALA A O   1 
ATOM   1033 C CB  . ALA A 1 313 ? -2.241  -10.886 2.955   1.00 44.65  ? 826 ALA A CB  1 
ATOM   1034 N N   . THR A 1 314 ? 0.532   -11.654 4.541   1.00 47.58  ? 827 THR A N   1 
ATOM   1035 C CA  . THR A 1 314 ? 1.925   -11.292 4.812   1.00 46.72  ? 827 THR A CA  1 
ATOM   1036 C C   . THR A 1 314 ? 2.639   -11.155 3.469   1.00 49.88  ? 827 THR A C   1 
ATOM   1037 O O   . THR A 1 314 ? 2.518   -12.019 2.591   1.00 50.41  ? 827 THR A O   1 
ATOM   1038 C CB  . THR A 1 314 ? 2.624   -12.264 5.781   1.00 51.29  ? 827 THR A CB  1 
ATOM   1039 O OG1 . THR A 1 314 ? 1.886   -12.326 7.000   1.00 51.65  ? 827 THR A OG1 1 
ATOM   1040 C CG2 . THR A 1 314 ? 4.044   -11.828 6.116   1.00 49.14  ? 827 THR A CG2 1 
ATOM   1041 N N   . TYR A 1 315 ? 3.333   -10.036 3.300   1.00 43.69  ? 828 TYR A N   1 
ATOM   1042 C CA  . TYR A 1 315 ? 4.065   -9.739  2.083   1.00 41.89  ? 828 TYR A CA  1 
ATOM   1043 C C   . TYR A 1 315 ? 5.527   -9.650  2.459   1.00 45.66  ? 828 TYR A C   1 
ATOM   1044 O O   . TYR A 1 315 ? 5.858   -9.016  3.461   1.00 46.27  ? 828 TYR A O   1 
ATOM   1045 C CB  . TYR A 1 315 ? 3.562   -8.414  1.460   1.00 41.01  ? 828 TYR A CB  1 
ATOM   1046 C CG  . TYR A 1 315 ? 2.141   -8.492  0.952   1.00 39.60  ? 828 TYR A CG  1 
ATOM   1047 C CD1 . TYR A 1 315 ? 1.868   -8.862  -0.364  1.00 40.12  ? 828 TYR A CD1 1 
ATOM   1048 C CD2 . TYR A 1 315 ? 1.066   -8.219  1.789   1.00 40.12  ? 828 TYR A CD2 1 
ATOM   1049 C CE1 . TYR A 1 315 ? 0.559   -8.947  -0.835  1.00 38.11  ? 828 TYR A CE1 1 
ATOM   1050 C CE2 . TYR A 1 315 ? -0.248  -8.303  1.328   1.00 40.72  ? 828 TYR A CE2 1 
ATOM   1051 C CZ  . TYR A 1 315 ? -0.497  -8.678  0.018   1.00 44.82  ? 828 TYR A CZ  1 
ATOM   1052 O OH  . TYR A 1 315 ? -1.795  -8.750  -0.430  1.00 46.72  ? 828 TYR A OH  1 
ATOM   1053 N N   . LEU A 1 316 ? 6.392   -10.274 1.659   1.00 40.27  ? 829 LEU A N   1 
ATOM   1054 C CA  . LEU A 1 316 ? 7.821   -10.325 1.903   1.00 40.05  ? 829 LEU A CA  1 
ATOM   1055 C C   . LEU A 1 316 ? 8.587   -9.587  0.812   1.00 45.75  ? 829 LEU A C   1 
ATOM   1056 O O   . LEU A 1 316 ? 8.345   -9.803  -0.385  1.00 43.52  ? 829 LEU A O   1 
ATOM   1057 C CB  . LEU A 1 316 ? 8.275   -11.797 1.974   1.00 40.11  ? 829 LEU A CB  1 
ATOM   1058 C CG  . LEU A 1 316 ? 7.921   -12.608 3.235   1.00 43.87  ? 829 LEU A CG  1 
ATOM   1059 C CD1 . LEU A 1 316 ? 6.481   -13.099 3.216   1.00 43.45  ? 829 LEU A CD1 1 
ATOM   1060 C CD2 . LEU A 1 316 ? 8.816   -13.816 3.334   1.00 46.13  ? 829 LEU A CD2 1 
ATOM   1061 N N   . TYR A 1 317 ? 9.496   -8.688  1.245   1.00 45.63  ? 830 TYR A N   1 
ATOM   1062 C CA  . TYR A 1 317 ? 10.348  -7.882  0.371   1.00 46.34  ? 830 TYR A CA  1 
ATOM   1063 C C   . TYR A 1 317 ? 11.663  -8.585  0.267   1.00 51.83  ? 830 TYR A C   1 
ATOM   1064 O O   . TYR A 1 317 ? 12.200  -9.025  1.276   1.00 51.95  ? 830 TYR A O   1 
ATOM   1065 C CB  . TYR A 1 317 ? 10.535  -6.458  0.930   1.00 48.13  ? 830 TYR A CB  1 
ATOM   1066 C CG  . TYR A 1 317 ? 11.357  -5.535  0.045   1.00 51.55  ? 830 TYR A CG  1 
ATOM   1067 C CD1 . TYR A 1 317 ? 10.826  -4.999  -1.122  1.00 54.39  ? 830 TYR A CD1 1 
ATOM   1068 C CD2 . TYR A 1 317 ? 12.638  -5.137  0.415   1.00 52.13  ? 830 TYR A CD2 1 
ATOM   1069 C CE1 . TYR A 1 317 ? 11.579  -4.158  -1.940  1.00 55.87  ? 830 TYR A CE1 1 
ATOM   1070 C CE2 . TYR A 1 317 ? 13.396  -4.293  -0.393  1.00 52.67  ? 830 TYR A CE2 1 
ATOM   1071 C CZ  . TYR A 1 317 ? 12.864  -3.809  -1.571  1.00 61.58  ? 830 TYR A CZ  1 
ATOM   1072 O OH  . TYR A 1 317 ? 13.601  -2.981  -2.379  1.00 65.87  ? 830 TYR A OH  1 
ATOM   1073 N N   . GLY A 1 318 ? 12.163  -8.712  -0.946  1.00 49.56  ? 831 GLY A N   1 
ATOM   1074 C CA  . GLY A 1 318 ? 13.431  -9.375  -1.206  1.00 49.61  ? 831 GLY A CA  1 
ATOM   1075 C C   . GLY A 1 318 ? 13.907  -9.230  -2.633  1.00 54.52  ? 831 GLY A C   1 
ATOM   1076 O O   . GLY A 1 318 ? 13.390  -8.400  -3.385  1.00 53.43  ? 831 GLY A O   1 
ATOM   1077 N N   . THR A 1 319 ? 14.894  -10.055 -3.018  1.00 52.82  ? 832 THR A N   1 
ATOM   1078 C CA  . THR A 1 319 ? 15.486  -10.000 -4.349  1.00 52.96  ? 832 THR A CA  1 
ATOM   1079 C C   . THR A 1 319 ? 15.516  -11.334 -5.065  1.00 60.15  ? 832 THR A C   1 
ATOM   1080 O O   . THR A 1 319 ? 15.932  -12.341 -4.492  1.00 61.07  ? 832 THR A O   1 
ATOM   1081 C CB  . THR A 1 319 ? 16.883  -9.379  -4.291  1.00 52.63  ? 832 THR A CB  1 
ATOM   1082 O OG1 . THR A 1 319 ? 16.892  -8.309  -3.351  1.00 48.68  ? 832 THR A OG1 1 
ATOM   1083 C CG2 . THR A 1 319 ? 17.341  -8.864  -5.647  1.00 50.75  ? 832 THR A CG2 1 
ATOM   1084 N N   . VAL A 1 320 ? 15.096  -11.318 -6.336  1.00 57.85  ? 833 VAL A N   1 
ATOM   1085 C CA  . VAL A 1 320 ? 15.133  -12.448 -7.261  1.00 58.50  ? 833 VAL A CA  1 
ATOM   1086 C C   . VAL A 1 320 ? 15.867  -11.936 -8.463  1.00 66.00  ? 833 VAL A C   1 
ATOM   1087 O O   . VAL A 1 320 ? 15.383  -11.002 -9.109  1.00 68.47  ? 833 VAL A O   1 
ATOM   1088 C CB  . VAL A 1 320 ? 13.761  -12.941 -7.754  1.00 62.42  ? 833 VAL A CB  1 
ATOM   1089 C CG1 . VAL A 1 320 ? 13.908  -14.029 -8.797  1.00 62.40  ? 833 VAL A CG1 1 
ATOM   1090 C CG2 . VAL A 1 320 ? 12.826  -13.333 -6.618  1.00 62.34  ? 833 VAL A CG2 1 
ATOM   1091 N N   . ASN A 1 321 ? 17.004  -12.536 -8.787  1.00 61.99  ? 834 ASN A N   1 
ATOM   1092 C CA  . ASN A 1 321 ? 17.789  -12.201 -9.971  1.00 61.73  ? 834 ASN A CA  1 
ATOM   1093 C C   . ASN A 1 321 ? 18.015  -10.681 -10.199 1.00 66.22  ? 834 ASN A C   1 
ATOM   1094 O O   . ASN A 1 321 ? 17.834  -10.178 -11.310 1.00 67.22  ? 834 ASN A O   1 
ATOM   1095 C CB  . ASN A 1 321 ? 17.195  -12.919 -11.207 1.00 60.78  ? 834 ASN A CB  1 
ATOM   1096 C CG  . ASN A 1 321 ? 16.983  -14.414 -11.022 1.00 79.37  ? 834 ASN A CG  1 
ATOM   1097 O OD1 . ASN A 1 321 ? 17.836  -15.145 -10.505 1.00 78.61  ? 834 ASN A OD1 1 
ATOM   1098 N ND2 . ASN A 1 321 ? 15.845  -14.911 -11.466 1.00 67.90  ? 834 ASN A ND2 1 
ATOM   1099 N N   . GLY A 1 322 ? 18.386  -9.967  -9.142  1.00 61.74  ? 835 GLY A N   1 
ATOM   1100 C CA  . GLY A 1 322 ? 18.655  -8.535  -9.244  1.00 61.77  ? 835 GLY A CA  1 
ATOM   1101 C C   . GLY A 1 322 ? 17.472  -7.620  -8.992  1.00 65.74  ? 835 GLY A C   1 
ATOM   1102 O O   . GLY A 1 322 ? 17.659  -6.500  -8.485  1.00 66.34  ? 835 GLY A O   1 
ATOM   1103 N N   . LYS A 1 323 ? 16.245  -8.085  -9.345  1.00 59.54  ? 836 LYS A N   1 
ATOM   1104 C CA  . LYS A 1 323 ? 15.007  -7.331  -9.132  1.00 58.16  ? 836 LYS A CA  1 
ATOM   1105 C C   . LYS A 1 323 ? 14.550  -7.354  -7.674  1.00 59.09  ? 836 LYS A C   1 
ATOM   1106 O O   . LYS A 1 323 ? 14.323  -8.430  -7.127  1.00 58.82  ? 836 LYS A O   1 
ATOM   1107 C CB  . LYS A 1 323 ? 13.870  -7.817  -10.065 1.00 60.18  ? 836 LYS A CB  1 
ATOM   1108 C CG  . LYS A 1 323 ? 13.904  -7.212  -11.472 1.00 74.38  ? 836 LYS A CG  1 
ATOM   1109 C CD  . LYS A 1 323 ? 13.551  -5.710  -11.520 1.00 80.47  ? 836 LYS A CD  1 
ATOM   1110 C CE  . LYS A 1 323 ? 13.949  -5.056  -12.828 1.00 84.57  ? 836 LYS A CE  1 
ATOM   1111 N NZ  . LYS A 1 323 ? 13.027  -5.407  -13.943 1.00 89.89  ? 836 LYS A NZ  1 
ATOM   1112 N N   . SER A 1 324 ? 14.402  -6.180  -7.055  1.00 53.93  ? 837 SER A N   1 
ATOM   1113 C CA  . SER A 1 324 ? 13.890  -6.084  -5.686  1.00 53.89  ? 837 SER A CA  1 
ATOM   1114 C C   . SER A 1 324 ? 12.377  -5.807  -5.725  1.00 57.07  ? 837 SER A C   1 
ATOM   1115 O O   . SER A 1 324 ? 11.907  -5.111  -6.629  1.00 57.31  ? 837 SER A O   1 
ATOM   1116 C CB  . SER A 1 324 ? 14.599  -4.982  -4.902  1.00 57.06  ? 837 SER A CB  1 
ATOM   1117 O OG  . SER A 1 324 ? 15.875  -5.397  -4.448  1.00 63.11  ? 837 SER A OG  1 
ATOM   1118 N N   . GLY A 1 325 ? 11.639  -6.346  -4.755  1.00 51.16  ? 838 GLY A N   1 
ATOM   1119 C CA  . GLY A 1 325 ? 10.200  -6.151  -4.683  1.00 50.05  ? 838 GLY A CA  1 
ATOM   1120 C C   . GLY A 1 325 ? 9.477   -6.965  -3.634  1.00 54.18  ? 838 GLY A C   1 
ATOM   1121 O O   . GLY A 1 325 ? 10.079  -7.759  -2.909  1.00 54.63  ? 838 GLY A O   1 
ATOM   1122 N N   . TRP A 1 326 ? 8.165   -6.744  -3.549  1.00 49.61  ? 839 TRP A N   1 
ATOM   1123 C CA  . TRP A 1 326 ? 7.257   -7.398  -2.625  1.00 48.46  ? 839 TRP A CA  1 
ATOM   1124 C C   . TRP A 1 326 ? 6.514   -8.539  -3.331  1.00 50.37  ? 839 TRP A C   1 
ATOM   1125 O O   . TRP A 1 326 ? 5.999   -8.342  -4.444  1.00 49.85  ? 839 TRP A O   1 
ATOM   1126 C CB  . TRP A 1 326 ? 6.252   -6.366  -2.095  1.00 47.15  ? 839 TRP A CB  1 
ATOM   1127 C CG  . TRP A 1 326 ? 6.858   -5.308  -1.221  1.00 48.36  ? 839 TRP A CG  1 
ATOM   1128 C CD1 . TRP A 1 326 ? 7.384   -4.114  -1.615  1.00 51.15  ? 839 TRP A CD1 1 
ATOM   1129 C CD2 . TRP A 1 326 ? 6.995   -5.356  0.210   1.00 48.28  ? 839 TRP A CD2 1 
ATOM   1130 N NE1 . TRP A 1 326 ? 7.873   -3.427  -0.523  1.00 50.37  ? 839 TRP A NE1 1 
ATOM   1131 C CE2 . TRP A 1 326 ? 7.636   -4.162  0.610   1.00 51.67  ? 839 TRP A CE2 1 
ATOM   1132 C CE3 . TRP A 1 326 ? 6.654   -6.307  1.194   1.00 49.41  ? 839 TRP A CE3 1 
ATOM   1133 C CZ2 . TRP A 1 326 ? 7.907   -3.874  1.949   1.00 50.97  ? 839 TRP A CZ2 1 
ATOM   1134 C CZ3 . TRP A 1 326 ? 6.946   -6.028  2.519   1.00 50.76  ? 839 TRP A CZ3 1 
ATOM   1135 C CH2 . TRP A 1 326 ? 7.567   -4.827  2.885   1.00 51.35  ? 839 TRP A CH2 1 
ATOM   1136 N N   . ILE A 1 327 ? 6.472   -9.736  -2.683  1.00 44.49  ? 840 ILE A N   1 
ATOM   1137 C CA  . ILE A 1 327 ? 5.756   -10.946 -3.131  1.00 42.59  ? 840 ILE A CA  1 
ATOM   1138 C C   . ILE A 1 327 ? 4.985   -11.487 -1.933  1.00 46.41  ? 840 ILE A C   1 
ATOM   1139 O O   . ILE A 1 327 ? 5.573   -11.602 -0.859  1.00 45.43  ? 840 ILE A O   1 
ATOM   1140 C CB  . ILE A 1 327 ? 6.709   -12.051 -3.694  1.00 44.99  ? 840 ILE A CB  1 
ATOM   1141 C CG1 . ILE A 1 327 ? 7.562   -11.549 -4.868  1.00 45.23  ? 840 ILE A CG1 1 
ATOM   1142 C CG2 . ILE A 1 327 ? 5.950   -13.324 -4.090  1.00 44.55  ? 840 ILE A CG2 1 
ATOM   1143 C CD1 . ILE A 1 327 ? 8.600   -12.469 -5.325  1.00 45.03  ? 840 ILE A CD1 1 
ATOM   1144 N N   . SER A 1 328 ? 3.692   -11.852 -2.112  1.00 44.32  ? 841 SER A N   1 
ATOM   1145 C CA  . SER A 1 328 ? 2.891   -12.472 -1.044  1.00 44.63  ? 841 SER A CA  1 
ATOM   1146 C C   . SER A 1 328 ? 3.415   -13.871 -0.714  1.00 49.15  ? 841 SER A C   1 
ATOM   1147 O O   . SER A 1 328 ? 3.768   -14.638 -1.618  1.00 47.83  ? 841 SER A O   1 
ATOM   1148 C CB  . SER A 1 328 ? 1.428   -12.597 -1.458  1.00 48.72  ? 841 SER A CB  1 
ATOM   1149 O OG  . SER A 1 328 ? 0.687   -13.326 -0.489  1.00 56.89  ? 841 SER A OG  1 
HETATM 1150 N N   . MLY A 1 329 ? 3.398   -14.223 0.580   1.00 47.14  ? 842 MLY A N   1 
HETATM 1151 C CA  . MLY A 1 329 ? 3.816   -15.528 1.092   1.00 47.67  ? 842 MLY A CA  1 
HETATM 1152 C CB  . MLY A 1 329 ? 3.622   -15.343 2.562   1.00 49.29  ? 842 MLY A CB  1 
HETATM 1153 C CG  . MLY A 1 329 ? 3.468   -16.605 3.345   1.00 52.55  ? 842 MLY A CG  1 
HETATM 1154 C CD  . MLY A 1 329 ? 2.191   -16.532 4.173   1.00 55.60  ? 842 MLY A CD  1 
HETATM 1155 C CE  . MLY A 1 329 ? 2.524   -16.375 5.680   1.00 58.17  ? 842 MLY A CE  1 
HETATM 1156 N NZ  . MLY A 1 329 ? 1.510   -17.006 6.607   1.00 59.29  ? 842 MLY A NZ  1 
HETATM 1157 C CH1 . MLY A 1 329 ? 1.932   -16.575 7.989   1.00 59.31  ? 842 MLY A CH1 1 
HETATM 1158 C CH2 . MLY A 1 329 ? 0.123   -16.513 6.297   1.00 59.30  ? 842 MLY A CH2 1 
HETATM 1159 C C   . MLY A 1 329 ? 3.151   -16.726 0.361   1.00 53.41  ? 842 MLY A C   1 
HETATM 1160 O O   . MLY A 1 329 ? 3.767   -17.793 0.263   1.00 54.51  ? 842 MLY A O   1 
ATOM   1161 N N   . TYR A 1 330 ? 1.935   -16.526 -0.197  1.00 49.65  ? 843 TYR A N   1 
ATOM   1162 C CA  . TYR A 1 330 ? 1.198   -17.510 -0.986  1.00 49.64  ? 843 TYR A CA  1 
ATOM   1163 C C   . TYR A 1 330 ? 2.042   -17.974 -2.173  1.00 53.82  ? 843 TYR A C   1 
ATOM   1164 O O   . TYR A 1 330 ? 1.973   -19.155 -2.541  1.00 55.49  ? 843 TYR A O   1 
ATOM   1165 C CB  . TYR A 1 330 ? -0.127  -16.907 -1.501  1.00 51.82  ? 843 TYR A CB  1 
ATOM   1166 C CG  . TYR A 1 330 ? -0.906  -17.816 -2.437  1.00 55.45  ? 843 TYR A CG  1 
ATOM   1167 C CD1 . TYR A 1 330 ? -1.842  -18.720 -1.944  1.00 57.44  ? 843 TYR A CD1 1 
ATOM   1168 C CD2 . TYR A 1 330 ? -0.717  -17.757 -3.816  1.00 56.75  ? 843 TYR A CD2 1 
ATOM   1169 C CE1 . TYR A 1 330 ? -2.575  -19.541 -2.799  1.00 58.62  ? 843 TYR A CE1 1 
ATOM   1170 C CE2 . TYR A 1 330 ? -1.425  -18.590 -4.679  1.00 57.99  ? 843 TYR A CE2 1 
ATOM   1171 C CZ  . TYR A 1 330 ? -2.353  -19.484 -4.167  1.00 67.96  ? 843 TYR A CZ  1 
ATOM   1172 O OH  . TYR A 1 330 ? -3.054  -20.314 -5.017  1.00 71.58  ? 843 TYR A OH  1 
ATOM   1173 N N   . TYR A 1 331 ? 2.808   -17.040 -2.792  1.00 47.61  ? 844 TYR A N   1 
ATOM   1174 C CA  . TYR A 1 331 ? 3.649   -17.336 -3.959  1.00 45.56  ? 844 TYR A CA  1 
ATOM   1175 C C   . TYR A 1 331 ? 5.034   -17.844 -3.625  1.00 50.22  ? 844 TYR A C   1 
ATOM   1176 O O   . TYR A 1 331 ? 5.772   -18.218 -4.535  1.00 50.50  ? 844 TYR A O   1 
ATOM   1177 C CB  . TYR A 1 331 ? 3.686   -16.160 -4.946  1.00 44.71  ? 844 TYR A CB  1 
ATOM   1178 C CG  . TYR A 1 331 ? 2.315   -15.871 -5.496  1.00 45.73  ? 844 TYR A CG  1 
ATOM   1179 C CD1 . TYR A 1 331 ? 1.789   -16.622 -6.544  1.00 47.57  ? 844 TYR A CD1 1 
ATOM   1180 C CD2 . TYR A 1 331 ? 1.498   -14.906 -4.912  1.00 46.19  ? 844 TYR A CD2 1 
ATOM   1181 C CE1 . TYR A 1 331 ? 0.502   -16.393 -7.018  1.00 49.04  ? 844 TYR A CE1 1 
ATOM   1182 C CE2 . TYR A 1 331 ? 0.215   -14.658 -5.391  1.00 46.87  ? 844 TYR A CE2 1 
ATOM   1183 C CZ  . TYR A 1 331 ? -0.284  -15.411 -6.435  1.00 56.70  ? 844 TYR A CZ  1 
ATOM   1184 O OH  . TYR A 1 331 ? -1.564  -15.181 -6.874  1.00 63.44  ? 844 TYR A OH  1 
ATOM   1185 N N   . LEU A 1 332 ? 5.379   -17.900 -2.332  1.00 47.36  ? 845 LEU A N   1 
ATOM   1186 C CA  . LEU A 1 332 ? 6.689   -18.375 -1.885  1.00 47.50  ? 845 LEU A CA  1 
ATOM   1187 C C   . LEU A 1 332 ? 6.605   -19.746 -1.212  1.00 54.78  ? 845 LEU A C   1 
ATOM   1188 O O   . LEU A 1 332 ? 5.599   -20.048 -0.553  1.00 56.35  ? 845 LEU A O   1 
ATOM   1189 C CB  . LEU A 1 332 ? 7.318   -17.358 -0.908  1.00 46.79  ? 845 LEU A CB  1 
ATOM   1190 C CG  . LEU A 1 332 ? 7.532   -15.932 -1.412  1.00 50.02  ? 845 LEU A CG  1 
ATOM   1191 C CD1 . LEU A 1 332 ? 8.118   -15.083 -0.333  1.00 49.94  ? 845 LEU A CD1 1 
ATOM   1192 C CD2 . LEU A 1 332 ? 8.417   -15.887 -2.654  1.00 50.02  ? 845 LEU A CD2 1 
ATOM   1193 N N   . THR A 1 333 ? 7.660   -20.572 -1.381  1.00 51.53  ? 846 THR A N   1 
ATOM   1194 C CA  . THR A 1 333 ? 7.806   -21.893 -0.738  1.00 51.89  ? 846 THR A CA  1 
ATOM   1195 C C   . THR A 1 333 ? 9.187   -21.989 -0.081  1.00 56.28  ? 846 THR A C   1 
ATOM   1196 O O   . THR A 1 333 ? 10.169  -21.554 -0.677  1.00 55.57  ? 846 THR A O   1 
ATOM   1197 C CB  . THR A 1 333 ? 7.514   -23.058 -1.689  1.00 59.46  ? 846 THR A CB  1 
ATOM   1198 O OG1 . THR A 1 333 ? 8.422   -23.006 -2.795  1.00 64.63  ? 846 THR A OG1 1 
ATOM   1199 C CG2 . THR A 1 333 ? 6.054   -23.089 -2.163  1.00 53.92  ? 846 THR A CG2 1 
ATOM   1200 N N   . ALA A 1 334 ? 9.252   -22.518 1.159   1.00 53.39  ? 847 ALA A N   1 
ATOM   1201 C CA  . ALA A 1 334 ? 10.481  -22.625 1.961   1.00 71.90  ? 847 ALA A CA  1 
ATOM   1202 C C   . ALA A 1 334 ? 11.480  -23.612 1.411   1.00 77.33  ? 847 ALA A C   1 
ATOM   1203 O O   . ALA A 1 334 ? 11.071  -24.615 0.842   1.00 59.79  ? 847 ALA A O   1 
ATOM   1204 C CB  . ALA A 1 334 ? 10.133  -22.978 3.394   1.00 72.69  ? 847 ALA A CB  1 
ATOM   1205 O OXT . ALA A 1 334 ? 12.689  -23.417 1.531   1.00 30.00  ? 847 ALA A OXT 1 
HETATM 1206 O O   . HOH B 2 .   ? -1.006  6.154   -10.635 1.00 42.28  ? 901 HOH A O   1 
HETATM 1207 O O   . HOH B 2 .   ? -4.738  -4.191  -9.708  1.00 38.35  ? 902 HOH A O   1 
HETATM 1208 O O   . HOH B 2 .   ? 2.309   4.404   -2.684  1.00 31.53  ? 903 HOH A O   1 
HETATM 1209 O O   . HOH B 2 .   ? -5.137  4.991   -5.164  1.00 35.44  ? 904 HOH A O   1 
HETATM 1210 O O   . HOH B 2 .   ? -12.269 12.503  -1.403  1.00 43.09  ? 905 HOH A O   1 
HETATM 1211 O O   . HOH B 2 .   ? -5.716  19.248  7.086   1.00 55.04  ? 906 HOH A O   1 
HETATM 1212 O O   . HOH B 2 .   ? 3.036   5.428   -5.850  1.00 45.91  ? 907 HOH A O   1 
HETATM 1213 O O   . HOH B 2 .   ? 9.713   -0.852  -1.387  1.00 56.43  ? 908 HOH A O   1 
HETATM 1214 O O   . HOH B 2 .   ? 3.893   -6.698  9.726   1.00 34.97  ? 909 HOH A O   1 
HETATM 1215 O O   . HOH B 2 .   ? 7.556   -24.839 -8.872  1.00 74.00  ? 910 HOH A O   1 
HETATM 1216 O O   . HOH B 2 .   ? -0.756  -6.563  -10.619 1.00 42.89  ? 911 HOH A O   1 
HETATM 1217 O O   . HOH B 2 .   ? -3.256  -9.451  -9.729  1.00 57.59  ? 912 HOH A O   1 
HETATM 1218 O O   . HOH B 2 .   ? 11.334  -7.633  -15.390 1.00 48.14  ? 913 HOH A O   1 
HETATM 1219 O O   . HOH B 2 .   ? 2.322   -21.356 -4.757  1.00 43.92  ? 914 HOH A O   1 
HETATM 1220 O O   . HOH B 2 .   ? -0.673  -11.073 -8.104  1.00 41.92  ? 915 HOH A O   1 
HETATM 1221 O O   . HOH B 2 .   ? -3.368  -12.211 -7.020  1.00 48.85  ? 916 HOH A O   1 
HETATM 1222 O O   . HOH B 2 .   ? -3.999  -12.878 -9.530  1.00 57.24  ? 917 HOH A O   1 
HETATM 1223 O O   . HOH B 2 .   ? -12.687 24.639  -0.814  1.00 45.52  ? 918 HOH A O   1 
# 
